data_2CR0
#
_entry.id   2CR0
#
_entity_poly.entity_id   1
_entity_poly.type   'polypeptide(L)'
_entity_poly.pdbx_seq_one_letter_code
;GSSGSSGKPNLGNGADLPNYRWTQTLAELDLAVPFRVSFRLKGKDVVVDIQRRHLRVGLKGQPPVVDGELYNEVKVEESS
WLIEDGKVVTVHLEKINKMEWWNRLVTSDPEINTKSGPSSG
;
_entity_poly.pdbx_strand_id   A
#
# COMPACT_ATOMS: atom_id res chain seq x y z
N GLY A 1 -21.59 7.97 14.28
CA GLY A 1 -22.97 7.83 13.83
C GLY A 1 -23.08 7.89 12.32
N SER A 2 -22.62 8.98 11.73
CA SER A 2 -22.68 9.15 10.28
C SER A 2 -21.39 8.69 9.63
N SER A 3 -21.35 8.75 8.29
CA SER A 3 -20.17 8.34 7.55
C SER A 3 -19.41 9.55 7.01
N GLY A 4 -18.11 9.59 7.27
CA GLY A 4 -17.30 10.70 6.82
C GLY A 4 -16.00 10.24 6.18
N SER A 5 -14.94 10.16 6.97
CA SER A 5 -13.64 9.74 6.47
C SER A 5 -13.25 8.38 7.04
N SER A 6 -13.46 7.33 6.26
CA SER A 6 -13.13 5.98 6.69
C SER A 6 -11.63 5.82 6.90
N GLY A 7 -10.84 6.41 6.00
CA GLY A 7 -9.40 6.33 6.10
C GLY A 7 -8.85 7.17 7.22
N LYS A 8 -8.32 6.51 8.25
CA LYS A 8 -7.75 7.22 9.39
C LYS A 8 -6.24 7.05 9.44
N PRO A 9 -5.54 8.11 9.88
CA PRO A 9 -4.07 8.10 9.99
C PRO A 9 -3.57 7.19 11.09
N ASN A 10 -2.61 6.33 10.75
CA ASN A 10 -2.04 5.40 11.71
C ASN A 10 -0.63 5.81 12.10
N LEU A 11 -0.04 5.07 13.03
CA LEU A 11 1.32 5.36 13.50
C LEU A 11 2.24 5.65 12.33
N GLY A 12 2.01 4.98 11.20
CA GLY A 12 2.82 5.18 10.02
C GLY A 12 2.25 6.23 9.09
N ASN A 13 1.66 7.27 9.66
CA ASN A 13 1.06 8.34 8.87
C ASN A 13 0.41 7.79 7.62
N GLY A 14 -0.11 6.56 7.72
CA GLY A 14 -0.77 5.94 6.59
C GLY A 14 -2.28 6.10 6.62
N ALA A 15 -2.98 5.12 6.09
CA ALA A 15 -4.44 5.16 6.07
C ALA A 15 -5.03 3.77 6.26
N ASP A 16 -5.95 3.65 7.21
CA ASP A 16 -6.60 2.38 7.50
C ASP A 16 -7.85 2.20 6.65
N LEU A 17 -7.74 1.38 5.61
CA LEU A 17 -8.86 1.12 4.71
C LEU A 17 -9.56 -0.18 5.09
N PRO A 18 -10.86 -0.27 4.77
CA PRO A 18 -11.67 -1.45 5.06
C PRO A 18 -11.28 -2.64 4.19
N ASN A 19 -10.54 -2.38 3.12
CA ASN A 19 -10.10 -3.44 2.22
C ASN A 19 -8.67 -3.87 2.54
N TYR A 20 -7.90 -2.96 3.11
CA TYR A 20 -6.52 -3.25 3.48
C TYR A 20 -5.90 -2.09 4.25
N ARG A 21 -4.71 -2.33 4.80
CA ARG A 21 -4.01 -1.30 5.57
C ARG A 21 -2.60 -1.09 5.03
N TRP A 22 -2.15 0.16 5.02
CA TRP A 22 -0.83 0.49 4.53
C TRP A 22 -0.26 1.71 5.27
N THR A 23 1.06 1.74 5.42
CA THR A 23 1.72 2.85 6.11
C THR A 23 2.72 3.54 5.19
N GLN A 24 3.04 4.80 5.51
CA GLN A 24 3.98 5.56 4.71
C GLN A 24 4.86 6.44 5.60
N THR A 25 6.16 6.44 5.33
CA THR A 25 7.10 7.23 6.11
C THR A 25 8.12 7.93 5.21
N LEU A 26 8.95 8.78 5.80
CA LEU A 26 9.96 9.51 5.05
C LEU A 26 10.98 8.54 4.44
N ALA A 27 10.93 7.28 4.87
CA ALA A 27 11.84 6.27 4.36
C ALA A 27 11.23 5.50 3.20
N GLU A 28 10.21 4.70 3.51
CA GLU A 28 9.52 3.91 2.49
C GLU A 28 8.07 3.67 2.87
N LEU A 29 7.31 3.07 1.96
CA LEU A 29 5.90 2.78 2.19
C LEU A 29 5.67 1.27 2.29
N ASP A 30 4.61 0.90 3.02
CA ASP A 30 4.27 -0.51 3.19
C ASP A 30 2.78 -0.72 3.04
N LEU A 31 2.40 -1.82 2.37
CA LEU A 31 1.00 -2.14 2.16
C LEU A 31 0.68 -3.55 2.67
N ALA A 32 -0.51 -3.71 3.23
CA ALA A 32 -0.94 -5.00 3.76
C ALA A 32 -2.38 -5.30 3.35
N VAL A 33 -2.53 -6.24 2.42
CA VAL A 33 -3.85 -6.63 1.93
C VAL A 33 -4.29 -7.95 2.55
N PRO A 34 -5.11 -7.87 3.61
CA PRO A 34 -5.62 -9.06 4.30
C PRO A 34 -6.62 -9.84 3.46
N PHE A 35 -6.32 -11.12 3.22
CA PHE A 35 -7.20 -11.97 2.42
C PHE A 35 -7.93 -12.96 3.31
N ARG A 36 -9.26 -13.02 3.16
CA ARG A 36 -10.08 -13.93 3.95
C ARG A 36 -9.86 -15.38 3.52
N VAL A 37 -8.70 -15.92 3.86
CA VAL A 37 -8.37 -17.30 3.50
C VAL A 37 -8.13 -18.15 4.75
N SER A 38 -8.26 -19.46 4.60
CA SER A 38 -8.07 -20.38 5.71
C SER A 38 -6.89 -21.31 5.45
N PHE A 39 -6.16 -21.05 4.36
CA PHE A 39 -5.02 -21.86 4.00
C PHE A 39 -3.79 -20.99 3.76
N ARG A 40 -2.69 -21.61 3.34
CA ARG A 40 -1.45 -20.90 3.09
C ARG A 40 -1.40 -20.41 1.64
N LEU A 41 -1.10 -19.13 1.46
CA LEU A 41 -1.02 -18.54 0.12
C LEU A 41 0.38 -18.73 -0.46
N LYS A 42 0.43 -19.09 -1.74
CA LYS A 42 1.70 -19.30 -2.43
C LYS A 42 2.00 -18.15 -3.38
N GLY A 43 3.28 -17.79 -3.48
CA GLY A 43 3.68 -16.70 -4.36
C GLY A 43 2.99 -16.76 -5.70
N LYS A 44 2.61 -17.95 -6.12
CA LYS A 44 1.93 -18.14 -7.40
C LYS A 44 0.43 -17.89 -7.26
N ASP A 45 -0.13 -18.30 -6.13
CA ASP A 45 -1.56 -18.12 -5.88
C ASP A 45 -1.93 -16.65 -5.95
N VAL A 46 -1.06 -15.79 -5.45
CA VAL A 46 -1.29 -14.35 -5.46
C VAL A 46 -0.62 -13.68 -6.65
N VAL A 47 -1.10 -12.50 -7.01
CA VAL A 47 -0.53 -11.76 -8.13
C VAL A 47 -0.21 -10.32 -7.74
N VAL A 48 1.06 -10.08 -7.42
CA VAL A 48 1.51 -8.75 -7.02
C VAL A 48 2.50 -8.18 -8.02
N ASP A 49 2.04 -7.21 -8.82
CA ASP A 49 2.91 -6.58 -9.82
C ASP A 49 3.38 -5.21 -9.36
N ILE A 50 4.68 -5.07 -9.21
CA ILE A 50 5.27 -3.80 -8.77
C ILE A 50 6.03 -3.12 -9.90
N GLN A 51 5.72 -1.85 -10.13
CA GLN A 51 6.38 -1.08 -11.18
C GLN A 51 6.88 0.26 -10.65
N ARG A 52 7.46 1.06 -11.54
CA ARG A 52 7.98 2.37 -11.15
C ARG A 52 6.90 3.21 -10.48
N ARG A 53 5.86 3.54 -11.24
CA ARG A 53 4.75 4.33 -10.72
C ARG A 53 3.44 3.58 -10.82
N HIS A 54 3.50 2.26 -10.76
CA HIS A 54 2.31 1.42 -10.86
C HIS A 54 2.46 0.18 -9.98
N LEU A 55 1.40 -0.14 -9.23
CA LEU A 55 1.41 -1.31 -8.37
C LEU A 55 0.08 -2.06 -8.45
N ARG A 56 0.15 -3.39 -8.41
CA ARG A 56 -1.04 -4.22 -8.47
C ARG A 56 -0.94 -5.39 -7.51
N VAL A 57 -2.06 -5.71 -6.86
CA VAL A 57 -2.09 -6.82 -5.90
C VAL A 57 -3.44 -7.52 -5.94
N GLY A 58 -3.42 -8.84 -5.79
CA GLY A 58 -4.64 -9.62 -5.81
C GLY A 58 -4.39 -11.11 -5.79
N LEU A 59 -5.32 -11.87 -6.36
CA LEU A 59 -5.18 -13.33 -6.40
C LEU A 59 -5.44 -13.84 -7.81
N LYS A 60 -4.65 -14.84 -8.22
CA LYS A 60 -4.79 -15.44 -9.55
C LYS A 60 -6.25 -15.68 -9.88
N GLY A 61 -6.67 -15.26 -11.07
CA GLY A 61 -8.04 -15.43 -11.50
C GLY A 61 -8.96 -14.38 -10.92
N GLN A 62 -8.94 -14.23 -9.60
CA GLN A 62 -9.80 -13.25 -8.94
C GLN A 62 -9.37 -11.83 -9.30
N PRO A 63 -10.28 -10.87 -9.04
CA PRO A 63 -10.02 -9.45 -9.34
C PRO A 63 -8.97 -8.85 -8.42
N PRO A 64 -8.15 -7.94 -8.97
CA PRO A 64 -7.08 -7.27 -8.22
C PRO A 64 -7.62 -6.29 -7.19
N VAL A 65 -7.34 -6.56 -5.92
CA VAL A 65 -7.80 -5.70 -4.84
C VAL A 65 -7.25 -4.29 -4.98
N VAL A 66 -5.98 -4.20 -5.38
CA VAL A 66 -5.33 -2.90 -5.57
C VAL A 66 -4.85 -2.72 -7.00
N ASP A 67 -5.46 -1.77 -7.71
CA ASP A 67 -5.11 -1.50 -9.09
C ASP A 67 -5.21 -0.01 -9.40
N GLY A 68 -4.07 0.65 -9.50
CA GLY A 68 -4.06 2.08 -9.79
C GLY A 68 -2.67 2.68 -9.75
N GLU A 69 -2.51 3.85 -10.33
CA GLU A 69 -1.22 4.53 -10.36
C GLU A 69 -0.77 4.91 -8.96
N LEU A 70 0.53 4.82 -8.71
CA LEU A 70 1.09 5.14 -7.40
C LEU A 70 1.23 6.65 -7.24
N TYR A 71 1.07 7.13 -6.01
CA TYR A 71 1.17 8.55 -5.71
C TYR A 71 2.46 9.13 -6.28
N ASN A 72 3.55 8.38 -6.15
CA ASN A 72 4.85 8.81 -6.65
C ASN A 72 5.69 7.62 -7.10
N GLU A 73 6.85 7.92 -7.68
CA GLU A 73 7.74 6.86 -8.16
C GLU A 73 8.31 6.06 -6.99
N VAL A 74 8.45 4.75 -7.19
CA VAL A 74 8.99 3.88 -6.15
C VAL A 74 10.02 2.91 -6.74
N LYS A 75 11.23 2.97 -6.20
CA LYS A 75 12.31 2.10 -6.66
C LYS A 75 11.82 0.66 -6.84
N VAL A 76 11.36 0.34 -8.04
CA VAL A 76 10.87 -0.99 -8.35
C VAL A 76 11.99 -2.03 -8.29
N GLU A 77 13.14 -1.67 -8.84
CA GLU A 77 14.29 -2.57 -8.85
C GLU A 77 14.63 -3.02 -7.44
N GLU A 78 14.07 -2.34 -6.45
CA GLU A 78 14.32 -2.68 -5.05
C GLU A 78 13.05 -3.17 -4.38
N SER A 79 11.91 -2.57 -4.75
CA SER A 79 10.63 -2.95 -4.18
C SER A 79 10.47 -4.46 -4.13
N SER A 80 9.66 -4.94 -3.20
CA SER A 80 9.43 -6.38 -3.04
C SER A 80 8.27 -6.64 -2.09
N TRP A 81 7.65 -7.80 -2.23
CA TRP A 81 6.52 -8.19 -1.39
C TRP A 81 6.71 -9.58 -0.82
N LEU A 82 5.93 -9.91 0.20
CA LEU A 82 6.01 -11.22 0.85
C LEU A 82 4.67 -11.62 1.45
N ILE A 83 4.46 -12.92 1.61
CA ILE A 83 3.23 -13.43 2.19
C ILE A 83 3.34 -13.57 3.70
N GLU A 84 2.35 -13.04 4.41
CA GLU A 84 2.33 -13.11 5.87
C GLU A 84 1.33 -14.14 6.36
N ASP A 85 1.78 -15.06 7.19
CA ASP A 85 0.92 -16.11 7.73
C ASP A 85 0.09 -16.75 6.63
N GLY A 86 0.63 -16.73 5.41
CA GLY A 86 -0.08 -17.32 4.29
C GLY A 86 -1.52 -16.87 4.20
N LYS A 87 -1.81 -15.71 4.77
CA LYS A 87 -3.16 -15.16 4.76
C LYS A 87 -3.17 -13.73 4.22
N VAL A 88 -2.09 -13.00 4.49
CA VAL A 88 -1.98 -11.62 4.03
C VAL A 88 -0.82 -11.47 3.05
N VAL A 89 -0.87 -10.40 2.25
CA VAL A 89 0.19 -10.14 1.28
C VAL A 89 0.77 -8.73 1.46
N THR A 90 1.92 -8.65 2.12
CA THR A 90 2.58 -7.38 2.37
C THR A 90 3.45 -6.98 1.18
N VAL A 91 3.45 -5.70 0.86
CA VAL A 91 4.25 -5.18 -0.25
C VAL A 91 5.05 -3.95 0.17
N HIS A 92 6.37 -4.05 0.08
CA HIS A 92 7.25 -2.95 0.45
C HIS A 92 7.52 -2.05 -0.75
N LEU A 93 7.37 -0.75 -0.56
CA LEU A 93 7.61 0.22 -1.63
C LEU A 93 8.69 1.21 -1.23
N GLU A 94 9.80 1.19 -1.95
CA GLU A 94 10.91 2.10 -1.68
C GLU A 94 10.68 3.46 -2.34
N LYS A 95 10.69 4.51 -1.52
CA LYS A 95 10.48 5.87 -2.03
C LYS A 95 11.75 6.41 -2.68
N ILE A 96 11.70 6.59 -4.00
CA ILE A 96 12.84 7.11 -4.74
C ILE A 96 13.60 8.16 -3.93
N ASN A 97 12.86 8.89 -3.09
CA ASN A 97 13.46 9.93 -2.26
C ASN A 97 12.97 9.83 -0.82
N LYS A 98 13.91 9.69 0.11
CA LYS A 98 13.57 9.58 1.52
C LYS A 98 13.13 10.92 2.08
N MET A 99 13.06 11.92 1.21
CA MET A 99 12.64 13.26 1.62
C MET A 99 11.29 13.63 1.01
N GLU A 100 10.47 12.61 0.76
CA GLU A 100 9.16 12.83 0.17
C GLU A 100 8.07 12.13 0.99
N TRP A 101 6.91 12.76 1.08
CA TRP A 101 5.79 12.21 1.84
C TRP A 101 4.63 11.85 0.92
N TRP A 102 3.97 10.74 1.21
CA TRP A 102 2.83 10.29 0.41
C TRP A 102 1.51 10.74 1.04
N ASN A 103 0.50 10.91 0.20
CA ASN A 103 -0.82 11.33 0.66
C ASN A 103 -1.83 10.20 0.54
N ARG A 104 -1.43 9.13 -0.15
CA ARG A 104 -2.30 7.98 -0.34
C ARG A 104 -1.57 6.85 -1.06
N LEU A 105 -2.12 5.65 -0.98
CA LEU A 105 -1.51 4.49 -1.63
C LEU A 105 -1.49 4.66 -3.14
N VAL A 106 -2.66 4.83 -3.74
CA VAL A 106 -2.78 5.01 -5.18
C VAL A 106 -3.66 6.20 -5.52
N THR A 107 -3.86 6.44 -6.82
CA THR A 107 -4.68 7.55 -7.27
C THR A 107 -6.16 7.21 -7.22
N SER A 108 -6.49 6.10 -6.54
CA SER A 108 -7.87 5.66 -6.42
C SER A 108 -8.39 5.88 -5.01
N ASP A 109 -7.53 5.64 -4.03
CA ASP A 109 -7.90 5.82 -2.63
C ASP A 109 -7.91 7.30 -2.25
N PRO A 110 -8.61 7.62 -1.15
CA PRO A 110 -8.71 9.00 -0.66
C PRO A 110 -7.38 9.52 -0.10
N GLU A 111 -7.31 10.83 0.12
CA GLU A 111 -6.11 11.45 0.65
C GLU A 111 -6.22 11.67 2.15
N ILE A 112 -5.11 12.02 2.79
CA ILE A 112 -5.09 12.26 4.22
C ILE A 112 -4.27 13.50 4.55
N ASN A 113 -4.77 14.30 5.49
CA ASN A 113 -4.08 15.52 5.91
C ASN A 113 -2.69 15.20 6.45
N THR A 114 -1.75 14.96 5.55
CA THR A 114 -0.38 14.63 5.94
C THR A 114 0.20 15.72 6.83
N LYS A 115 -0.01 16.98 6.44
CA LYS A 115 0.49 18.12 7.20
C LYS A 115 -0.55 18.60 8.19
N SER A 116 -0.08 19.25 9.27
CA SER A 116 -0.98 19.77 10.29
C SER A 116 -0.35 20.96 11.01
N GLY A 117 -1.19 21.83 11.54
CA GLY A 117 -0.70 23.01 12.25
C GLY A 117 -1.27 24.30 11.70
N PRO A 118 -1.39 25.31 12.57
CA PRO A 118 -1.91 26.63 12.19
C PRO A 118 -0.97 27.40 11.29
N SER A 119 0.28 26.92 11.19
CA SER A 119 1.28 27.57 10.36
C SER A 119 0.80 27.69 8.92
N SER A 120 1.16 28.80 8.27
CA SER A 120 0.75 29.04 6.89
C SER A 120 1.42 28.03 5.95
N GLY A 121 2.71 27.80 6.16
CA GLY A 121 3.44 26.87 5.33
C GLY A 121 3.84 25.60 6.07
N GLY A 1 -14.95 -4.92 9.85
CA GLY A 1 -16.03 -4.63 10.77
C GLY A 1 -16.73 -3.32 10.45
N SER A 2 -16.18 -2.21 10.97
CA SER A 2 -16.77 -0.90 10.74
C SER A 2 -16.81 -0.58 9.24
N SER A 3 -17.67 0.36 8.88
CA SER A 3 -17.81 0.76 7.48
C SER A 3 -17.93 2.28 7.35
N GLY A 4 -16.94 2.90 6.73
CA GLY A 4 -16.95 4.33 6.55
C GLY A 4 -16.52 4.76 5.15
N SER A 5 -16.71 6.03 4.84
CA SER A 5 -16.35 6.55 3.53
C SER A 5 -14.99 7.23 3.58
N SER A 6 -14.80 8.11 4.55
CA SER A 6 -13.54 8.83 4.71
C SER A 6 -12.64 8.14 5.73
N GLY A 7 -11.57 7.53 5.24
CA GLY A 7 -10.64 6.84 6.14
C GLY A 7 -9.93 7.79 7.08
N LYS A 8 -9.25 7.22 8.07
CA LYS A 8 -8.52 8.03 9.04
C LYS A 8 -7.03 7.71 9.00
N PRO A 9 -6.20 8.69 9.37
CA PRO A 9 -4.74 8.54 9.40
C PRO A 9 -4.27 7.60 10.51
N ASN A 10 -3.07 7.06 10.35
CA ASN A 10 -2.51 6.14 11.34
C ASN A 10 -1.11 6.58 11.74
N LEU A 11 -0.54 5.88 12.73
CA LEU A 11 0.81 6.19 13.20
C LEU A 11 1.77 6.38 12.05
N GLY A 12 1.73 5.45 11.09
CA GLY A 12 2.61 5.53 9.93
C GLY A 12 2.10 6.51 8.89
N ASN A 13 1.55 7.63 9.34
CA ASN A 13 1.01 8.64 8.43
C ASN A 13 0.35 7.99 7.22
N GLY A 14 -0.33 6.87 7.45
CA GLY A 14 -1.00 6.17 6.38
C GLY A 14 -2.50 6.31 6.44
N ALA A 15 -3.21 5.27 6.00
CA ALA A 15 -4.67 5.28 6.02
C ALA A 15 -5.22 3.90 6.33
N ASP A 16 -6.00 3.79 7.39
CA ASP A 16 -6.59 2.53 7.80
C ASP A 16 -7.87 2.24 7.02
N LEU A 17 -7.80 1.27 6.12
CA LEU A 17 -8.95 0.90 5.30
C LEU A 17 -9.46 -0.50 5.66
N PRO A 18 -10.77 -0.72 5.47
CA PRO A 18 -11.40 -2.00 5.77
C PRO A 18 -10.97 -3.10 4.81
N ASN A 19 -10.53 -2.70 3.61
CA ASN A 19 -10.10 -3.64 2.60
C ASN A 19 -8.63 -4.01 2.78
N TYR A 20 -7.84 -3.03 3.23
CA TYR A 20 -6.41 -3.25 3.46
C TYR A 20 -5.79 -2.06 4.17
N ARG A 21 -4.69 -2.30 4.86
CA ARG A 21 -3.99 -1.24 5.60
C ARG A 21 -2.60 -1.01 5.00
N TRP A 22 -2.25 0.27 4.84
CA TRP A 22 -0.95 0.63 4.29
C TRP A 22 -0.40 1.87 4.97
N THR A 23 0.90 1.87 5.24
CA THR A 23 1.56 3.00 5.90
C THR A 23 2.66 3.58 5.01
N GLN A 24 2.88 4.88 5.13
CA GLN A 24 3.91 5.56 4.35
C GLN A 24 4.83 6.38 5.25
N THR A 25 6.12 6.33 4.97
CA THR A 25 7.11 7.06 5.76
C THR A 25 8.15 7.71 4.87
N LEU A 26 8.66 8.86 5.29
CA LEU A 26 9.67 9.59 4.53
C LEU A 26 10.68 8.62 3.92
N ALA A 27 10.83 7.46 4.54
CA ALA A 27 11.78 6.45 4.06
C ALA A 27 11.15 5.62 2.93
N GLU A 28 10.14 4.82 3.27
CA GLU A 28 9.47 3.98 2.30
C GLU A 28 8.01 3.77 2.68
N LEU A 29 7.27 3.07 1.82
CA LEU A 29 5.86 2.80 2.06
C LEU A 29 5.62 1.31 2.30
N ASP A 30 4.44 0.98 2.80
CA ASP A 30 4.09 -0.42 3.07
C ASP A 30 2.60 -0.64 2.90
N LEU A 31 2.23 -1.82 2.39
CA LEU A 31 0.83 -2.15 2.18
C LEU A 31 0.53 -3.56 2.68
N ALA A 32 -0.65 -3.73 3.27
CA ALA A 32 -1.06 -5.03 3.79
C ALA A 32 -2.48 -5.38 3.36
N VAL A 33 -2.61 -6.29 2.41
CA VAL A 33 -3.92 -6.70 1.91
C VAL A 33 -4.33 -8.04 2.49
N PRO A 34 -5.12 -8.01 3.57
CA PRO A 34 -5.60 -9.22 4.24
C PRO A 34 -6.61 -9.99 3.39
N PHE A 35 -6.31 -11.25 3.11
CA PHE A 35 -7.19 -12.09 2.31
C PHE A 35 -7.91 -13.10 3.20
N ARG A 36 -9.24 -13.11 3.11
CA ARG A 36 -10.05 -14.02 3.90
C ARG A 36 -9.88 -15.46 3.42
N VAL A 37 -8.70 -16.03 3.67
CA VAL A 37 -8.41 -17.39 3.26
C VAL A 37 -8.21 -18.30 4.47
N SER A 38 -8.59 -19.56 4.32
CA SER A 38 -8.45 -20.53 5.40
C SER A 38 -7.32 -21.51 5.12
N PHE A 39 -6.43 -21.13 4.20
CA PHE A 39 -5.30 -21.97 3.85
C PHE A 39 -4.03 -21.13 3.64
N ARG A 40 -2.95 -21.80 3.28
CA ARG A 40 -1.67 -21.11 3.07
C ARG A 40 -1.61 -20.52 1.66
N LEU A 41 -1.19 -19.27 1.56
CA LEU A 41 -1.08 -18.60 0.27
C LEU A 41 0.27 -18.86 -0.36
N LYS A 42 0.26 -19.15 -1.66
CA LYS A 42 1.49 -19.42 -2.40
C LYS A 42 1.81 -18.28 -3.36
N GLY A 43 3.09 -17.96 -3.49
CA GLY A 43 3.51 -16.89 -4.38
C GLY A 43 2.75 -16.90 -5.69
N LYS A 44 2.40 -18.10 -6.16
CA LYS A 44 1.65 -18.24 -7.41
C LYS A 44 0.18 -17.92 -7.21
N ASP A 45 -0.35 -18.26 -6.04
CA ASP A 45 -1.75 -18.00 -5.73
C ASP A 45 -2.05 -16.51 -5.80
N VAL A 46 -1.14 -15.70 -5.27
CA VAL A 46 -1.32 -14.25 -5.27
C VAL A 46 -0.66 -13.62 -6.49
N VAL A 47 -1.11 -12.42 -6.85
CA VAL A 47 -0.55 -11.71 -8.00
C VAL A 47 -0.23 -10.27 -7.65
N VAL A 48 1.07 -9.98 -7.47
CA VAL A 48 1.51 -8.64 -7.13
C VAL A 48 2.52 -8.12 -8.15
N ASP A 49 2.13 -7.08 -8.88
CA ASP A 49 3.00 -6.49 -9.90
C ASP A 49 3.49 -5.12 -9.45
N ILE A 50 4.77 -5.05 -9.09
CA ILE A 50 5.38 -3.80 -8.65
C ILE A 50 6.12 -3.11 -9.78
N GLN A 51 5.82 -1.84 -9.99
CA GLN A 51 6.46 -1.07 -11.05
C GLN A 51 7.04 0.24 -10.51
N ARG A 52 7.58 1.06 -11.40
CA ARG A 52 8.16 2.33 -11.00
C ARG A 52 7.10 3.26 -10.41
N ARG A 53 6.02 3.46 -11.15
CA ARG A 53 4.93 4.31 -10.71
C ARG A 53 3.59 3.60 -10.80
N HIS A 54 3.62 2.28 -10.58
CA HIS A 54 2.40 1.48 -10.65
C HIS A 54 2.54 0.23 -9.78
N LEU A 55 1.46 -0.11 -9.07
CA LEU A 55 1.46 -1.28 -8.19
C LEU A 55 0.11 -1.99 -8.23
N ARG A 56 0.13 -3.31 -8.21
CA ARG A 56 -1.09 -4.10 -8.24
C ARG A 56 -0.99 -5.29 -7.28
N VAL A 57 -2.13 -5.65 -6.68
CA VAL A 57 -2.17 -6.78 -5.75
C VAL A 57 -3.50 -7.51 -5.83
N GLY A 58 -3.46 -8.83 -5.70
CA GLY A 58 -4.67 -9.63 -5.76
C GLY A 58 -4.39 -11.11 -5.76
N LEU A 59 -5.27 -11.88 -6.39
CA LEU A 59 -5.11 -13.33 -6.46
C LEU A 59 -5.39 -13.84 -7.87
N LYS A 60 -4.55 -14.76 -8.35
CA LYS A 60 -4.71 -15.32 -9.67
C LYS A 60 -6.18 -15.59 -9.99
N GLY A 61 -6.59 -15.24 -11.20
CA GLY A 61 -7.97 -15.43 -11.60
C GLY A 61 -8.90 -14.39 -11.01
N GLN A 62 -8.80 -14.18 -9.70
CA GLN A 62 -9.65 -13.20 -9.02
C GLN A 62 -9.22 -11.78 -9.35
N PRO A 63 -10.12 -10.82 -9.14
CA PRO A 63 -9.86 -9.41 -9.41
C PRO A 63 -8.85 -8.81 -8.44
N PRO A 64 -8.02 -7.87 -8.95
CA PRO A 64 -6.99 -7.21 -8.13
C PRO A 64 -7.60 -6.26 -7.11
N VAL A 65 -7.34 -6.54 -5.83
CA VAL A 65 -7.85 -5.71 -4.75
C VAL A 65 -7.31 -4.28 -4.84
N VAL A 66 -6.02 -4.18 -5.14
CA VAL A 66 -5.38 -2.86 -5.27
C VAL A 66 -4.88 -2.63 -6.69
N ASP A 67 -5.49 -1.66 -7.37
CA ASP A 67 -5.11 -1.35 -8.74
C ASP A 67 -5.23 0.16 -8.99
N GLY A 68 -4.09 0.84 -9.07
CA GLY A 68 -4.10 2.27 -9.31
C GLY A 68 -2.70 2.85 -9.36
N GLU A 69 -2.53 3.92 -10.13
CA GLU A 69 -1.24 4.57 -10.27
C GLU A 69 -0.69 5.01 -8.92
N LEU A 70 0.60 4.85 -8.72
CA LEU A 70 1.25 5.23 -7.47
C LEU A 70 1.41 6.74 -7.37
N TYR A 71 1.18 7.27 -6.17
CA TYR A 71 1.29 8.70 -5.95
C TYR A 71 2.61 9.24 -6.49
N ASN A 72 3.69 8.52 -6.22
CA ASN A 72 5.01 8.91 -6.68
C ASN A 72 5.84 7.70 -7.09
N GLU A 73 6.97 7.95 -7.75
CA GLU A 73 7.85 6.87 -8.19
C GLU A 73 8.41 6.11 -6.99
N VAL A 74 8.59 4.80 -7.16
CA VAL A 74 9.13 3.96 -6.09
C VAL A 74 10.18 2.99 -6.64
N LYS A 75 11.37 3.04 -6.07
CA LYS A 75 12.46 2.16 -6.49
C LYS A 75 11.96 0.73 -6.69
N VAL A 76 11.56 0.42 -7.92
CA VAL A 76 11.06 -0.91 -8.25
C VAL A 76 12.19 -1.95 -8.19
N GLU A 77 13.38 -1.55 -8.62
CA GLU A 77 14.53 -2.44 -8.61
C GLU A 77 14.78 -2.99 -7.21
N GLU A 78 14.29 -2.28 -6.20
CA GLU A 78 14.46 -2.70 -4.82
C GLU A 78 13.14 -3.17 -4.22
N SER A 79 12.05 -2.51 -4.60
CA SER A 79 10.72 -2.87 -4.10
C SER A 79 10.52 -4.37 -4.14
N SER A 80 9.60 -4.85 -3.30
CA SER A 80 9.30 -6.28 -3.22
C SER A 80 8.12 -6.54 -2.29
N TRP A 81 7.63 -7.77 -2.32
CA TRP A 81 6.50 -8.16 -1.48
C TRP A 81 6.69 -9.56 -0.91
N LEU A 82 5.87 -9.91 0.08
CA LEU A 82 5.95 -11.23 0.69
C LEU A 82 4.62 -11.59 1.37
N ILE A 83 4.44 -12.88 1.65
CA ILE A 83 3.22 -13.35 2.29
C ILE A 83 3.39 -13.40 3.81
N GLU A 84 2.35 -12.98 4.53
CA GLU A 84 2.38 -12.98 5.98
C GLU A 84 1.38 -13.98 6.55
N ASP A 85 1.89 -15.06 7.13
CA ASP A 85 1.03 -16.10 7.71
C ASP A 85 0.22 -16.80 6.63
N GLY A 86 0.75 -16.81 5.41
CA GLY A 86 0.07 -17.45 4.31
C GLY A 86 -1.37 -17.01 4.18
N LYS A 87 -1.66 -15.81 4.66
CA LYS A 87 -3.01 -15.26 4.60
C LYS A 87 -3.00 -13.83 4.05
N VAL A 88 -2.04 -13.03 4.51
CA VAL A 88 -1.92 -11.65 4.07
C VAL A 88 -0.77 -11.50 3.07
N VAL A 89 -0.82 -10.42 2.28
CA VAL A 89 0.22 -10.16 1.29
C VAL A 89 0.78 -8.76 1.45
N THR A 90 1.93 -8.65 2.10
CA THR A 90 2.57 -7.36 2.32
C THR A 90 3.45 -6.98 1.12
N VAL A 91 3.42 -5.69 0.77
CA VAL A 91 4.21 -5.19 -0.35
C VAL A 91 5.04 -3.97 0.06
N HIS A 92 6.35 -4.13 0.06
CA HIS A 92 7.25 -3.04 0.43
C HIS A 92 7.55 -2.15 -0.77
N LEU A 93 7.27 -0.86 -0.63
CA LEU A 93 7.51 0.09 -1.71
C LEU A 93 8.60 1.09 -1.33
N GLU A 94 9.69 1.09 -2.08
CA GLU A 94 10.80 1.98 -1.82
C GLU A 94 10.56 3.34 -2.46
N LYS A 95 10.52 4.39 -1.65
CA LYS A 95 10.30 5.75 -2.14
C LYS A 95 11.58 6.32 -2.75
N ILE A 96 11.52 6.68 -4.02
CA ILE A 96 12.67 7.24 -4.71
C ILE A 96 13.36 8.31 -3.86
N ASN A 97 12.55 9.18 -3.25
CA ASN A 97 13.07 10.25 -2.42
C ASN A 97 12.76 9.99 -0.95
N LYS A 98 13.80 9.71 -0.17
CA LYS A 98 13.64 9.43 1.26
C LYS A 98 13.21 10.70 2.00
N MET A 99 13.13 11.81 1.28
CA MET A 99 12.72 13.08 1.87
C MET A 99 11.41 13.57 1.26
N GLU A 100 10.54 12.64 0.92
CA GLU A 100 9.25 12.98 0.33
C GLU A 100 8.12 12.23 1.02
N TRP A 101 6.97 12.88 1.13
CA TRP A 101 5.81 12.28 1.78
C TRP A 101 4.79 11.82 0.74
N TRP A 102 3.88 10.95 1.16
CA TRP A 102 2.84 10.43 0.27
C TRP A 102 1.46 10.82 0.76
N ASN A 103 0.56 11.10 -0.18
CA ASN A 103 -0.81 11.48 0.16
C ASN A 103 -1.72 10.26 0.20
N ARG A 104 -1.30 9.20 -0.48
CA ARG A 104 -2.08 7.97 -0.52
C ARG A 104 -1.33 6.86 -1.26
N LEU A 105 -1.73 5.62 -1.04
CA LEU A 105 -1.09 4.48 -1.68
C LEU A 105 -1.22 4.57 -3.20
N VAL A 106 -2.45 4.64 -3.68
CA VAL A 106 -2.70 4.72 -5.11
C VAL A 106 -3.75 5.79 -5.42
N THR A 107 -3.65 6.40 -6.60
CA THR A 107 -4.59 7.44 -7.01
C THR A 107 -6.03 7.01 -6.74
N SER A 108 -6.28 5.70 -6.76
CA SER A 108 -7.61 5.17 -6.53
C SER A 108 -8.04 5.42 -5.08
N ASP A 109 -7.16 5.08 -4.15
CA ASP A 109 -7.45 5.28 -2.72
C ASP A 109 -7.69 6.75 -2.41
N PRO A 110 -8.34 7.01 -1.26
CA PRO A 110 -8.65 8.37 -0.82
C PRO A 110 -7.40 9.14 -0.41
N GLU A 111 -7.51 10.47 -0.38
CA GLU A 111 -6.40 11.33 0.00
C GLU A 111 -6.45 11.67 1.49
N ILE A 112 -5.30 12.01 2.06
CA ILE A 112 -5.21 12.36 3.47
C ILE A 112 -4.40 13.64 3.66
N ASN A 113 -4.96 14.59 4.39
CA ASN A 113 -4.28 15.86 4.66
C ASN A 113 -2.83 15.62 5.08
N THR A 114 -1.90 16.12 4.27
CA THR A 114 -0.48 15.97 4.56
C THR A 114 0.11 17.25 5.13
N LYS A 115 1.05 17.10 6.07
CA LYS A 115 1.69 18.25 6.69
C LYS A 115 3.08 17.88 7.18
N SER A 116 4.06 18.75 6.89
CA SER A 116 5.44 18.51 7.30
C SER A 116 6.13 19.83 7.66
N GLY A 117 6.60 19.93 8.89
CA GLY A 117 7.27 21.14 9.33
C GLY A 117 8.68 20.87 9.82
N PRO A 118 9.65 20.92 8.88
CA PRO A 118 11.06 20.69 9.19
C PRO A 118 11.66 21.81 10.02
N SER A 119 11.89 21.53 11.31
CA SER A 119 12.47 22.52 12.22
C SER A 119 12.93 21.86 13.50
N SER A 120 13.84 22.53 14.21
CA SER A 120 14.37 22.01 15.47
C SER A 120 13.92 22.87 16.64
N GLY A 121 13.76 22.23 17.80
CA GLY A 121 13.34 22.95 18.99
C GLY A 121 12.19 23.90 18.71
N GLY A 1 -16.48 12.26 -0.41
CA GLY A 1 -15.18 12.03 -1.03
C GLY A 1 -15.12 10.75 -1.82
N SER A 2 -14.35 9.79 -1.34
CA SER A 2 -14.21 8.51 -2.01
C SER A 2 -15.01 7.43 -1.30
N SER A 3 -14.68 7.19 -0.03
CA SER A 3 -15.38 6.17 0.75
C SER A 3 -16.24 6.82 1.83
N GLY A 4 -16.95 7.89 1.46
CA GLY A 4 -17.80 8.58 2.40
C GLY A 4 -17.03 9.49 3.32
N SER A 5 -16.24 10.39 2.75
CA SER A 5 -15.44 11.32 3.54
C SER A 5 -14.54 10.57 4.51
N SER A 6 -13.94 9.47 4.04
CA SER A 6 -13.06 8.66 4.87
C SER A 6 -11.61 8.76 4.38
N GLY A 7 -10.68 8.78 5.33
CA GLY A 7 -9.28 8.88 4.97
C GLY A 7 -8.41 9.31 6.14
N LYS A 8 -8.14 8.39 7.05
CA LYS A 8 -7.32 8.69 8.22
C LYS A 8 -6.16 7.70 8.34
N PRO A 9 -5.06 8.15 8.96
CA PRO A 9 -3.87 7.31 9.16
C PRO A 9 -4.11 6.20 10.18
N ASN A 10 -3.22 5.21 10.18
CA ASN A 10 -3.33 4.08 11.11
C ASN A 10 -2.19 4.11 12.13
N LEU A 11 -1.00 3.73 11.69
CA LEU A 11 0.17 3.69 12.55
C LEU A 11 1.33 4.46 11.92
N GLY A 12 1.38 4.46 10.60
CA GLY A 12 2.44 5.16 9.90
C GLY A 12 1.92 6.18 8.91
N ASN A 13 1.30 7.23 9.42
CA ASN A 13 0.74 8.29 8.57
C ASN A 13 0.20 7.71 7.27
N GLY A 14 -0.32 6.48 7.35
CA GLY A 14 -0.86 5.84 6.17
C GLY A 14 -2.35 6.05 6.02
N ALA A 15 -3.08 4.99 5.73
CA ALA A 15 -4.53 5.07 5.57
C ALA A 15 -5.20 3.76 5.97
N ASP A 16 -6.08 3.84 6.96
CA ASP A 16 -6.80 2.67 7.45
C ASP A 16 -8.06 2.42 6.64
N LEU A 17 -7.99 1.46 5.72
CA LEU A 17 -9.13 1.12 4.87
C LEU A 17 -9.72 -0.22 5.27
N PRO A 18 -11.02 -0.40 4.99
CA PRO A 18 -11.74 -1.64 5.30
C PRO A 18 -11.29 -2.81 4.43
N ASN A 19 -10.72 -2.49 3.27
CA ASN A 19 -10.25 -3.51 2.35
C ASN A 19 -8.79 -3.88 2.65
N TYR A 20 -8.02 -2.89 3.09
CA TYR A 20 -6.61 -3.12 3.41
C TYR A 20 -6.01 -1.87 4.06
N ARG A 21 -4.93 -2.08 4.82
CA ARG A 21 -4.25 -0.99 5.50
C ARG A 21 -2.81 -0.86 5.02
N TRP A 22 -2.36 0.38 4.85
CA TRP A 22 -1.00 0.64 4.40
C TRP A 22 -0.38 1.80 5.18
N THR A 23 0.94 1.76 5.31
CA THR A 23 1.66 2.80 6.04
C THR A 23 2.73 3.45 5.16
N GLN A 24 3.11 4.68 5.51
CA GLN A 24 4.12 5.40 4.74
C GLN A 24 5.13 6.07 5.68
N THR A 25 6.40 5.94 5.35
CA THR A 25 7.47 6.54 6.16
C THR A 25 8.49 7.26 5.28
N LEU A 26 8.97 8.39 5.77
CA LEU A 26 9.95 9.18 5.03
C LEU A 26 10.94 8.28 4.30
N ALA A 27 11.16 7.09 4.86
CA ALA A 27 12.09 6.13 4.26
C ALA A 27 11.42 5.38 3.11
N GLU A 28 10.39 4.60 3.42
CA GLU A 28 9.68 3.84 2.42
C GLU A 28 8.23 3.63 2.82
N LEU A 29 7.45 3.02 1.93
CA LEU A 29 6.03 2.77 2.19
C LEU A 29 5.77 1.27 2.35
N ASP A 30 4.59 0.93 2.84
CA ASP A 30 4.21 -0.46 3.04
C ASP A 30 2.70 -0.64 2.89
N LEU A 31 2.30 -1.83 2.43
CA LEU A 31 0.88 -2.13 2.25
C LEU A 31 0.56 -3.54 2.76
N ALA A 32 -0.66 -3.70 3.27
CA ALA A 32 -1.10 -4.99 3.79
C ALA A 32 -2.53 -5.30 3.36
N VAL A 33 -2.69 -6.30 2.51
CA VAL A 33 -4.01 -6.69 2.03
C VAL A 33 -4.44 -8.04 2.60
N PRO A 34 -5.34 -8.00 3.59
CA PRO A 34 -5.85 -9.21 4.26
C PRO A 34 -6.74 -10.03 3.34
N PHE A 35 -6.40 -11.32 3.18
CA PHE A 35 -7.17 -12.21 2.33
C PHE A 35 -7.89 -13.27 3.16
N ARG A 36 -9.21 -13.24 3.12
CA ARG A 36 -10.01 -14.20 3.88
C ARG A 36 -9.76 -15.63 3.39
N VAL A 37 -8.67 -16.22 3.84
CA VAL A 37 -8.31 -17.58 3.45
C VAL A 37 -8.11 -18.46 4.68
N SER A 38 -8.49 -19.74 4.56
CA SER A 38 -8.35 -20.69 5.65
C SER A 38 -7.16 -21.61 5.42
N PHE A 39 -6.22 -21.16 4.60
CA PHE A 39 -5.03 -21.94 4.30
C PHE A 39 -3.82 -21.03 4.09
N ARG A 40 -2.69 -21.63 3.71
CA ARG A 40 -1.46 -20.88 3.48
C ARG A 40 -1.34 -20.47 2.02
N LEU A 41 -1.24 -19.16 1.77
CA LEU A 41 -1.12 -18.64 0.42
C LEU A 41 0.25 -18.96 -0.16
N LYS A 42 0.33 -18.99 -1.49
CA LYS A 42 1.59 -19.27 -2.17
C LYS A 42 1.94 -18.14 -3.14
N GLY A 43 3.24 -17.83 -3.24
CA GLY A 43 3.67 -16.78 -4.13
C GLY A 43 2.99 -16.84 -5.49
N LYS A 44 2.78 -18.05 -5.99
CA LYS A 44 2.13 -18.24 -7.28
C LYS A 44 0.62 -18.04 -7.17
N ASP A 45 0.08 -18.34 -5.99
CA ASP A 45 -1.35 -18.18 -5.74
C ASP A 45 -1.76 -16.71 -5.84
N VAL A 46 -0.93 -15.84 -5.29
CA VAL A 46 -1.20 -14.41 -5.30
C VAL A 46 -0.54 -13.73 -6.51
N VAL A 47 -1.09 -12.59 -6.91
CA VAL A 47 -0.55 -11.84 -8.04
C VAL A 47 -0.23 -10.41 -7.66
N VAL A 48 1.06 -10.09 -7.56
CA VAL A 48 1.50 -8.75 -7.20
C VAL A 48 2.43 -8.18 -8.26
N ASP A 49 1.97 -7.13 -8.94
CA ASP A 49 2.76 -6.49 -9.98
C ASP A 49 3.24 -5.11 -9.52
N ILE A 50 4.54 -4.99 -9.30
CA ILE A 50 5.13 -3.72 -8.86
C ILE A 50 5.85 -3.03 -10.00
N GLN A 51 5.53 -1.75 -10.22
CA GLN A 51 6.15 -0.98 -11.29
C GLN A 51 6.70 0.34 -10.75
N ARG A 52 7.28 1.14 -11.64
CA ARG A 52 7.85 2.42 -11.25
C ARG A 52 6.77 3.35 -10.67
N ARG A 53 5.68 3.52 -11.43
CA ARG A 53 4.58 4.37 -11.00
C ARG A 53 3.26 3.62 -11.07
N HIS A 54 3.30 2.32 -10.80
CA HIS A 54 2.11 1.49 -10.83
C HIS A 54 2.28 0.25 -9.96
N LEU A 55 1.22 -0.11 -9.23
CA LEU A 55 1.26 -1.27 -8.36
C LEU A 55 -0.04 -2.05 -8.44
N ARG A 56 0.06 -3.37 -8.41
CA ARG A 56 -1.11 -4.24 -8.48
C ARG A 56 -0.98 -5.42 -7.53
N VAL A 57 -2.07 -5.76 -6.85
CA VAL A 57 -2.08 -6.87 -5.91
C VAL A 57 -3.40 -7.63 -5.95
N GLY A 58 -3.33 -8.95 -5.81
CA GLY A 58 -4.53 -9.76 -5.83
C GLY A 58 -4.23 -11.24 -5.87
N LEU A 59 -5.11 -12.01 -6.51
CA LEU A 59 -4.93 -13.45 -6.62
C LEU A 59 -5.17 -13.92 -8.05
N LYS A 60 -4.45 -14.97 -8.45
CA LYS A 60 -4.59 -15.51 -9.80
C LYS A 60 -6.06 -15.73 -10.16
N GLY A 61 -6.43 -15.29 -11.35
CA GLY A 61 -7.81 -15.44 -11.80
C GLY A 61 -8.74 -14.43 -11.15
N GLN A 62 -8.67 -14.31 -9.83
CA GLN A 62 -9.51 -13.37 -9.10
C GLN A 62 -9.13 -11.93 -9.43
N PRO A 63 -10.06 -11.00 -9.15
CA PRO A 63 -9.84 -9.58 -9.41
C PRO A 63 -8.80 -8.97 -8.47
N PRO A 64 -8.03 -8.01 -8.99
CA PRO A 64 -6.99 -7.32 -8.22
C PRO A 64 -7.56 -6.41 -7.15
N VAL A 65 -7.21 -6.70 -5.89
CA VAL A 65 -7.69 -5.90 -4.77
C VAL A 65 -7.15 -4.47 -4.83
N VAL A 66 -5.89 -4.35 -5.23
CA VAL A 66 -5.25 -3.04 -5.34
C VAL A 66 -4.84 -2.74 -6.78
N ASP A 67 -5.38 -1.67 -7.34
CA ASP A 67 -5.07 -1.29 -8.71
C ASP A 67 -5.23 0.22 -8.89
N GLY A 68 -4.12 0.89 -9.18
CA GLY A 68 -4.14 2.33 -9.37
C GLY A 68 -2.75 2.93 -9.48
N GLU A 69 -2.66 4.08 -10.16
CA GLU A 69 -1.38 4.75 -10.33
C GLU A 69 -0.83 5.25 -8.99
N LEU A 70 0.44 4.96 -8.73
CA LEU A 70 1.08 5.37 -7.50
C LEU A 70 1.23 6.89 -7.45
N TYR A 71 0.97 7.46 -6.27
CA TYR A 71 1.07 8.91 -6.10
C TYR A 71 2.42 9.42 -6.60
N ASN A 72 3.48 8.71 -6.27
CA ASN A 72 4.83 9.10 -6.70
C ASN A 72 5.63 7.88 -7.12
N GLU A 73 6.80 8.13 -7.70
CA GLU A 73 7.68 7.04 -8.15
C GLU A 73 8.17 6.21 -6.96
N VAL A 74 8.53 4.96 -7.24
CA VAL A 74 9.02 4.06 -6.19
C VAL A 74 10.01 3.05 -6.77
N LYS A 75 11.22 3.05 -6.21
CA LYS A 75 12.27 2.14 -6.67
C LYS A 75 11.72 0.72 -6.82
N VAL A 76 11.28 0.38 -8.02
CA VAL A 76 10.74 -0.95 -8.29
C VAL A 76 11.82 -2.00 -8.24
N GLU A 77 13.00 -1.67 -8.78
CA GLU A 77 14.12 -2.60 -8.79
C GLU A 77 14.45 -3.09 -7.38
N GLU A 78 14.02 -2.31 -6.39
CA GLU A 78 14.28 -2.65 -4.99
C GLU A 78 13.00 -3.16 -4.32
N SER A 79 11.88 -2.52 -4.65
CA SER A 79 10.59 -2.90 -4.07
C SER A 79 10.42 -4.42 -4.09
N SER A 80 9.73 -4.94 -3.08
CA SER A 80 9.49 -6.37 -2.97
C SER A 80 8.36 -6.67 -1.99
N TRP A 81 7.64 -7.76 -2.23
CA TRP A 81 6.53 -8.15 -1.37
C TRP A 81 6.78 -9.51 -0.75
N LEU A 82 5.89 -9.94 0.13
CA LEU A 82 6.01 -11.22 0.81
C LEU A 82 4.69 -11.64 1.43
N ILE A 83 4.47 -12.96 1.53
CA ILE A 83 3.25 -13.49 2.12
C ILE A 83 3.36 -13.57 3.63
N GLU A 84 2.36 -13.03 4.33
CA GLU A 84 2.35 -13.05 5.79
C GLU A 84 1.34 -14.06 6.31
N ASP A 85 1.83 -15.02 7.10
CA ASP A 85 0.97 -16.05 7.66
C ASP A 85 0.06 -16.64 6.60
N GLY A 86 0.57 -16.75 5.38
CA GLY A 86 -0.21 -17.29 4.29
C GLY A 86 -1.66 -16.83 4.32
N LYS A 87 -1.88 -15.62 4.80
CA LYS A 87 -3.21 -15.05 4.88
C LYS A 87 -3.24 -13.62 4.35
N VAL A 88 -2.13 -12.91 4.53
CA VAL A 88 -2.03 -11.53 4.07
C VAL A 88 -0.88 -11.37 3.09
N VAL A 89 -0.98 -10.35 2.23
CA VAL A 89 0.05 -10.08 1.24
C VAL A 89 0.64 -8.69 1.42
N THR A 90 1.81 -8.63 2.04
CA THR A 90 2.47 -7.34 2.28
C THR A 90 3.40 -6.98 1.12
N VAL A 91 3.39 -5.71 0.75
CA VAL A 91 4.22 -5.23 -0.35
C VAL A 91 5.01 -3.99 0.06
N HIS A 92 6.34 -4.10 0.04
CA HIS A 92 7.21 -2.99 0.40
C HIS A 92 7.49 -2.10 -0.80
N LEU A 93 7.31 -0.79 -0.61
CA LEU A 93 7.55 0.17 -1.68
C LEU A 93 8.66 1.14 -1.30
N GLU A 94 9.72 1.16 -2.10
CA GLU A 94 10.84 2.06 -1.84
C GLU A 94 10.58 3.45 -2.42
N LYS A 95 10.65 4.46 -1.57
CA LYS A 95 10.42 5.83 -1.99
C LYS A 95 11.67 6.42 -2.64
N ILE A 96 11.63 6.61 -3.95
CA ILE A 96 12.76 7.16 -4.68
C ILE A 96 13.49 8.21 -3.85
N ASN A 97 12.72 9.03 -3.14
CA ASN A 97 13.29 10.08 -2.31
C ASN A 97 12.88 9.90 -0.84
N LYS A 98 13.87 9.73 0.02
CA LYS A 98 13.62 9.55 1.44
C LYS A 98 13.12 10.84 2.09
N MET A 99 13.44 11.97 1.45
CA MET A 99 13.02 13.27 1.95
C MET A 99 11.70 13.69 1.33
N GLU A 100 10.84 12.72 1.04
CA GLU A 100 9.55 12.98 0.43
C GLU A 100 8.44 12.21 1.13
N TRP A 101 7.27 12.81 1.23
CA TRP A 101 6.13 12.17 1.88
C TRP A 101 5.09 11.74 0.86
N TRP A 102 4.08 11.00 1.32
CA TRP A 102 3.03 10.51 0.44
C TRP A 102 1.65 10.90 0.97
N ASN A 103 0.75 11.28 0.07
CA ASN A 103 -0.60 11.67 0.45
C ASN A 103 -1.56 10.49 0.38
N ARG A 104 -1.13 9.43 -0.30
CA ARG A 104 -1.95 8.23 -0.44
C ARG A 104 -1.18 7.13 -1.17
N LEU A 105 -1.71 5.91 -1.11
CA LEU A 105 -1.07 4.77 -1.76
C LEU A 105 -1.21 4.85 -3.28
N VAL A 106 -2.44 5.07 -3.74
CA VAL A 106 -2.71 5.16 -5.16
C VAL A 106 -3.91 6.07 -5.43
N THR A 107 -3.85 6.81 -6.53
CA THR A 107 -4.94 7.71 -6.91
C THR A 107 -6.29 7.14 -6.49
N SER A 108 -6.46 5.84 -6.65
CA SER A 108 -7.70 5.18 -6.28
C SER A 108 -8.00 5.33 -4.79
N ASP A 109 -7.00 5.00 -3.97
CA ASP A 109 -7.14 5.11 -2.52
C ASP A 109 -7.43 6.55 -2.10
N PRO A 110 -7.96 6.73 -0.88
CA PRO A 110 -8.28 8.05 -0.35
C PRO A 110 -7.04 8.87 -0.03
N GLU A 111 -7.18 10.19 -0.04
CA GLU A 111 -6.07 11.08 0.25
C GLU A 111 -6.08 11.51 1.71
N ILE A 112 -4.90 11.67 2.29
CA ILE A 112 -4.77 12.08 3.68
C ILE A 112 -4.00 13.39 3.81
N ASN A 113 -4.54 14.30 4.60
CA ASN A 113 -3.91 15.60 4.81
C ASN A 113 -2.48 15.44 5.31
N THR A 114 -1.52 15.98 4.56
CA THR A 114 -0.12 15.90 4.92
C THR A 114 0.36 17.19 5.58
N LYS A 115 0.71 17.11 6.86
CA LYS A 115 1.18 18.27 7.60
C LYS A 115 2.69 18.18 7.85
N SER A 116 3.46 18.89 7.04
CA SER A 116 4.91 18.90 7.17
C SER A 116 5.34 19.60 8.46
N GLY A 117 6.12 18.90 9.27
CA GLY A 117 6.59 19.47 10.52
C GLY A 117 7.98 18.99 10.89
N PRO A 118 9.01 19.61 10.29
CA PRO A 118 10.41 19.25 10.54
C PRO A 118 10.86 19.66 11.94
N SER A 119 10.86 18.70 12.86
CA SER A 119 11.27 18.95 14.24
C SER A 119 12.79 18.96 14.35
N SER A 120 13.38 20.16 14.35
CA SER A 120 14.82 20.30 14.45
C SER A 120 15.32 19.87 15.84
N GLY A 121 16.07 18.78 15.87
CA GLY A 121 16.58 18.27 17.14
C GLY A 121 17.92 17.57 16.97
N GLY A 1 -25.97 10.73 -1.07
CA GLY A 1 -25.34 10.47 0.21
C GLY A 1 -24.29 9.39 0.13
N SER A 2 -23.47 9.28 1.18
CA SER A 2 -22.41 8.28 1.23
C SER A 2 -22.78 7.15 2.20
N SER A 3 -23.18 6.02 1.65
CA SER A 3 -23.56 4.87 2.45
C SER A 3 -22.33 4.03 2.81
N GLY A 4 -21.25 4.71 3.17
CA GLY A 4 -20.03 4.01 3.52
C GLY A 4 -18.86 4.95 3.75
N SER A 5 -18.96 5.77 4.79
CA SER A 5 -17.91 6.73 5.11
C SER A 5 -16.83 6.09 5.97
N SER A 6 -15.65 5.90 5.39
CA SER A 6 -14.53 5.30 6.10
C SER A 6 -13.20 5.80 5.55
N GLY A 7 -12.22 5.96 6.44
CA GLY A 7 -10.91 6.44 6.03
C GLY A 7 -10.31 7.42 7.01
N LYS A 8 -9.48 6.91 7.91
CA LYS A 8 -8.83 7.75 8.92
C LYS A 8 -7.33 7.50 8.95
N PRO A 9 -6.56 8.55 9.27
CA PRO A 9 -5.10 8.47 9.35
C PRO A 9 -4.62 7.63 10.52
N ASN A 10 -3.61 6.81 10.30
CA ASN A 10 -3.05 5.96 11.35
C ASN A 10 -1.70 6.48 11.83
N LEU A 11 -1.10 5.77 12.76
CA LEU A 11 0.20 6.16 13.30
C LEU A 11 1.21 6.41 12.19
N GLY A 12 1.23 5.50 11.21
CA GLY A 12 2.15 5.63 10.10
C GLY A 12 1.66 6.62 9.05
N ASN A 13 1.11 7.75 9.52
CA ASN A 13 0.60 8.78 8.62
C ASN A 13 -0.02 8.15 7.38
N GLY A 14 -0.62 6.97 7.55
CA GLY A 14 -1.24 6.29 6.42
C GLY A 14 -2.75 6.40 6.45
N ALA A 15 -3.43 5.32 6.04
CA ALA A 15 -4.89 5.31 6.02
C ALA A 15 -5.42 3.90 6.26
N ASP A 16 -6.21 3.74 7.32
CA ASP A 16 -6.78 2.45 7.67
C ASP A 16 -8.02 2.17 6.82
N LEU A 17 -7.88 1.24 5.87
CA LEU A 17 -9.00 0.88 5.01
C LEU A 17 -9.53 -0.51 5.34
N PRO A 18 -10.82 -0.73 5.09
CA PRO A 18 -11.48 -2.01 5.36
C PRO A 18 -11.00 -3.12 4.41
N ASN A 19 -10.44 -2.71 3.27
CA ASN A 19 -9.93 -3.66 2.29
C ASN A 19 -8.47 -4.01 2.55
N TYR A 20 -7.73 -3.04 3.08
CA TYR A 20 -6.31 -3.23 3.38
C TYR A 20 -5.73 -2.02 4.09
N ARG A 21 -4.64 -2.23 4.80
CA ARG A 21 -3.98 -1.15 5.54
C ARG A 21 -2.60 -0.85 4.96
N TRP A 22 -2.32 0.42 4.75
CA TRP A 22 -1.03 0.85 4.20
C TRP A 22 -0.52 2.09 4.89
N THR A 23 0.77 2.11 5.20
CA THR A 23 1.38 3.25 5.87
C THR A 23 2.51 3.85 5.03
N GLN A 24 2.77 5.13 5.23
CA GLN A 24 3.82 5.82 4.50
C GLN A 24 4.72 6.62 5.43
N THR A 25 6.02 6.50 5.25
CA THR A 25 6.98 7.21 6.09
C THR A 25 8.03 7.92 5.24
N LEU A 26 8.99 8.55 5.89
CA LEU A 26 10.06 9.27 5.19
C LEU A 26 11.16 8.30 4.76
N ALA A 27 10.84 7.01 4.76
CA ALA A 27 11.81 5.99 4.36
C ALA A 27 11.23 5.09 3.27
N GLU A 28 10.01 4.62 3.50
CA GLU A 28 9.36 3.74 2.53
C GLU A 28 7.85 3.64 2.82
N LEU A 29 7.13 2.96 1.94
CA LEU A 29 5.70 2.79 2.10
C LEU A 29 5.34 1.33 2.35
N ASP A 30 4.66 1.07 3.46
CA ASP A 30 4.26 -0.28 3.81
C ASP A 30 2.80 -0.54 3.42
N LEU A 31 2.55 -1.72 2.86
CA LEU A 31 1.20 -2.09 2.44
C LEU A 31 0.86 -3.51 2.88
N ALA A 32 -0.33 -3.68 3.42
CA ALA A 32 -0.78 -4.99 3.87
C ALA A 32 -2.21 -5.27 3.42
N VAL A 33 -2.36 -6.29 2.58
CA VAL A 33 -3.68 -6.67 2.08
C VAL A 33 -4.13 -8.01 2.66
N PRO A 34 -4.99 -7.92 3.69
CA PRO A 34 -5.52 -9.11 4.36
C PRO A 34 -6.50 -9.89 3.48
N PHE A 35 -6.21 -11.17 3.26
CA PHE A 35 -7.06 -12.01 2.44
C PHE A 35 -7.84 -13.00 3.31
N ARG A 36 -9.11 -13.22 2.95
CA ARG A 36 -9.96 -14.14 3.69
C ARG A 36 -9.68 -15.58 3.30
N VAL A 37 -8.40 -15.95 3.29
CA VAL A 37 -8.01 -17.31 2.93
C VAL A 37 -7.94 -18.21 4.15
N SER A 38 -8.15 -19.51 3.93
CA SER A 38 -8.12 -20.47 5.03
C SER A 38 -6.97 -21.45 4.85
N PHE A 39 -6.00 -21.07 4.03
CA PHE A 39 -4.83 -21.92 3.78
C PHE A 39 -3.58 -21.07 3.59
N ARG A 40 -2.45 -21.75 3.34
CA ARG A 40 -1.19 -21.05 3.14
C ARG A 40 -1.10 -20.48 1.73
N LEU A 41 -1.04 -19.16 1.64
CA LEU A 41 -0.95 -18.48 0.34
C LEU A 41 0.39 -18.76 -0.33
N LYS A 42 0.37 -19.02 -1.63
CA LYS A 42 1.58 -19.29 -2.38
C LYS A 42 1.88 -18.16 -3.36
N GLY A 43 3.15 -17.81 -3.48
CA GLY A 43 3.55 -16.75 -4.39
C GLY A 43 2.81 -16.82 -5.71
N LYS A 44 2.60 -18.03 -6.22
CA LYS A 44 1.90 -18.23 -7.48
C LYS A 44 0.42 -17.95 -7.32
N ASP A 45 -0.15 -18.35 -6.20
CA ASP A 45 -1.56 -18.15 -5.92
C ASP A 45 -1.92 -16.66 -5.97
N VAL A 46 -1.03 -15.83 -5.43
CA VAL A 46 -1.26 -14.39 -5.42
C VAL A 46 -0.58 -13.72 -6.60
N VAL A 47 -1.18 -12.63 -7.09
CA VAL A 47 -0.63 -11.90 -8.22
C VAL A 47 -0.32 -10.46 -7.85
N VAL A 48 0.96 -10.18 -7.62
CA VAL A 48 1.40 -8.84 -7.25
C VAL A 48 2.38 -8.28 -8.28
N ASP A 49 1.96 -7.23 -8.97
CA ASP A 49 2.80 -6.60 -9.99
C ASP A 49 3.26 -5.22 -9.53
N ILE A 50 4.56 -5.07 -9.33
CA ILE A 50 5.13 -3.80 -8.89
C ILE A 50 5.84 -3.09 -10.04
N GLN A 51 5.55 -1.80 -10.20
CA GLN A 51 6.17 -1.01 -11.26
C GLN A 51 6.71 0.30 -10.71
N ARG A 52 7.37 1.07 -11.57
CA ARG A 52 7.95 2.35 -11.17
C ARG A 52 6.88 3.26 -10.58
N ARG A 53 5.78 3.42 -11.30
CA ARG A 53 4.69 4.28 -10.85
C ARG A 53 3.35 3.55 -10.95
N HIS A 54 3.37 2.26 -10.62
CA HIS A 54 2.15 1.44 -10.67
C HIS A 54 2.32 0.18 -9.84
N LEU A 55 1.29 -0.16 -9.07
CA LEU A 55 1.32 -1.35 -8.22
C LEU A 55 0.02 -2.14 -8.35
N ARG A 56 0.13 -3.46 -8.30
CA ARG A 56 -1.03 -4.33 -8.39
C ARG A 56 -0.96 -5.46 -7.37
N VAL A 57 -2.10 -5.76 -6.75
CA VAL A 57 -2.17 -6.83 -5.75
C VAL A 57 -3.50 -7.56 -5.82
N GLY A 58 -3.47 -8.87 -5.59
CA GLY A 58 -4.68 -9.67 -5.63
C GLY A 58 -4.39 -11.15 -5.64
N LEU A 59 -5.32 -11.93 -6.22
CA LEU A 59 -5.15 -13.38 -6.28
C LEU A 59 -5.44 -13.88 -7.70
N LYS A 60 -4.62 -14.83 -8.15
CA LYS A 60 -4.77 -15.40 -9.48
C LYS A 60 -6.24 -15.63 -9.81
N GLY A 61 -6.68 -15.10 -10.94
CA GLY A 61 -8.06 -15.26 -11.35
C GLY A 61 -8.97 -14.24 -10.72
N GLN A 62 -8.94 -14.13 -9.39
CA GLN A 62 -9.76 -13.18 -8.68
C GLN A 62 -9.42 -11.75 -9.07
N PRO A 63 -10.32 -10.81 -8.76
CA PRO A 63 -10.12 -9.39 -9.07
C PRO A 63 -9.03 -8.75 -8.22
N PRO A 64 -8.29 -7.81 -8.82
CA PRO A 64 -7.20 -7.10 -8.14
C PRO A 64 -7.71 -6.15 -7.06
N VAL A 65 -7.42 -6.48 -5.81
CA VAL A 65 -7.84 -5.66 -4.68
C VAL A 65 -7.20 -4.28 -4.73
N VAL A 66 -6.00 -4.22 -5.29
CA VAL A 66 -5.27 -2.96 -5.39
C VAL A 66 -4.77 -2.73 -6.82
N ASP A 67 -5.34 -1.73 -7.49
CA ASP A 67 -4.96 -1.40 -8.85
C ASP A 67 -5.10 0.09 -9.11
N GLY A 68 -3.96 0.79 -9.18
CA GLY A 68 -3.98 2.21 -9.42
C GLY A 68 -2.59 2.79 -9.58
N GLU A 69 -2.50 3.98 -10.18
CA GLU A 69 -1.22 4.64 -10.39
C GLU A 69 -0.65 5.16 -9.08
N LEU A 70 0.58 4.79 -8.78
CA LEU A 70 1.24 5.23 -7.55
C LEU A 70 1.40 6.74 -7.53
N TYR A 71 1.01 7.35 -6.41
CA TYR A 71 1.11 8.80 -6.26
C TYR A 71 2.47 9.31 -6.74
N ASN A 72 3.50 8.52 -6.49
CA ASN A 72 4.86 8.89 -6.89
C ASN A 72 5.65 7.65 -7.34
N GLU A 73 6.90 7.87 -7.72
CA GLU A 73 7.76 6.78 -8.17
C GLU A 73 8.30 5.99 -6.97
N VAL A 74 8.49 4.69 -7.17
CA VAL A 74 8.99 3.82 -6.11
C VAL A 74 9.99 2.82 -6.66
N LYS A 75 11.21 2.84 -6.11
CA LYS A 75 12.25 1.92 -6.54
C LYS A 75 11.70 0.51 -6.74
N VAL A 76 11.36 0.18 -7.98
CA VAL A 76 10.82 -1.13 -8.30
C VAL A 76 11.91 -2.19 -8.26
N GLU A 77 13.09 -1.84 -8.79
CA GLU A 77 14.22 -2.77 -8.81
C GLU A 77 14.56 -3.24 -7.40
N GLU A 78 14.14 -2.46 -6.40
CA GLU A 78 14.41 -2.80 -5.01
C GLU A 78 13.15 -3.30 -4.32
N SER A 79 12.02 -2.65 -4.63
CA SER A 79 10.74 -3.03 -4.03
C SER A 79 10.54 -4.54 -4.07
N SER A 80 9.76 -5.05 -3.13
CA SER A 80 9.49 -6.49 -3.06
C SER A 80 8.39 -6.78 -2.05
N TRP A 81 7.60 -7.81 -2.32
CA TRP A 81 6.52 -8.19 -1.42
C TRP A 81 6.71 -9.62 -0.92
N LEU A 82 5.98 -9.97 0.13
CA LEU A 82 6.06 -11.31 0.71
C LEU A 82 4.70 -11.77 1.23
N ILE A 83 4.60 -13.05 1.57
CA ILE A 83 3.37 -13.61 2.08
C ILE A 83 3.42 -13.78 3.59
N GLU A 84 2.52 -13.08 4.29
CA GLU A 84 2.47 -13.16 5.75
C GLU A 84 1.40 -14.14 6.20
N ASP A 85 1.78 -15.06 7.08
CA ASP A 85 0.86 -16.06 7.60
C ASP A 85 -0.06 -16.57 6.49
N GLY A 86 0.48 -16.67 5.28
CA GLY A 86 -0.30 -17.14 4.15
C GLY A 86 -1.73 -16.63 4.18
N LYS A 87 -1.93 -15.50 4.84
CA LYS A 87 -3.27 -14.90 4.95
C LYS A 87 -3.24 -13.43 4.52
N VAL A 88 -2.04 -12.85 4.50
CA VAL A 88 -1.89 -11.46 4.10
C VAL A 88 -0.70 -11.29 3.15
N VAL A 89 -0.83 -10.35 2.21
CA VAL A 89 0.23 -10.09 1.25
C VAL A 89 0.83 -8.70 1.45
N THR A 90 1.97 -8.64 2.13
CA THR A 90 2.63 -7.37 2.39
C THR A 90 3.57 -6.99 1.24
N VAL A 91 3.56 -5.72 0.87
CA VAL A 91 4.41 -5.23 -0.22
C VAL A 91 5.24 -4.03 0.23
N HIS A 92 6.55 -4.18 0.15
CA HIS A 92 7.46 -3.10 0.56
C HIS A 92 7.78 -2.19 -0.63
N LEU A 93 7.42 -0.93 -0.51
CA LEU A 93 7.66 0.04 -1.58
C LEU A 93 8.71 1.06 -1.14
N GLU A 94 9.85 1.07 -1.83
CA GLU A 94 10.93 2.00 -1.53
C GLU A 94 10.70 3.34 -2.21
N LYS A 95 10.50 4.39 -1.41
CA LYS A 95 10.27 5.72 -1.93
C LYS A 95 11.55 6.28 -2.57
N ILE A 96 11.50 6.49 -3.88
CA ILE A 96 12.65 7.02 -4.61
C ILE A 96 13.34 8.13 -3.81
N ASN A 97 12.55 8.90 -3.07
CA ASN A 97 13.08 9.99 -2.26
C ASN A 97 12.66 9.84 -0.80
N LYS A 98 13.63 9.54 0.06
CA LYS A 98 13.35 9.38 1.48
C LYS A 98 12.83 10.67 2.09
N MET A 99 13.30 11.80 1.56
CA MET A 99 12.87 13.11 2.05
C MET A 99 11.58 13.55 1.36
N GLU A 100 10.77 12.58 0.96
CA GLU A 100 9.50 12.88 0.28
C GLU A 100 8.33 12.22 1.01
N TRP A 101 7.22 12.93 1.09
CA TRP A 101 6.02 12.42 1.76
C TRP A 101 4.96 12.03 0.74
N TRP A 102 4.09 11.10 1.13
CA TRP A 102 3.01 10.66 0.26
C TRP A 102 1.65 11.09 0.79
N ASN A 103 0.71 11.33 -0.12
CA ASN A 103 -0.63 11.76 0.26
C ASN A 103 -1.61 10.59 0.19
N ARG A 104 -1.20 9.52 -0.48
CA ARG A 104 -2.05 8.33 -0.61
C ARG A 104 -1.29 7.20 -1.32
N LEU A 105 -1.81 6.00 -1.18
CA LEU A 105 -1.19 4.83 -1.81
C LEU A 105 -1.30 4.89 -3.33
N VAL A 106 -2.54 4.98 -3.82
CA VAL A 106 -2.80 5.05 -5.25
C VAL A 106 -3.95 6.00 -5.56
N THR A 107 -3.86 6.68 -6.69
CA THR A 107 -4.90 7.62 -7.10
C THR A 107 -6.28 7.08 -6.79
N SER A 108 -6.49 5.78 -7.03
CA SER A 108 -7.77 5.15 -6.76
C SER A 108 -8.20 5.36 -5.31
N ASP A 109 -7.27 5.14 -4.38
CA ASP A 109 -7.55 5.30 -2.97
C ASP A 109 -7.75 6.77 -2.62
N PRO A 110 -8.38 7.02 -1.46
CA PRO A 110 -8.64 8.39 -1.00
C PRO A 110 -7.37 9.12 -0.57
N GLU A 111 -7.41 10.44 -0.63
CA GLU A 111 -6.26 11.26 -0.26
C GLU A 111 -6.36 11.70 1.20
N ILE A 112 -5.21 11.77 1.86
CA ILE A 112 -5.16 12.19 3.26
C ILE A 112 -4.28 13.42 3.45
N ASN A 113 -4.73 14.34 4.30
CA ASN A 113 -3.99 15.56 4.57
C ASN A 113 -2.56 15.26 4.98
N THR A 114 -1.62 16.06 4.50
CA THR A 114 -0.21 15.89 4.82
C THR A 114 0.40 17.17 5.35
N LYS A 115 1.40 17.02 6.23
CA LYS A 115 2.07 18.17 6.81
C LYS A 115 3.55 17.86 7.09
N SER A 116 4.42 18.76 6.67
CA SER A 116 5.85 18.58 6.87
C SER A 116 6.41 19.66 7.80
N GLY A 117 7.19 19.22 8.79
CA GLY A 117 7.77 20.15 9.74
C GLY A 117 7.10 20.10 11.10
N PRO A 118 7.91 20.20 12.16
CA PRO A 118 7.41 20.15 13.54
C PRO A 118 6.63 21.41 13.91
N SER A 119 6.13 21.45 15.14
CA SER A 119 5.35 22.59 15.61
C SER A 119 6.28 23.73 16.04
N SER A 120 5.85 24.96 15.77
CA SER A 120 6.63 26.13 16.11
C SER A 120 5.76 27.21 16.74
N GLY A 121 6.12 27.62 17.95
CA GLY A 121 5.35 28.65 18.63
C GLY A 121 6.05 30.00 18.63
N GLY A 1 -25.04 16.97 4.81
CA GLY A 1 -25.99 15.91 4.53
C GLY A 1 -25.59 14.60 5.21
N SER A 2 -25.43 13.56 4.41
CA SER A 2 -25.06 12.25 4.94
C SER A 2 -23.62 12.25 5.44
N SER A 3 -23.43 11.75 6.65
CA SER A 3 -22.10 11.69 7.25
C SER A 3 -21.58 10.26 7.32
N GLY A 4 -20.85 9.85 6.29
CA GLY A 4 -20.32 8.50 6.25
C GLY A 4 -18.91 8.45 5.67
N SER A 5 -17.94 8.84 6.48
CA SER A 5 -16.54 8.85 6.05
C SER A 5 -15.75 7.75 6.75
N SER A 6 -14.77 7.19 6.04
CA SER A 6 -13.94 6.13 6.60
C SER A 6 -12.48 6.32 6.21
N GLY A 7 -11.57 5.82 7.05
CA GLY A 7 -10.16 5.95 6.77
C GLY A 7 -9.49 7.01 7.62
N LYS A 8 -8.72 6.57 8.62
CA LYS A 8 -8.03 7.50 9.50
C LYS A 8 -6.52 7.37 9.35
N PRO A 9 -5.80 8.47 9.65
CA PRO A 9 -4.34 8.51 9.54
C PRO A 9 -3.66 7.64 10.62
N ASN A 10 -3.16 6.48 10.21
CA ASN A 10 -2.49 5.58 11.13
C ASN A 10 -1.12 6.13 11.54
N LEU A 11 -0.53 5.52 12.56
CA LEU A 11 0.78 5.94 13.04
C LEU A 11 1.75 6.16 11.89
N GLY A 12 1.68 5.30 10.88
CA GLY A 12 2.55 5.42 9.73
C GLY A 12 2.02 6.40 8.71
N ASN A 13 1.39 7.48 9.17
CA ASN A 13 0.84 8.49 8.29
C ASN A 13 0.15 7.85 7.09
N GLY A 14 -0.46 6.69 7.32
CA GLY A 14 -1.14 6.00 6.24
C GLY A 14 -2.65 6.11 6.34
N ALA A 15 -3.36 5.07 5.88
CA ALA A 15 -4.81 5.07 5.93
C ALA A 15 -5.34 3.67 6.21
N ASP A 16 -6.09 3.54 7.31
CA ASP A 16 -6.66 2.25 7.70
C ASP A 16 -7.94 1.96 6.91
N LEU A 17 -7.85 1.05 5.95
CA LEU A 17 -9.01 0.69 5.13
C LEU A 17 -9.49 -0.72 5.48
N PRO A 18 -10.79 -0.97 5.26
CA PRO A 18 -11.40 -2.27 5.53
C PRO A 18 -10.93 -3.34 4.55
N ASN A 19 -10.50 -2.92 3.37
CA ASN A 19 -10.03 -3.85 2.36
C ASN A 19 -8.55 -4.16 2.55
N TYR A 20 -7.79 -3.17 2.99
CA TYR A 20 -6.36 -3.34 3.22
C TYR A 20 -5.77 -2.13 3.92
N ARG A 21 -4.70 -2.35 4.69
CA ARG A 21 -4.05 -1.27 5.42
C ARG A 21 -2.64 -1.04 4.89
N TRP A 22 -2.28 0.23 4.72
CA TRP A 22 -0.95 0.58 4.22
C TRP A 22 -0.42 1.83 4.92
N THR A 23 0.86 1.80 5.27
CA THR A 23 1.49 2.93 5.96
C THR A 23 2.64 3.50 5.13
N GLN A 24 2.85 4.81 5.25
CA GLN A 24 3.91 5.48 4.51
C GLN A 24 4.86 6.20 5.46
N THR A 25 6.15 6.13 5.17
CA THR A 25 7.16 6.78 5.99
C THR A 25 8.22 7.46 5.13
N LEU A 26 8.72 8.60 5.61
CA LEU A 26 9.73 9.35 4.88
C LEU A 26 10.73 8.41 4.20
N ALA A 27 10.91 7.22 4.78
CA ALA A 27 11.82 6.24 4.23
C ALA A 27 11.18 5.48 3.07
N GLU A 28 10.16 4.68 3.38
CA GLU A 28 9.46 3.91 2.36
C GLU A 28 8.00 3.70 2.75
N LEU A 29 7.25 3.03 1.88
CA LEU A 29 5.84 2.75 2.13
C LEU A 29 5.61 1.27 2.36
N ASP A 30 4.44 0.93 2.87
CA ASP A 30 4.09 -0.46 3.14
C ASP A 30 2.59 -0.70 2.93
N LEU A 31 2.26 -1.77 2.21
CA LEU A 31 0.87 -2.10 1.93
C LEU A 31 0.55 -3.52 2.41
N ALA A 32 -0.57 -3.66 3.11
CA ALA A 32 -1.00 -4.96 3.61
C ALA A 32 -2.42 -5.29 3.16
N VAL A 33 -2.56 -6.37 2.42
CA VAL A 33 -3.87 -6.81 1.93
C VAL A 33 -4.28 -8.13 2.55
N PRO A 34 -5.09 -8.06 3.63
CA PRO A 34 -5.57 -9.25 4.33
C PRO A 34 -6.58 -10.03 3.51
N PHE A 35 -6.32 -11.33 3.34
CA PHE A 35 -7.21 -12.19 2.58
C PHE A 35 -7.82 -13.27 3.46
N ARG A 36 -9.14 -13.21 3.64
CA ARG A 36 -9.85 -14.18 4.46
C ARG A 36 -9.67 -15.60 3.92
N VAL A 37 -8.50 -16.19 4.20
CA VAL A 37 -8.21 -17.53 3.74
C VAL A 37 -7.91 -18.47 4.91
N SER A 38 -8.26 -19.74 4.76
CA SER A 38 -8.03 -20.72 5.81
C SER A 38 -6.86 -21.63 5.45
N PHE A 39 -6.12 -21.26 4.40
CA PHE A 39 -4.97 -22.04 3.96
C PHE A 39 -3.75 -21.14 3.77
N ARG A 40 -2.65 -21.74 3.33
CA ARG A 40 -1.41 -21.00 3.11
C ARG A 40 -1.40 -20.38 1.72
N LEU A 41 -1.03 -19.11 1.65
CA LEU A 41 -0.98 -18.38 0.37
C LEU A 41 0.39 -18.57 -0.30
N LYS A 42 0.37 -18.93 -1.57
CA LYS A 42 1.60 -19.13 -2.32
C LYS A 42 1.81 -18.01 -3.34
N GLY A 43 3.04 -17.51 -3.42
CA GLY A 43 3.34 -16.44 -4.36
C GLY A 43 2.63 -16.61 -5.68
N LYS A 44 2.44 -17.87 -6.10
CA LYS A 44 1.77 -18.17 -7.36
C LYS A 44 0.26 -17.97 -7.22
N ASP A 45 -0.28 -18.35 -6.08
CA ASP A 45 -1.72 -18.22 -5.82
C ASP A 45 -2.16 -16.78 -5.99
N VAL A 46 -1.32 -15.84 -5.56
CA VAL A 46 -1.63 -14.42 -5.67
C VAL A 46 -0.88 -13.78 -6.82
N VAL A 47 -1.28 -12.56 -7.19
CA VAL A 47 -0.65 -11.84 -8.28
C VAL A 47 -0.39 -10.38 -7.90
N VAL A 48 0.87 -10.06 -7.66
CA VAL A 48 1.26 -8.70 -7.29
C VAL A 48 2.29 -8.14 -8.26
N ASP A 49 1.89 -7.11 -9.01
CA ASP A 49 2.78 -6.47 -9.97
C ASP A 49 3.24 -5.11 -9.47
N ILE A 50 4.55 -4.97 -9.27
CA ILE A 50 5.11 -3.72 -8.80
C ILE A 50 5.90 -3.02 -9.89
N GLN A 51 5.60 -1.74 -10.10
CA GLN A 51 6.27 -0.95 -11.13
C GLN A 51 6.85 0.33 -10.53
N ARG A 52 7.44 1.15 -11.39
CA ARG A 52 8.04 2.40 -10.96
C ARG A 52 7.01 3.30 -10.28
N ARG A 53 5.90 3.55 -10.99
CA ARG A 53 4.84 4.39 -10.47
C ARG A 53 3.49 3.70 -10.60
N HIS A 54 3.50 2.37 -10.59
CA HIS A 54 2.27 1.59 -10.71
C HIS A 54 2.37 0.30 -9.91
N LEU A 55 1.32 -0.02 -9.16
CA LEU A 55 1.28 -1.23 -8.35
C LEU A 55 -0.05 -1.95 -8.50
N ARG A 56 0.00 -3.27 -8.56
CA ARG A 56 -1.20 -4.09 -8.70
C ARG A 56 -1.16 -5.29 -7.77
N VAL A 57 -2.28 -5.55 -7.10
CA VAL A 57 -2.37 -6.67 -6.17
C VAL A 57 -3.72 -7.37 -6.29
N GLY A 58 -3.70 -8.70 -6.22
CA GLY A 58 -4.93 -9.47 -6.31
C GLY A 58 -4.68 -10.95 -6.50
N LEU A 59 -5.64 -11.77 -6.11
CA LEU A 59 -5.52 -13.21 -6.23
C LEU A 59 -5.59 -13.65 -7.68
N LYS A 60 -4.65 -14.49 -8.09
CA LYS A 60 -4.61 -14.98 -9.47
C LYS A 60 -6.01 -15.09 -10.05
N GLY A 61 -6.76 -16.08 -9.59
CA GLY A 61 -8.12 -16.27 -10.07
C GLY A 61 -9.11 -15.30 -9.45
N GLN A 62 -8.84 -14.01 -9.62
CA GLN A 62 -9.72 -12.98 -9.06
C GLN A 62 -9.26 -11.59 -9.50
N PRO A 63 -10.13 -10.59 -9.32
CA PRO A 63 -9.85 -9.20 -9.69
C PRO A 63 -8.80 -8.57 -8.78
N PRO A 64 -8.06 -7.59 -9.32
CA PRO A 64 -7.01 -6.88 -8.58
C PRO A 64 -7.59 -5.98 -7.49
N VAL A 65 -7.38 -6.38 -6.24
CA VAL A 65 -7.87 -5.61 -5.10
C VAL A 65 -7.33 -4.19 -5.12
N VAL A 66 -6.13 -4.03 -5.65
CA VAL A 66 -5.49 -2.72 -5.74
C VAL A 66 -5.02 -2.43 -7.16
N ASP A 67 -5.71 -1.53 -7.84
CA ASP A 67 -5.35 -1.16 -9.20
C ASP A 67 -5.36 0.36 -9.38
N GLY A 68 -4.16 0.94 -9.40
CA GLY A 68 -4.05 2.39 -9.56
C GLY A 68 -2.60 2.84 -9.71
N GLU A 69 -2.42 4.03 -10.24
CA GLU A 69 -1.08 4.59 -10.44
C GLU A 69 -0.55 5.20 -9.15
N LEU A 70 0.62 4.76 -8.72
CA LEU A 70 1.25 5.27 -7.51
C LEU A 70 1.32 6.80 -7.53
N TYR A 71 1.19 7.41 -6.36
CA TYR A 71 1.23 8.86 -6.25
C TYR A 71 2.61 9.40 -6.63
N ASN A 72 3.65 8.63 -6.31
CA ASN A 72 5.02 9.03 -6.63
C ASN A 72 5.84 7.82 -7.06
N GLU A 73 7.04 8.08 -7.57
CA GLU A 73 7.93 7.01 -8.03
C GLU A 73 8.46 6.20 -6.85
N VAL A 74 8.65 4.90 -7.07
CA VAL A 74 9.15 4.01 -6.02
C VAL A 74 10.16 3.02 -6.59
N LYS A 75 11.34 2.99 -5.98
CA LYS A 75 12.41 2.08 -6.41
C LYS A 75 11.87 0.67 -6.58
N VAL A 76 11.41 0.35 -7.79
CA VAL A 76 10.88 -0.98 -8.09
C VAL A 76 11.98 -2.04 -8.02
N GLU A 77 13.13 -1.72 -8.59
CA GLU A 77 14.26 -2.64 -8.60
C GLU A 77 14.58 -3.12 -7.20
N GLU A 78 14.10 -2.39 -6.19
CA GLU A 78 14.33 -2.75 -4.80
C GLU A 78 13.04 -3.22 -4.14
N SER A 79 11.92 -2.66 -4.58
CA SER A 79 10.62 -3.02 -4.02
C SER A 79 10.42 -4.53 -4.03
N SER A 80 9.59 -5.01 -3.12
CA SER A 80 9.31 -6.44 -3.02
C SER A 80 8.19 -6.71 -2.03
N TRP A 81 7.44 -7.78 -2.26
CA TRP A 81 6.33 -8.15 -1.39
C TRP A 81 6.50 -9.58 -0.87
N LEU A 82 5.85 -9.88 0.25
CA LEU A 82 5.92 -11.21 0.85
C LEU A 82 4.59 -11.60 1.47
N ILE A 83 4.35 -12.90 1.56
CA ILE A 83 3.11 -13.41 2.14
C ILE A 83 3.28 -13.67 3.64
N GLU A 84 2.49 -12.94 4.45
CA GLU A 84 2.55 -13.10 5.89
C GLU A 84 1.54 -14.12 6.38
N ASP A 85 1.97 -15.03 7.24
CA ASP A 85 1.10 -16.06 7.78
C ASP A 85 0.25 -16.68 6.68
N GLY A 86 0.82 -16.79 5.48
CA GLY A 86 0.09 -17.35 4.36
C GLY A 86 -1.35 -16.88 4.31
N LYS A 87 -1.61 -15.71 4.89
CA LYS A 87 -2.96 -15.15 4.90
C LYS A 87 -2.96 -13.73 4.35
N VAL A 88 -1.88 -12.99 4.62
CA VAL A 88 -1.75 -11.61 4.15
C VAL A 88 -0.60 -11.48 3.16
N VAL A 89 -0.66 -10.43 2.34
CA VAL A 89 0.39 -10.18 1.35
C VAL A 89 0.93 -8.76 1.47
N THR A 90 2.00 -8.60 2.23
CA THR A 90 2.62 -7.29 2.42
C THR A 90 3.50 -6.91 1.24
N VAL A 91 3.43 -5.65 0.83
CA VAL A 91 4.22 -5.16 -0.29
C VAL A 91 5.05 -3.95 0.10
N HIS A 92 6.38 -4.12 0.09
CA HIS A 92 7.29 -3.04 0.45
C HIS A 92 7.57 -2.14 -0.76
N LEU A 93 7.30 -0.86 -0.61
CA LEU A 93 7.53 0.10 -1.68
C LEU A 93 8.60 1.12 -1.30
N GLU A 94 9.73 1.07 -2.00
CA GLU A 94 10.83 1.98 -1.73
C GLU A 94 10.62 3.33 -2.42
N LYS A 95 10.65 4.40 -1.65
CA LYS A 95 10.47 5.74 -2.20
C LYS A 95 11.77 6.29 -2.76
N ILE A 96 11.75 6.64 -4.04
CA ILE A 96 12.94 7.17 -4.70
C ILE A 96 13.62 8.22 -3.82
N ASN A 97 12.83 9.01 -3.11
CA ASN A 97 13.36 10.04 -2.23
C ASN A 97 12.93 9.80 -0.78
N LYS A 98 13.90 9.66 0.10
CA LYS A 98 13.63 9.43 1.52
C LYS A 98 13.15 10.72 2.19
N MET A 99 13.26 11.83 1.47
CA MET A 99 12.84 13.13 2.00
C MET A 99 11.55 13.59 1.34
N GLU A 100 10.66 12.64 1.06
CA GLU A 100 9.38 12.95 0.43
C GLU A 100 8.24 12.31 1.19
N TRP A 101 7.11 13.02 1.27
CA TRP A 101 5.93 12.51 1.97
C TRP A 101 4.81 12.19 0.98
N TRP A 102 4.06 11.14 1.27
CA TRP A 102 2.95 10.73 0.41
C TRP A 102 1.61 11.11 1.03
N ASN A 103 0.59 11.22 0.19
CA ASN A 103 -0.75 11.57 0.66
C ASN A 103 -1.75 10.47 0.35
N ARG A 104 -1.30 9.48 -0.42
CA ARG A 104 -2.17 8.35 -0.78
C ARG A 104 -1.36 7.26 -1.48
N LEU A 105 -1.65 6.01 -1.15
CA LEU A 105 -0.96 4.87 -1.74
C LEU A 105 -0.99 4.96 -3.27
N VAL A 106 -2.19 4.92 -3.83
CA VAL A 106 -2.35 4.99 -5.28
C VAL A 106 -3.36 6.07 -5.66
N THR A 107 -3.62 6.19 -6.96
CA THR A 107 -4.56 7.20 -7.46
C THR A 107 -6.00 6.76 -7.21
N SER A 108 -6.19 5.47 -7.00
CA SER A 108 -7.53 4.93 -6.75
C SER A 108 -7.88 4.99 -5.26
N ASP A 109 -6.91 5.41 -4.45
CA ASP A 109 -7.10 5.51 -3.01
C ASP A 109 -7.31 6.96 -2.59
N PRO A 110 -7.93 7.17 -1.43
CA PRO A 110 -8.20 8.51 -0.90
C PRO A 110 -6.92 9.22 -0.45
N GLU A 111 -7.05 10.49 -0.08
CA GLU A 111 -5.91 11.28 0.37
C GLU A 111 -5.98 11.54 1.87
N ILE A 112 -4.87 11.99 2.44
CA ILE A 112 -4.81 12.27 3.87
C ILE A 112 -4.02 13.56 4.14
N ASN A 113 -4.66 14.49 4.83
CA ASN A 113 -4.02 15.77 5.16
C ASN A 113 -2.63 15.53 5.76
N THR A 114 -1.61 15.62 4.91
CA THR A 114 -0.24 15.42 5.36
C THR A 114 0.18 16.51 6.33
N LYS A 115 -0.16 17.76 6.01
CA LYS A 115 0.19 18.90 6.85
C LYS A 115 -0.53 18.81 8.19
N SER A 116 -1.86 18.75 8.14
CA SER A 116 -2.67 18.67 9.35
C SER A 116 -2.47 19.92 10.22
N GLY A 117 -2.43 21.08 9.58
CA GLY A 117 -2.25 22.32 10.32
C GLY A 117 -0.83 22.84 10.22
N PRO A 118 -0.57 24.00 10.84
CA PRO A 118 0.75 24.63 10.84
C PRO A 118 1.77 23.84 11.66
N SER A 119 3.05 24.03 11.34
CA SER A 119 4.12 23.33 12.05
C SER A 119 4.87 24.29 12.97
N SER A 120 4.41 24.37 14.22
CA SER A 120 5.04 25.25 15.20
C SER A 120 5.16 26.68 14.65
N GLY A 121 4.10 27.15 14.01
CA GLY A 121 4.10 28.49 13.46
C GLY A 121 2.74 28.91 12.93
N GLY A 1 -11.18 15.30 17.44
CA GLY A 1 -11.96 14.31 16.72
C GLY A 1 -11.34 13.95 15.38
N SER A 2 -11.78 12.84 14.80
CA SER A 2 -11.26 12.38 13.52
C SER A 2 -12.13 12.88 12.36
N SER A 3 -11.63 13.87 11.64
CA SER A 3 -12.36 14.44 10.51
C SER A 3 -12.27 13.53 9.29
N GLY A 4 -13.42 13.10 8.80
CA GLY A 4 -13.45 12.22 7.64
C GLY A 4 -14.39 11.04 7.83
N SER A 5 -14.97 10.57 6.72
CA SER A 5 -15.90 9.45 6.77
C SER A 5 -15.46 8.35 5.80
N SER A 6 -15.19 8.74 4.56
CA SER A 6 -14.77 7.79 3.53
C SER A 6 -13.53 7.03 3.98
N GLY A 7 -12.57 7.75 4.55
CA GLY A 7 -11.34 7.12 5.02
C GLY A 7 -10.69 7.89 6.15
N LYS A 8 -9.99 7.17 7.02
CA LYS A 8 -9.33 7.79 8.16
C LYS A 8 -7.88 7.31 8.26
N PRO A 9 -7.01 8.18 8.81
CA PRO A 9 -5.59 7.87 8.98
C PRO A 9 -5.34 6.80 10.03
N ASN A 10 -4.08 6.46 10.25
CA ASN A 10 -3.71 5.45 11.23
C ASN A 10 -2.43 5.82 11.95
N LEU A 11 -1.94 4.94 12.80
CA LEU A 11 -0.71 5.17 13.56
C LEU A 11 0.51 4.99 12.67
N GLY A 12 0.48 5.62 11.50
CA GLY A 12 1.60 5.51 10.57
C GLY A 12 1.48 6.46 9.41
N ASN A 13 0.89 7.63 9.66
CA ASN A 13 0.71 8.64 8.62
C ASN A 13 0.17 8.00 7.34
N GLY A 14 -0.76 7.07 7.49
CA GLY A 14 -1.35 6.41 6.35
C GLY A 14 -2.86 6.50 6.33
N ALA A 15 -3.51 5.41 5.95
CA ALA A 15 -4.98 5.37 5.89
C ALA A 15 -5.50 3.97 6.17
N ASP A 16 -6.31 3.85 7.22
CA ASP A 16 -6.88 2.56 7.59
C ASP A 16 -8.13 2.25 6.77
N LEU A 17 -8.01 1.32 5.84
CA LEU A 17 -9.13 0.93 4.99
C LEU A 17 -9.69 -0.42 5.39
N PRO A 18 -10.99 -0.63 5.14
CA PRO A 18 -11.67 -1.89 5.47
C PRO A 18 -11.21 -3.04 4.58
N ASN A 19 -10.59 -2.71 3.45
CA ASN A 19 -10.10 -3.72 2.52
C ASN A 19 -8.65 -4.07 2.81
N TYR A 20 -7.90 -3.09 3.31
CA TYR A 20 -6.49 -3.29 3.62
C TYR A 20 -5.91 -2.05 4.31
N ARG A 21 -4.79 -2.24 5.00
CA ARG A 21 -4.12 -1.15 5.71
C ARG A 21 -2.73 -0.91 5.14
N TRP A 22 -2.45 0.34 4.78
CA TRP A 22 -1.15 0.70 4.23
C TRP A 22 -0.64 1.99 4.86
N THR A 23 0.64 1.99 5.23
CA THR A 23 1.26 3.16 5.84
C THR A 23 2.40 3.71 4.98
N GLN A 24 2.75 4.96 5.20
CA GLN A 24 3.82 5.60 4.45
C GLN A 24 4.74 6.39 5.38
N THR A 25 6.05 6.26 5.16
CA THR A 25 7.03 6.96 5.98
C THR A 25 8.11 7.59 5.11
N LEU A 26 8.58 8.77 5.52
CA LEU A 26 9.62 9.48 4.78
C LEU A 26 10.62 8.50 4.17
N ALA A 27 10.81 7.37 4.83
CA ALA A 27 11.73 6.35 4.34
C ALA A 27 11.12 5.56 3.19
N GLU A 28 10.09 4.78 3.49
CA GLU A 28 9.42 3.96 2.48
C GLU A 28 7.95 3.79 2.83
N LEU A 29 7.22 3.13 1.93
CA LEU A 29 5.79 2.89 2.13
C LEU A 29 5.52 1.39 2.31
N ASP A 30 4.64 1.06 3.26
CA ASP A 30 4.29 -0.32 3.53
C ASP A 30 2.83 -0.58 3.20
N LEU A 31 2.50 -1.84 2.92
CA LEU A 31 1.13 -2.22 2.59
C LEU A 31 0.82 -3.62 3.10
N ALA A 32 -0.42 -3.83 3.55
CA ALA A 32 -0.84 -5.12 4.06
C ALA A 32 -2.28 -5.43 3.65
N VAL A 33 -2.45 -6.36 2.73
CA VAL A 33 -3.78 -6.75 2.26
C VAL A 33 -4.20 -8.10 2.83
N PRO A 34 -5.09 -8.05 3.83
CA PRO A 34 -5.60 -9.26 4.49
C PRO A 34 -6.50 -10.08 3.58
N PHE A 35 -6.13 -11.34 3.35
CA PHE A 35 -6.91 -12.22 2.51
C PHE A 35 -7.66 -13.26 3.34
N ARG A 36 -8.99 -13.16 3.34
CA ARG A 36 -9.82 -14.08 4.10
C ARG A 36 -9.66 -15.51 3.58
N VAL A 37 -8.58 -16.15 3.98
CA VAL A 37 -8.30 -17.53 3.55
C VAL A 37 -8.04 -18.43 4.76
N SER A 38 -8.41 -19.70 4.63
CA SER A 38 -8.21 -20.67 5.70
C SER A 38 -7.05 -21.59 5.39
N PHE A 39 -6.16 -21.15 4.52
CA PHE A 39 -4.99 -21.94 4.13
C PHE A 39 -3.79 -21.04 3.85
N ARG A 40 -2.70 -21.66 3.39
CA ARG A 40 -1.48 -20.92 3.10
C ARG A 40 -1.47 -20.43 1.66
N LEU A 41 -1.20 -19.15 1.47
CA LEU A 41 -1.17 -18.56 0.14
C LEU A 41 0.20 -18.74 -0.51
N LYS A 42 0.20 -19.20 -1.75
CA LYS A 42 1.44 -19.43 -2.49
C LYS A 42 1.73 -18.26 -3.43
N GLY A 43 2.99 -17.88 -3.50
CA GLY A 43 3.39 -16.78 -4.38
C GLY A 43 2.65 -16.81 -5.70
N LYS A 44 2.46 -18.00 -6.25
CA LYS A 44 1.78 -18.16 -7.52
C LYS A 44 0.29 -17.86 -7.38
N ASP A 45 -0.29 -18.28 -6.26
CA ASP A 45 -1.71 -18.06 -6.00
C ASP A 45 -2.04 -16.58 -6.04
N VAL A 46 -1.16 -15.76 -5.46
CA VAL A 46 -1.35 -14.32 -5.43
C VAL A 46 -0.67 -13.64 -6.62
N VAL A 47 -1.19 -12.49 -7.01
CA VAL A 47 -0.64 -11.74 -8.13
C VAL A 47 -0.29 -10.30 -7.73
N VAL A 48 1.00 -10.03 -7.59
CA VAL A 48 1.46 -8.70 -7.21
C VAL A 48 2.40 -8.12 -8.26
N ASP A 49 1.95 -7.05 -8.92
CA ASP A 49 2.75 -6.40 -9.95
C ASP A 49 3.31 -5.08 -9.45
N ILE A 50 4.64 -5.02 -9.29
CA ILE A 50 5.29 -3.80 -8.82
C ILE A 50 6.04 -3.11 -9.95
N GLN A 51 5.62 -1.87 -10.25
CA GLN A 51 6.25 -1.09 -11.31
C GLN A 51 6.81 0.21 -10.77
N ARG A 52 7.47 0.97 -11.63
CA ARG A 52 8.06 2.25 -11.24
C ARG A 52 7.00 3.18 -10.65
N ARG A 53 5.91 3.34 -11.38
CA ARG A 53 4.82 4.21 -10.94
C ARG A 53 3.48 3.50 -11.07
N HIS A 54 3.46 2.22 -10.72
CA HIS A 54 2.24 1.43 -10.79
C HIS A 54 2.36 0.16 -9.94
N LEU A 55 1.41 -0.03 -9.04
CA LEU A 55 1.42 -1.20 -8.16
C LEU A 55 0.10 -1.97 -8.28
N ARG A 56 0.20 -3.29 -8.24
CA ARG A 56 -1.00 -4.14 -8.34
C ARG A 56 -0.88 -5.33 -7.38
N VAL A 57 -2.02 -5.71 -6.79
CA VAL A 57 -2.05 -6.83 -5.86
C VAL A 57 -3.40 -7.54 -5.91
N GLY A 58 -3.37 -8.87 -5.79
CA GLY A 58 -4.59 -9.64 -5.82
C GLY A 58 -4.33 -11.13 -5.90
N LEU A 59 -5.27 -11.87 -6.48
CA LEU A 59 -5.14 -13.31 -6.62
C LEU A 59 -5.45 -13.76 -8.03
N LYS A 60 -4.70 -14.74 -8.52
CA LYS A 60 -4.90 -15.27 -9.86
C LYS A 60 -6.38 -15.40 -10.19
N GLY A 61 -6.76 -14.96 -11.38
CA GLY A 61 -8.15 -15.05 -11.79
C GLY A 61 -9.02 -14.00 -11.12
N GLN A 62 -9.03 -14.00 -9.80
CA GLN A 62 -9.82 -13.04 -9.03
C GLN A 62 -9.37 -11.62 -9.32
N PRO A 63 -10.23 -10.65 -9.00
CA PRO A 63 -9.94 -9.22 -9.22
C PRO A 63 -8.86 -8.70 -8.28
N PRO A 64 -8.02 -7.79 -8.78
CA PRO A 64 -6.92 -7.20 -8.01
C PRO A 64 -7.43 -6.26 -6.92
N VAL A 65 -7.24 -6.66 -5.66
CA VAL A 65 -7.67 -5.86 -4.53
C VAL A 65 -7.09 -4.45 -4.59
N VAL A 66 -5.87 -4.35 -5.11
CA VAL A 66 -5.19 -3.06 -5.23
C VAL A 66 -4.67 -2.85 -6.64
N ASP A 67 -5.16 -1.81 -7.30
CA ASP A 67 -4.74 -1.49 -8.66
C ASP A 67 -4.93 0.00 -8.96
N GLY A 68 -3.84 0.68 -9.23
CA GLY A 68 -3.91 2.12 -9.53
C GLY A 68 -2.54 2.75 -9.62
N GLU A 69 -2.48 3.91 -10.27
CA GLU A 69 -1.22 4.63 -10.42
C GLU A 69 -0.67 5.08 -9.07
N LEU A 70 0.61 4.84 -8.85
CA LEU A 70 1.25 5.22 -7.60
C LEU A 70 1.43 6.73 -7.51
N TYR A 71 1.07 7.30 -6.36
CA TYR A 71 1.19 8.74 -6.16
C TYR A 71 2.51 9.26 -6.72
N ASN A 72 3.60 8.59 -6.38
CA ASN A 72 4.92 8.99 -6.87
C ASN A 72 5.75 7.76 -7.26
N GLU A 73 6.96 8.01 -7.74
CA GLU A 73 7.84 6.93 -8.17
C GLU A 73 8.31 6.11 -6.97
N VAL A 74 8.61 4.84 -7.22
CA VAL A 74 9.07 3.94 -6.16
C VAL A 74 10.07 2.92 -6.69
N LYS A 75 11.27 2.93 -6.14
CA LYS A 75 12.32 2.00 -6.55
C LYS A 75 11.76 0.60 -6.74
N VAL A 76 11.40 0.26 -7.99
CA VAL A 76 10.86 -1.05 -8.30
C VAL A 76 11.95 -2.12 -8.27
N GLU A 77 13.14 -1.77 -8.73
CA GLU A 77 14.26 -2.70 -8.75
C GLU A 77 14.58 -3.19 -7.35
N GLU A 78 14.21 -2.39 -6.35
CA GLU A 78 14.47 -2.74 -4.96
C GLU A 78 13.19 -3.20 -4.27
N SER A 79 12.08 -2.53 -4.57
CA SER A 79 10.80 -2.87 -3.98
C SER A 79 10.52 -4.37 -4.09
N SER A 80 9.72 -4.89 -3.16
CA SER A 80 9.39 -6.30 -3.15
C SER A 80 8.24 -6.59 -2.18
N TRP A 81 7.76 -7.82 -2.19
CA TRP A 81 6.66 -8.22 -1.31
C TRP A 81 6.88 -9.63 -0.78
N LEU A 82 6.03 -10.03 0.17
CA LEU A 82 6.14 -11.36 0.77
C LEU A 82 4.81 -11.77 1.41
N ILE A 83 4.51 -13.06 1.35
CA ILE A 83 3.27 -13.59 1.93
C ILE A 83 3.42 -13.79 3.43
N GLU A 84 2.50 -13.20 4.19
CA GLU A 84 2.53 -13.32 5.65
C GLU A 84 1.48 -14.32 6.13
N ASP A 85 1.93 -15.28 6.94
CA ASP A 85 1.03 -16.31 7.46
C ASP A 85 0.08 -16.81 6.38
N GLY A 86 0.60 -16.92 5.16
CA GLY A 86 -0.21 -17.40 4.05
C GLY A 86 -1.64 -16.89 4.12
N LYS A 87 -1.82 -15.73 4.75
CA LYS A 87 -3.15 -15.14 4.89
C LYS A 87 -3.14 -13.69 4.43
N VAL A 88 -2.00 -13.04 4.55
CA VAL A 88 -1.86 -11.65 4.14
C VAL A 88 -0.71 -11.47 3.14
N VAL A 89 -0.77 -10.39 2.37
CA VAL A 89 0.26 -10.11 1.38
C VAL A 89 0.85 -8.72 1.59
N THR A 90 2.03 -8.66 2.20
CA THR A 90 2.70 -7.40 2.46
C THR A 90 3.56 -6.98 1.27
N VAL A 91 3.51 -5.69 0.93
CA VAL A 91 4.29 -5.17 -0.18
C VAL A 91 5.08 -3.93 0.24
N HIS A 92 6.41 -4.05 0.19
CA HIS A 92 7.29 -2.94 0.56
C HIS A 92 7.59 -2.05 -0.64
N LEU A 93 7.27 -0.77 -0.51
CA LEU A 93 7.51 0.18 -1.59
C LEU A 93 8.59 1.18 -1.21
N GLU A 94 9.68 1.17 -1.96
CA GLU A 94 10.80 2.09 -1.69
C GLU A 94 10.55 3.45 -2.33
N LYS A 95 10.61 4.50 -1.52
CA LYS A 95 10.38 5.86 -2.00
C LYS A 95 11.67 6.43 -2.59
N ILE A 96 11.68 6.58 -3.92
CA ILE A 96 12.84 7.12 -4.61
C ILE A 96 13.55 8.18 -3.76
N ASN A 97 12.75 9.04 -3.13
CA ASN A 97 13.31 10.11 -2.30
C ASN A 97 12.85 9.93 -0.84
N LYS A 98 13.81 9.70 0.04
CA LYS A 98 13.52 9.51 1.46
C LYS A 98 13.05 10.82 2.09
N MET A 99 13.33 11.93 1.42
CA MET A 99 12.94 13.25 1.91
C MET A 99 11.63 13.69 1.28
N GLU A 100 10.76 12.73 0.98
CA GLU A 100 9.47 13.03 0.37
C GLU A 100 8.36 12.24 1.05
N TRP A 101 7.18 12.85 1.16
CA TRP A 101 6.03 12.21 1.79
C TRP A 101 5.07 11.67 0.74
N TRP A 102 4.01 11.00 1.19
CA TRP A 102 3.02 10.44 0.28
C TRP A 102 1.61 10.83 0.72
N ASN A 103 0.77 11.18 -0.24
CA ASN A 103 -0.61 11.57 0.05
C ASN A 103 -1.53 10.34 0.10
N ARG A 104 -1.11 9.29 -0.58
CA ARG A 104 -1.89 8.05 -0.63
C ARG A 104 -1.14 6.96 -1.38
N LEU A 105 -1.66 5.74 -1.30
CA LEU A 105 -1.03 4.60 -1.98
C LEU A 105 -1.24 4.67 -3.49
N VAL A 106 -2.50 4.71 -3.90
CA VAL A 106 -2.84 4.79 -5.32
C VAL A 106 -3.91 5.85 -5.56
N THR A 107 -3.82 6.52 -6.71
CA THR A 107 -4.78 7.55 -7.07
C THR A 107 -6.20 7.15 -6.67
N SER A 108 -6.54 5.88 -6.89
CA SER A 108 -7.86 5.37 -6.56
C SER A 108 -8.17 5.60 -5.08
N ASP A 109 -7.18 5.37 -4.23
CA ASP A 109 -7.34 5.56 -2.79
C ASP A 109 -7.57 7.03 -2.45
N PRO A 110 -8.14 7.29 -1.27
CA PRO A 110 -8.43 8.65 -0.81
C PRO A 110 -7.16 9.43 -0.47
N GLU A 111 -7.31 10.74 -0.27
CA GLU A 111 -6.18 11.58 0.06
C GLU A 111 -6.16 11.92 1.55
N ILE A 112 -4.97 12.15 2.08
CA ILE A 112 -4.81 12.48 3.49
C ILE A 112 -3.86 13.65 3.68
N ASN A 113 -4.24 14.59 4.55
CA ASN A 113 -3.42 15.77 4.81
C ASN A 113 -2.01 15.36 5.23
N THR A 114 -1.03 15.79 4.45
CA THR A 114 0.37 15.47 4.73
C THR A 114 1.14 16.71 5.17
N LYS A 115 1.84 16.61 6.30
CA LYS A 115 2.61 17.72 6.83
C LYS A 115 4.11 17.47 6.64
N SER A 116 4.88 18.56 6.54
CA SER A 116 6.32 18.47 6.36
C SER A 116 7.05 19.39 7.32
N GLY A 117 7.96 18.81 8.10
CA GLY A 117 8.73 19.60 9.05
C GLY A 117 10.19 19.23 9.08
N PRO A 118 11.06 20.23 9.29
CA PRO A 118 12.51 20.03 9.33
C PRO A 118 12.95 19.26 10.57
N SER A 119 11.98 18.86 11.38
CA SER A 119 12.27 18.12 12.61
C SER A 119 13.50 17.23 12.43
N SER A 120 14.38 17.26 13.43
CA SER A 120 15.61 16.47 13.38
C SER A 120 15.35 15.11 12.72
N GLY A 121 16.12 14.80 11.69
CA GLY A 121 15.95 13.54 11.00
C GLY A 121 16.51 12.37 11.78
N GLY A 1 -24.74 8.02 0.72
CA GLY A 1 -24.05 7.03 -0.08
C GLY A 1 -22.76 6.57 0.56
N SER A 2 -21.96 7.52 1.02
CA SER A 2 -20.68 7.21 1.65
C SER A 2 -20.48 8.03 2.92
N SER A 3 -19.62 7.54 3.81
CA SER A 3 -19.35 8.23 5.06
C SER A 3 -18.55 9.51 4.81
N GLY A 4 -18.41 10.33 5.85
CA GLY A 4 -17.66 11.57 5.73
C GLY A 4 -16.17 11.34 5.60
N SER A 5 -15.63 10.46 6.44
CA SER A 5 -14.21 10.17 6.43
C SER A 5 -13.96 8.73 5.96
N SER A 6 -13.87 8.55 4.64
CA SER A 6 -13.64 7.24 4.07
C SER A 6 -12.36 6.62 4.62
N GLY A 7 -11.28 7.40 4.60
CA GLY A 7 -10.00 6.91 5.10
C GLY A 7 -9.51 7.71 6.29
N LYS A 8 -9.23 7.02 7.40
CA LYS A 8 -8.75 7.67 8.61
C LYS A 8 -7.24 7.48 8.76
N PRO A 9 -6.56 8.54 9.22
CA PRO A 9 -5.10 8.51 9.42
C PRO A 9 -4.70 7.62 10.59
N ASN A 10 -4.30 6.40 10.29
CA ASN A 10 -3.89 5.45 11.32
C ASN A 10 -2.62 5.92 12.02
N LEU A 11 -2.10 5.09 12.91
CA LEU A 11 -0.88 5.42 13.64
C LEU A 11 0.36 5.20 12.79
N GLY A 12 0.28 5.61 11.54
CA GLY A 12 1.41 5.45 10.63
C GLY A 12 1.36 6.41 9.46
N ASN A 13 0.84 7.60 9.70
CA ASN A 13 0.73 8.61 8.65
C ASN A 13 0.16 8.02 7.37
N GLY A 14 -0.72 7.04 7.53
CA GLY A 14 -1.33 6.40 6.37
C GLY A 14 -2.84 6.47 6.40
N ALA A 15 -3.49 5.39 5.97
CA ALA A 15 -4.95 5.34 5.95
C ALA A 15 -5.45 3.93 6.23
N ASP A 16 -6.27 3.79 7.26
CA ASP A 16 -6.82 2.49 7.63
C ASP A 16 -8.09 2.19 6.83
N LEU A 17 -7.95 1.37 5.81
CA LEU A 17 -9.08 0.99 4.96
C LEU A 17 -9.63 -0.37 5.35
N PRO A 18 -10.94 -0.58 5.11
CA PRO A 18 -11.61 -1.85 5.43
C PRO A 18 -11.15 -2.99 4.51
N ASN A 19 -10.60 -2.63 3.36
CA ASN A 19 -10.13 -3.62 2.40
C ASN A 19 -8.68 -3.98 2.66
N TYR A 20 -7.91 -3.01 3.14
CA TYR A 20 -6.49 -3.22 3.43
C TYR A 20 -5.90 -2.03 4.17
N ARG A 21 -4.76 -2.25 4.81
CA ARG A 21 -4.09 -1.20 5.57
C ARG A 21 -2.69 -0.93 5.00
N TRP A 22 -2.38 0.34 4.76
CA TRP A 22 -1.09 0.73 4.22
C TRP A 22 -0.57 1.99 4.89
N THR A 23 0.71 2.02 5.21
CA THR A 23 1.32 3.18 5.85
C THR A 23 2.41 3.79 4.97
N GLN A 24 2.92 4.95 5.38
CA GLN A 24 3.96 5.63 4.62
C GLN A 24 4.84 6.47 5.55
N THR A 25 6.14 6.45 5.30
CA THR A 25 7.09 7.20 6.11
C THR A 25 8.13 7.90 5.23
N LEU A 26 9.09 8.55 5.88
CA LEU A 26 10.14 9.25 5.15
C LEU A 26 11.25 8.29 4.73
N ALA A 27 10.91 7.02 4.62
CA ALA A 27 11.87 6.00 4.21
C ALA A 27 11.29 5.10 3.14
N GLU A 28 10.06 4.62 3.35
CA GLU A 28 9.40 3.74 2.40
C GLU A 28 7.92 3.60 2.74
N LEU A 29 7.18 2.92 1.86
CA LEU A 29 5.75 2.72 2.06
C LEU A 29 5.45 1.26 2.35
N ASP A 30 4.59 1.02 3.34
CA ASP A 30 4.21 -0.33 3.72
C ASP A 30 2.74 -0.61 3.38
N LEU A 31 2.48 -1.77 2.80
CA LEU A 31 1.13 -2.15 2.43
C LEU A 31 0.82 -3.58 2.88
N ALA A 32 -0.41 -3.79 3.34
CA ALA A 32 -0.83 -5.11 3.80
C ALA A 32 -2.27 -5.40 3.40
N VAL A 33 -2.45 -6.36 2.49
CA VAL A 33 -3.78 -6.72 2.02
C VAL A 33 -4.26 -8.02 2.69
N PRO A 34 -5.09 -7.88 3.72
CA PRO A 34 -5.64 -9.02 4.46
C PRO A 34 -6.65 -9.81 3.64
N PHE A 35 -6.43 -11.11 3.54
CA PHE A 35 -7.32 -11.98 2.78
C PHE A 35 -8.07 -12.94 3.70
N ARG A 36 -9.26 -13.36 3.27
CA ARG A 36 -10.08 -14.27 4.06
C ARG A 36 -9.81 -15.72 3.67
N VAL A 37 -8.53 -16.07 3.56
CA VAL A 37 -8.14 -17.43 3.20
C VAL A 37 -7.99 -18.31 4.43
N SER A 38 -8.30 -19.59 4.28
CA SER A 38 -8.20 -20.55 5.38
C SER A 38 -7.01 -21.48 5.18
N PHE A 39 -6.08 -21.08 4.32
CA PHE A 39 -4.90 -21.89 4.03
C PHE A 39 -3.68 -21.00 3.78
N ARG A 40 -2.57 -21.63 3.40
CA ARG A 40 -1.34 -20.90 3.15
C ARG A 40 -1.28 -20.43 1.69
N LEU A 41 -1.01 -19.15 1.50
CA LEU A 41 -0.93 -18.58 0.15
C LEU A 41 0.50 -18.67 -0.39
N LYS A 42 0.62 -19.18 -1.61
CA LYS A 42 1.92 -19.32 -2.25
C LYS A 42 2.17 -18.19 -3.25
N GLY A 43 3.41 -17.75 -3.34
CA GLY A 43 3.76 -16.68 -4.26
C GLY A 43 3.04 -16.79 -5.59
N LYS A 44 2.86 -18.02 -6.06
CA LYS A 44 2.18 -18.28 -7.32
C LYS A 44 0.67 -18.09 -7.18
N ASP A 45 0.14 -18.51 -6.03
CA ASP A 45 -1.29 -18.40 -5.77
C ASP A 45 -1.74 -16.94 -5.87
N VAL A 46 -0.92 -16.03 -5.34
CA VAL A 46 -1.23 -14.61 -5.37
C VAL A 46 -0.64 -13.94 -6.61
N VAL A 47 -1.07 -12.72 -6.87
CA VAL A 47 -0.58 -11.97 -8.03
C VAL A 47 -0.29 -10.51 -7.66
N VAL A 48 0.99 -10.16 -7.65
CA VAL A 48 1.40 -8.80 -7.31
C VAL A 48 2.35 -8.23 -8.37
N ASP A 49 1.93 -7.14 -9.00
CA ASP A 49 2.74 -6.50 -10.02
C ASP A 49 3.30 -5.17 -9.53
N ILE A 50 4.61 -5.13 -9.30
CA ILE A 50 5.27 -3.93 -8.82
C ILE A 50 5.97 -3.19 -9.96
N GLN A 51 5.54 -1.96 -10.21
CA GLN A 51 6.12 -1.16 -11.28
C GLN A 51 6.66 0.15 -10.73
N ARG A 52 7.34 0.92 -11.58
CA ARG A 52 7.91 2.20 -11.18
C ARG A 52 6.84 3.11 -10.59
N ARG A 53 5.78 3.34 -11.37
CA ARG A 53 4.69 4.20 -10.93
C ARG A 53 3.36 3.47 -11.02
N HIS A 54 3.37 2.18 -10.65
CA HIS A 54 2.16 1.37 -10.69
C HIS A 54 2.33 0.12 -9.83
N LEU A 55 1.30 -0.21 -9.07
CA LEU A 55 1.33 -1.39 -8.20
C LEU A 55 0.01 -2.16 -8.29
N ARG A 56 0.10 -3.48 -8.17
CA ARG A 56 -1.07 -4.34 -8.23
C ARG A 56 -0.99 -5.46 -7.19
N VAL A 57 -2.11 -5.75 -6.55
CA VAL A 57 -2.17 -6.79 -5.53
C VAL A 57 -3.50 -7.53 -5.57
N GLY A 58 -3.44 -8.86 -5.58
CA GLY A 58 -4.66 -9.66 -5.63
C GLY A 58 -4.36 -11.14 -5.81
N LEU A 59 -5.38 -11.89 -6.20
CA LEU A 59 -5.24 -13.33 -6.41
C LEU A 59 -5.47 -13.69 -7.88
N LYS A 60 -4.69 -14.63 -8.38
CA LYS A 60 -4.81 -15.07 -9.77
C LYS A 60 -6.27 -15.32 -10.13
N GLY A 61 -6.65 -14.95 -11.35
CA GLY A 61 -8.01 -15.14 -11.80
C GLY A 61 -8.97 -14.13 -11.20
N GLN A 62 -8.89 -13.95 -9.89
CA GLN A 62 -9.76 -13.01 -9.19
C GLN A 62 -9.33 -11.58 -9.46
N PRO A 63 -10.25 -10.63 -9.19
CA PRO A 63 -9.99 -9.20 -9.40
C PRO A 63 -8.97 -8.64 -8.42
N PRO A 64 -8.11 -7.75 -8.91
CA PRO A 64 -7.07 -7.11 -8.09
C PRO A 64 -7.65 -6.14 -7.06
N VAL A 65 -7.39 -6.42 -5.79
CA VAL A 65 -7.89 -5.56 -4.71
C VAL A 65 -7.32 -4.16 -4.82
N VAL A 66 -6.03 -4.07 -5.12
CA VAL A 66 -5.35 -2.78 -5.25
C VAL A 66 -4.83 -2.58 -6.66
N ASP A 67 -5.48 -1.69 -7.40
CA ASP A 67 -5.08 -1.40 -8.77
C ASP A 67 -5.22 0.09 -9.08
N GLY A 68 -4.08 0.78 -9.15
CA GLY A 68 -4.10 2.21 -9.43
C GLY A 68 -2.71 2.79 -9.56
N GLU A 69 -2.60 3.89 -10.30
CA GLU A 69 -1.31 4.54 -10.51
C GLU A 69 -0.77 5.11 -9.19
N LEU A 70 0.46 4.73 -8.86
CA LEU A 70 1.10 5.19 -7.63
C LEU A 70 1.22 6.71 -7.63
N TYR A 71 1.02 7.32 -6.46
CA TYR A 71 1.12 8.76 -6.32
C TYR A 71 2.48 9.28 -6.79
N ASN A 72 3.52 8.52 -6.48
CA ASN A 72 4.88 8.89 -6.85
C ASN A 72 5.68 7.67 -7.29
N GLU A 73 6.90 7.90 -7.77
CA GLU A 73 7.76 6.81 -8.22
C GLU A 73 8.29 6.01 -7.03
N VAL A 74 8.52 4.73 -7.25
CA VAL A 74 9.02 3.86 -6.20
C VAL A 74 10.04 2.85 -6.75
N LYS A 75 11.25 2.88 -6.20
CA LYS A 75 12.30 1.97 -6.63
C LYS A 75 11.78 0.55 -6.79
N VAL A 76 11.40 0.19 -8.02
CA VAL A 76 10.88 -1.13 -8.31
C VAL A 76 11.98 -2.18 -8.23
N GLU A 77 13.16 -1.83 -8.74
CA GLU A 77 14.30 -2.74 -8.74
C GLU A 77 14.63 -3.19 -7.31
N GLU A 78 14.24 -2.39 -6.34
CA GLU A 78 14.49 -2.71 -4.93
C GLU A 78 13.21 -3.22 -4.25
N SER A 79 12.10 -2.59 -4.58
CA SER A 79 10.81 -2.96 -4.00
C SER A 79 10.62 -4.48 -4.05
N SER A 80 9.91 -5.01 -3.05
CA SER A 80 9.65 -6.44 -2.98
C SER A 80 8.50 -6.75 -2.04
N TRP A 81 7.77 -7.82 -2.32
CA TRP A 81 6.62 -8.21 -1.50
C TRP A 81 6.81 -9.62 -0.96
N LEU A 82 5.95 -10.02 -0.03
CA LEU A 82 6.01 -11.35 0.56
C LEU A 82 4.67 -11.74 1.16
N ILE A 83 4.51 -13.03 1.43
CA ILE A 83 3.27 -13.54 2.01
C ILE A 83 3.39 -13.68 3.52
N GLU A 84 2.47 -13.06 4.25
CA GLU A 84 2.47 -13.11 5.71
C GLU A 84 1.46 -14.13 6.21
N ASP A 85 1.94 -15.09 7.02
CA ASP A 85 1.07 -16.13 7.57
C ASP A 85 0.13 -16.66 6.51
N GLY A 86 0.66 -16.86 5.29
CA GLY A 86 -0.17 -17.38 4.21
C GLY A 86 -1.60 -16.89 4.28
N LYS A 87 -1.78 -15.66 4.76
CA LYS A 87 -3.11 -15.08 4.88
C LYS A 87 -3.13 -13.65 4.36
N VAL A 88 -2.01 -12.94 4.57
CA VAL A 88 -1.91 -11.56 4.11
C VAL A 88 -0.78 -11.39 3.10
N VAL A 89 -0.87 -10.36 2.27
CA VAL A 89 0.15 -10.10 1.26
C VAL A 89 0.75 -8.71 1.43
N THR A 90 1.93 -8.66 2.02
CA THR A 90 2.62 -7.39 2.25
C THR A 90 3.51 -7.02 1.07
N VAL A 91 3.58 -5.73 0.77
CA VAL A 91 4.39 -5.25 -0.34
C VAL A 91 5.22 -4.04 0.07
N HIS A 92 6.54 -4.21 0.12
CA HIS A 92 7.44 -3.14 0.50
C HIS A 92 7.75 -2.24 -0.70
N LEU A 93 7.38 -0.97 -0.59
CA LEU A 93 7.62 -0.01 -1.67
C LEU A 93 8.66 1.02 -1.27
N GLU A 94 9.77 1.06 -2.01
CA GLU A 94 10.84 2.01 -1.72
C GLU A 94 10.56 3.36 -2.35
N LYS A 95 10.57 4.41 -1.53
CA LYS A 95 10.32 5.77 -2.01
C LYS A 95 11.59 6.37 -2.61
N ILE A 96 11.53 6.65 -3.92
CA ILE A 96 12.68 7.23 -4.61
C ILE A 96 13.29 8.38 -3.79
N ASN A 97 12.43 9.20 -3.21
CA ASN A 97 12.89 10.33 -2.40
C ASN A 97 12.48 10.16 -0.95
N LYS A 98 13.24 9.34 -0.21
CA LYS A 98 12.95 9.09 1.19
C LYS A 98 12.60 10.38 1.91
N MET A 99 13.16 11.50 1.43
CA MET A 99 12.91 12.80 2.03
C MET A 99 11.61 13.40 1.50
N GLU A 100 10.70 12.54 1.06
CA GLU A 100 9.42 12.98 0.53
C GLU A 100 8.27 12.20 1.16
N TRP A 101 7.16 12.88 1.39
CA TRP A 101 5.98 12.25 1.99
C TRP A 101 4.97 11.85 0.92
N TRP A 102 3.98 11.06 1.31
CA TRP A 102 2.96 10.61 0.38
C TRP A 102 1.56 10.97 0.89
N ASN A 103 0.71 11.42 -0.02
CA ASN A 103 -0.65 11.80 0.34
C ASN A 103 -1.59 10.59 0.29
N ARG A 104 -1.16 9.55 -0.41
CA ARG A 104 -1.96 8.33 -0.54
C ARG A 104 -1.18 7.24 -1.27
N LEU A 105 -1.67 6.02 -1.19
CA LEU A 105 -1.02 4.89 -1.85
C LEU A 105 -1.16 4.98 -3.36
N VAL A 106 -2.39 5.06 -3.84
CA VAL A 106 -2.66 5.16 -5.27
C VAL A 106 -3.72 6.22 -5.56
N THR A 107 -3.66 6.80 -6.75
CA THR A 107 -4.61 7.83 -7.15
C THR A 107 -6.04 7.42 -6.82
N SER A 108 -6.30 6.12 -6.85
CA SER A 108 -7.62 5.60 -6.54
C SER A 108 -7.96 5.80 -5.06
N ASP A 109 -6.98 5.58 -4.21
CA ASP A 109 -7.17 5.73 -2.77
C ASP A 109 -7.47 7.18 -2.41
N PRO A 110 -8.05 7.39 -1.22
CA PRO A 110 -8.41 8.73 -0.73
C PRO A 110 -7.18 9.57 -0.39
N GLU A 111 -7.40 10.86 -0.19
CA GLU A 111 -6.31 11.77 0.15
C GLU A 111 -6.29 12.07 1.65
N ILE A 112 -5.08 12.15 2.21
CA ILE A 112 -4.93 12.43 3.63
C ILE A 112 -3.90 13.53 3.86
N ASN A 113 -4.25 14.48 4.73
CA ASN A 113 -3.35 15.58 5.05
C ASN A 113 -2.08 15.09 5.73
N THR A 114 -0.94 15.36 5.10
CA THR A 114 0.34 14.94 5.64
C THR A 114 0.95 16.03 6.53
N LYS A 115 0.88 17.27 6.08
CA LYS A 115 1.42 18.40 6.83
C LYS A 115 1.10 18.26 8.30
N SER A 116 2.05 18.64 9.15
CA SER A 116 1.88 18.56 10.59
C SER A 116 2.86 19.48 11.31
N GLY A 117 2.61 19.70 12.61
CA GLY A 117 3.48 20.57 13.38
C GLY A 117 2.96 20.78 14.80
N PRO A 118 3.54 21.76 15.50
CA PRO A 118 3.15 22.10 16.87
C PRO A 118 1.77 22.73 16.94
N SER A 119 1.15 22.94 15.78
CA SER A 119 -0.17 23.54 15.71
C SER A 119 -1.11 22.91 16.73
N SER A 120 -1.53 23.71 17.72
CA SER A 120 -2.43 23.24 18.76
C SER A 120 -3.85 23.12 18.24
N GLY A 121 -4.59 22.12 18.74
CA GLY A 121 -5.96 21.92 18.32
C GLY A 121 -6.28 20.46 18.10
N GLY A 1 -16.90 2.65 -7.97
CA GLY A 1 -17.35 1.73 -6.94
C GLY A 1 -16.20 0.92 -6.35
N SER A 2 -15.37 0.37 -7.22
CA SER A 2 -14.24 -0.44 -6.80
C SER A 2 -13.64 0.10 -5.50
N SER A 3 -13.32 1.39 -5.50
CA SER A 3 -12.73 2.03 -4.32
C SER A 3 -13.65 3.13 -3.80
N GLY A 4 -13.85 3.14 -2.48
CA GLY A 4 -14.71 4.14 -1.88
C GLY A 4 -14.72 4.04 -0.36
N SER A 5 -13.83 4.77 0.29
CA SER A 5 -13.74 4.77 1.75
C SER A 5 -13.12 6.05 2.26
N SER A 6 -13.49 6.44 3.47
CA SER A 6 -12.98 7.67 4.08
C SER A 6 -11.52 7.48 4.51
N GLY A 7 -11.30 6.53 5.43
CA GLY A 7 -9.95 6.27 5.91
C GLY A 7 -9.45 7.36 6.83
N LYS A 8 -8.77 6.97 7.89
CA LYS A 8 -8.22 7.92 8.86
C LYS A 8 -6.71 7.77 8.96
N PRO A 9 -6.03 8.88 9.32
CA PRO A 9 -4.57 8.90 9.47
C PRO A 9 -4.10 8.10 10.68
N ASN A 10 -3.29 7.08 10.43
CA ASN A 10 -2.77 6.24 11.51
C ASN A 10 -1.43 6.77 12.01
N LEU A 11 -0.82 6.05 12.94
CA LEU A 11 0.46 6.44 13.51
C LEU A 11 1.50 6.63 12.41
N GLY A 12 1.50 5.72 11.44
CA GLY A 12 2.46 5.81 10.35
C GLY A 12 2.01 6.76 9.26
N ASN A 13 1.35 7.84 9.66
CA ASN A 13 0.86 8.84 8.72
C ASN A 13 0.25 8.16 7.48
N GLY A 14 -0.39 7.03 7.71
CA GLY A 14 -1.01 6.30 6.61
C GLY A 14 -2.52 6.46 6.58
N ALA A 15 -3.21 5.41 6.17
CA ALA A 15 -4.67 5.45 6.09
C ALA A 15 -5.26 4.07 6.33
N ASP A 16 -6.09 3.94 7.36
CA ASP A 16 -6.72 2.67 7.69
C ASP A 16 -7.97 2.45 6.84
N LEU A 17 -7.92 1.43 5.99
CA LEU A 17 -9.05 1.11 5.12
C LEU A 17 -9.65 -0.25 5.49
N PRO A 18 -10.95 -0.41 5.18
CA PRO A 18 -11.67 -1.65 5.47
C PRO A 18 -11.21 -2.81 4.58
N ASN A 19 -10.57 -2.48 3.47
CA ASN A 19 -10.08 -3.48 2.54
C ASN A 19 -8.63 -3.85 2.84
N TYR A 20 -7.87 -2.88 3.32
CA TYR A 20 -6.46 -3.09 3.66
C TYR A 20 -5.89 -1.86 4.36
N ARG A 21 -4.77 -2.08 5.06
CA ARG A 21 -4.12 -0.99 5.79
C ARG A 21 -2.69 -0.78 5.27
N TRP A 22 -2.32 0.48 5.10
CA TRP A 22 -0.98 0.82 4.61
C TRP A 22 -0.45 2.08 5.30
N THR A 23 0.85 2.09 5.56
CA THR A 23 1.49 3.22 6.21
C THR A 23 2.59 3.82 5.34
N GLN A 24 2.88 5.10 5.55
CA GLN A 24 3.92 5.78 4.79
C GLN A 24 4.86 6.54 5.72
N THR A 25 6.15 6.51 5.39
CA THR A 25 7.16 7.21 6.19
C THR A 25 8.16 7.93 5.31
N LEU A 26 9.12 8.60 5.94
CA LEU A 26 10.15 9.34 5.20
C LEU A 26 11.26 8.41 4.74
N ALA A 27 10.94 7.13 4.62
CA ALA A 27 11.91 6.13 4.18
C ALA A 27 11.32 5.20 3.13
N GLU A 28 10.09 4.74 3.38
CA GLU A 28 9.40 3.85 2.47
C GLU A 28 7.92 3.70 2.85
N LEU A 29 7.17 3.01 2.01
CA LEU A 29 5.75 2.80 2.24
C LEU A 29 5.45 1.32 2.45
N ASP A 30 4.59 1.03 3.42
CA ASP A 30 4.20 -0.34 3.71
C ASP A 30 2.73 -0.59 3.38
N LEU A 31 2.42 -1.80 2.92
CA LEU A 31 1.06 -2.16 2.57
C LEU A 31 0.74 -3.59 2.98
N ALA A 32 -0.45 -3.80 3.52
CA ALA A 32 -0.87 -5.13 3.95
C ALA A 32 -2.32 -5.40 3.56
N VAL A 33 -2.52 -6.33 2.64
CA VAL A 33 -3.87 -6.68 2.19
C VAL A 33 -4.31 -8.03 2.75
N PRO A 34 -5.22 -7.99 3.74
CA PRO A 34 -5.73 -9.20 4.39
C PRO A 34 -6.64 -10.01 3.46
N PHE A 35 -6.27 -11.27 3.24
CA PHE A 35 -7.05 -12.15 2.37
C PHE A 35 -7.77 -13.22 3.19
N ARG A 36 -9.10 -13.16 3.20
CA ARG A 36 -9.91 -14.12 3.94
C ARG A 36 -9.70 -15.53 3.41
N VAL A 37 -8.62 -16.17 3.85
CA VAL A 37 -8.31 -17.52 3.42
C VAL A 37 -8.02 -18.43 4.62
N SER A 38 -8.39 -19.70 4.49
CA SER A 38 -8.19 -20.66 5.56
C SER A 38 -7.04 -21.60 5.23
N PHE A 39 -6.11 -21.12 4.41
CA PHE A 39 -4.95 -21.92 4.00
C PHE A 39 -3.74 -21.04 3.75
N ARG A 40 -2.63 -21.65 3.34
CA ARG A 40 -1.40 -20.92 3.06
C ARG A 40 -1.36 -20.48 1.60
N LEU A 41 -1.15 -19.19 1.39
CA LEU A 41 -1.10 -18.63 0.04
C LEU A 41 0.33 -18.73 -0.51
N LYS A 42 0.43 -19.17 -1.76
CA LYS A 42 1.73 -19.31 -2.42
C LYS A 42 1.98 -18.15 -3.37
N GLY A 43 3.24 -17.72 -3.46
CA GLY A 43 3.58 -16.63 -4.33
C GLY A 43 2.88 -16.69 -5.67
N LYS A 44 2.67 -17.92 -6.16
CA LYS A 44 1.99 -18.13 -7.44
C LYS A 44 0.49 -17.88 -7.30
N ASP A 45 -0.07 -18.32 -6.18
CA ASP A 45 -1.50 -18.14 -5.93
C ASP A 45 -1.88 -16.67 -6.00
N VAL A 46 -1.04 -15.82 -5.44
CA VAL A 46 -1.29 -14.38 -5.43
C VAL A 46 -0.61 -13.69 -6.61
N VAL A 47 -1.12 -12.52 -6.98
CA VAL A 47 -0.56 -11.77 -8.09
C VAL A 47 -0.23 -10.33 -7.68
N VAL A 48 1.05 -10.03 -7.58
CA VAL A 48 1.50 -8.69 -7.20
C VAL A 48 2.44 -8.11 -8.24
N ASP A 49 1.97 -7.10 -8.96
CA ASP A 49 2.76 -6.45 -10.00
C ASP A 49 3.30 -5.11 -9.49
N ILE A 50 4.62 -5.02 -9.34
CA ILE A 50 5.26 -3.80 -8.87
C ILE A 50 5.95 -3.07 -10.02
N GLN A 51 5.57 -1.81 -10.23
CA GLN A 51 6.14 -1.00 -11.29
C GLN A 51 6.73 0.29 -10.73
N ARG A 52 7.41 1.05 -11.59
CA ARG A 52 8.02 2.31 -11.18
C ARG A 52 6.97 3.25 -10.59
N ARG A 53 5.93 3.53 -11.37
CA ARG A 53 4.86 4.42 -10.93
C ARG A 53 3.51 3.71 -10.98
N HIS A 54 3.50 2.43 -10.61
CA HIS A 54 2.28 1.64 -10.61
C HIS A 54 2.47 0.36 -9.79
N LEU A 55 1.40 -0.05 -9.10
CA LEU A 55 1.44 -1.24 -8.28
C LEU A 55 0.12 -2.02 -8.38
N ARG A 56 0.22 -3.34 -8.29
CA ARG A 56 -0.97 -4.20 -8.37
C ARG A 56 -0.87 -5.34 -7.37
N VAL A 57 -2.00 -5.68 -6.76
CA VAL A 57 -2.06 -6.76 -5.77
C VAL A 57 -3.39 -7.50 -5.84
N GLY A 58 -3.33 -8.82 -5.70
CA GLY A 58 -4.54 -9.62 -5.75
C GLY A 58 -4.24 -11.11 -5.86
N LEU A 59 -5.17 -11.84 -6.48
CA LEU A 59 -5.00 -13.28 -6.66
C LEU A 59 -5.31 -13.69 -8.09
N LYS A 60 -4.56 -14.65 -8.60
CA LYS A 60 -4.75 -15.14 -9.97
C LYS A 60 -6.23 -15.44 -10.22
N GLY A 61 -6.69 -15.13 -11.42
CA GLY A 61 -8.08 -15.39 -11.77
C GLY A 61 -9.03 -14.38 -11.15
N GLN A 62 -8.91 -14.20 -9.83
CA GLN A 62 -9.76 -13.27 -9.11
C GLN A 62 -9.35 -11.83 -9.39
N PRO A 63 -10.26 -10.89 -9.09
CA PRO A 63 -10.01 -9.46 -9.30
C PRO A 63 -8.98 -8.89 -8.34
N PRO A 64 -8.09 -8.02 -8.85
CA PRO A 64 -7.05 -7.39 -8.04
C PRO A 64 -7.60 -6.39 -7.04
N VAL A 65 -7.36 -6.65 -5.76
CA VAL A 65 -7.85 -5.78 -4.69
C VAL A 65 -7.28 -4.36 -4.86
N VAL A 66 -5.99 -4.29 -5.13
CA VAL A 66 -5.31 -3.00 -5.31
C VAL A 66 -4.84 -2.82 -6.75
N ASP A 67 -5.29 -1.76 -7.39
CA ASP A 67 -4.90 -1.47 -8.76
C ASP A 67 -5.08 0.01 -9.09
N GLY A 68 -3.96 0.70 -9.31
CA GLY A 68 -4.02 2.12 -9.62
C GLY A 68 -2.64 2.75 -9.70
N GLU A 69 -2.52 3.80 -10.50
CA GLU A 69 -1.24 4.49 -10.65
C GLU A 69 -0.72 4.98 -9.31
N LEU A 70 0.54 4.69 -9.03
CA LEU A 70 1.16 5.09 -7.77
C LEU A 70 1.29 6.61 -7.70
N TYR A 71 1.00 7.18 -6.53
CA TYR A 71 1.08 8.62 -6.33
C TYR A 71 2.42 9.16 -6.80
N ASN A 72 3.49 8.43 -6.48
CA ASN A 72 4.84 8.84 -6.87
C ASN A 72 5.69 7.62 -7.24
N GLU A 73 6.83 7.87 -7.88
CA GLU A 73 7.72 6.80 -8.28
C GLU A 73 8.22 6.00 -7.08
N VAL A 74 8.52 4.74 -7.29
CA VAL A 74 9.00 3.86 -6.22
C VAL A 74 10.01 2.86 -6.75
N LYS A 75 11.21 2.87 -6.16
CA LYS A 75 12.27 1.95 -6.57
C LYS A 75 11.73 0.53 -6.75
N VAL A 76 11.38 0.19 -7.99
CA VAL A 76 10.85 -1.13 -8.29
C VAL A 76 11.95 -2.18 -8.25
N GLU A 77 13.15 -1.80 -8.69
CA GLU A 77 14.28 -2.72 -8.71
C GLU A 77 14.61 -3.21 -7.29
N GLU A 78 14.24 -2.40 -6.30
CA GLU A 78 14.50 -2.76 -4.90
C GLU A 78 13.22 -3.22 -4.22
N SER A 79 12.11 -2.57 -4.54
CA SER A 79 10.82 -2.91 -3.96
C SER A 79 10.57 -4.41 -4.04
N SER A 80 9.76 -4.93 -3.13
CA SER A 80 9.44 -6.35 -3.10
C SER A 80 8.24 -6.62 -2.19
N TRP A 81 7.76 -7.87 -2.21
CA TRP A 81 6.62 -8.26 -1.39
C TRP A 81 6.81 -9.66 -0.83
N LEU A 82 5.92 -10.06 0.07
CA LEU A 82 5.99 -11.38 0.68
C LEU A 82 4.66 -11.75 1.35
N ILE A 83 4.33 -13.03 1.32
CA ILE A 83 3.10 -13.52 1.93
C ILE A 83 3.27 -13.74 3.43
N GLU A 84 2.40 -13.12 4.22
CA GLU A 84 2.46 -13.25 5.67
C GLU A 84 1.41 -14.25 6.16
N ASP A 85 1.84 -15.21 6.96
CA ASP A 85 0.95 -16.22 7.51
C ASP A 85 0.00 -16.75 6.42
N GLY A 86 0.53 -16.88 5.21
CA GLY A 86 -0.27 -17.37 4.11
C GLY A 86 -1.70 -16.87 4.15
N LYS A 87 -1.89 -15.66 4.67
CA LYS A 87 -3.21 -15.07 4.78
C LYS A 87 -3.20 -13.62 4.31
N VAL A 88 -2.08 -12.94 4.54
CA VAL A 88 -1.93 -11.55 4.13
C VAL A 88 -0.80 -11.37 3.13
N VAL A 89 -0.90 -10.34 2.30
CA VAL A 89 0.12 -10.07 1.30
C VAL A 89 0.75 -8.69 1.50
N THR A 90 1.92 -8.67 2.12
CA THR A 90 2.62 -7.42 2.37
C THR A 90 3.51 -7.03 1.19
N VAL A 91 3.56 -5.73 0.90
CA VAL A 91 4.38 -5.23 -0.19
C VAL A 91 5.17 -4.00 0.23
N HIS A 92 6.50 -4.13 0.24
CA HIS A 92 7.37 -3.04 0.62
C HIS A 92 7.69 -2.15 -0.58
N LEU A 93 7.32 -0.88 -0.48
CA LEU A 93 7.56 0.08 -1.56
C LEU A 93 8.60 1.11 -1.15
N GLU A 94 9.71 1.15 -1.89
CA GLU A 94 10.77 2.10 -1.61
C GLU A 94 10.52 3.45 -2.28
N LYS A 95 10.51 4.51 -1.49
CA LYS A 95 10.28 5.84 -2.00
C LYS A 95 11.55 6.43 -2.61
N ILE A 96 11.57 6.56 -3.94
CA ILE A 96 12.72 7.10 -4.63
C ILE A 96 13.39 8.20 -3.82
N ASN A 97 12.58 9.11 -3.28
CA ASN A 97 13.09 10.21 -2.48
C ASN A 97 12.61 10.10 -1.03
N LYS A 98 13.36 9.34 -0.22
CA LYS A 98 13.01 9.15 1.18
C LYS A 98 12.65 10.48 1.83
N MET A 99 13.13 11.57 1.26
CA MET A 99 12.86 12.90 1.79
C MET A 99 11.57 13.46 1.21
N GLU A 100 10.63 12.57 0.89
CA GLU A 100 9.35 12.98 0.33
C GLU A 100 8.20 12.21 0.99
N TRP A 101 7.07 12.89 1.14
CA TRP A 101 5.89 12.28 1.76
C TRP A 101 4.88 11.86 0.70
N TRP A 102 3.94 11.00 1.10
CA TRP A 102 2.91 10.52 0.18
C TRP A 102 1.52 10.91 0.66
N ASN A 103 0.66 11.30 -0.27
CA ASN A 103 -0.70 11.70 0.06
C ASN A 103 -1.64 10.50 0.09
N ARG A 104 -1.22 9.42 -0.56
CA ARG A 104 -2.02 8.20 -0.61
C ARG A 104 -1.27 7.08 -1.33
N LEU A 105 -1.76 5.86 -1.18
CA LEU A 105 -1.13 4.70 -1.80
C LEU A 105 -1.25 4.76 -3.33
N VAL A 106 -2.49 4.73 -3.81
CA VAL A 106 -2.75 4.78 -5.25
C VAL A 106 -3.85 5.78 -5.57
N THR A 107 -3.72 6.45 -6.71
CA THR A 107 -4.70 7.45 -7.14
C THR A 107 -6.11 7.02 -6.74
N SER A 108 -6.37 5.71 -6.76
CA SER A 108 -7.67 5.18 -6.42
C SER A 108 -8.02 5.51 -4.96
N ASP A 109 -7.09 5.23 -4.07
CA ASP A 109 -7.30 5.50 -2.64
C ASP A 109 -7.54 6.98 -2.40
N PRO A 110 -8.16 7.30 -1.25
CA PRO A 110 -8.46 8.69 -0.88
C PRO A 110 -7.21 9.49 -0.53
N GLU A 111 -7.36 10.79 -0.41
CA GLU A 111 -6.24 11.67 -0.08
C GLU A 111 -6.28 12.07 1.38
N ILE A 112 -5.10 12.14 2.00
CA ILE A 112 -4.99 12.52 3.40
C ILE A 112 -4.09 13.74 3.59
N ASN A 113 -4.51 14.67 4.42
CA ASN A 113 -3.73 15.87 4.68
C ASN A 113 -2.37 15.53 5.28
N THR A 114 -1.31 15.81 4.52
CA THR A 114 0.04 15.53 4.97
C THR A 114 0.63 16.71 5.75
N LYS A 115 1.21 16.41 6.90
CA LYS A 115 1.81 17.44 7.74
C LYS A 115 3.21 17.79 7.26
N SER A 116 3.37 17.93 5.94
CA SER A 116 4.66 18.26 5.35
C SER A 116 4.75 19.75 5.04
N GLY A 117 5.98 20.23 4.87
CA GLY A 117 6.17 21.64 4.57
C GLY A 117 7.45 22.19 5.18
N PRO A 118 7.31 23.14 6.11
CA PRO A 118 8.46 23.76 6.79
C PRO A 118 9.16 22.79 7.73
N SER A 119 10.49 22.76 7.64
CA SER A 119 11.29 21.87 8.48
C SER A 119 12.74 22.35 8.55
N SER A 120 13.54 21.68 9.37
CA SER A 120 14.95 22.04 9.53
C SER A 120 15.75 21.64 8.30
N GLY A 121 16.40 22.64 7.68
CA GLY A 121 17.20 22.37 6.50
C GLY A 121 16.36 21.88 5.32
N GLY A 1 -20.38 4.12 2.01
CA GLY A 1 -19.67 3.14 1.20
C GLY A 1 -18.25 2.91 1.68
N SER A 2 -17.30 3.64 1.10
CA SER A 2 -15.91 3.49 1.47
C SER A 2 -15.25 4.86 1.67
N SER A 3 -15.28 5.68 0.63
CA SER A 3 -14.70 7.01 0.69
C SER A 3 -15.63 7.98 1.42
N GLY A 4 -15.48 8.07 2.74
CA GLY A 4 -16.32 8.96 3.51
C GLY A 4 -16.54 8.45 4.92
N SER A 5 -17.08 7.24 5.04
CA SER A 5 -17.35 6.65 6.34
C SER A 5 -16.11 5.93 6.88
N SER A 6 -15.44 5.18 6.02
CA SER A 6 -14.25 4.44 6.41
C SER A 6 -13.01 5.05 5.77
N GLY A 7 -12.40 6.00 6.47
CA GLY A 7 -11.20 6.65 5.95
C GLY A 7 -10.50 7.50 7.00
N LYS A 8 -9.76 6.83 7.90
CA LYS A 8 -9.04 7.53 8.95
C LYS A 8 -7.58 7.12 8.96
N PRO A 9 -6.70 8.08 9.33
CA PRO A 9 -5.25 7.84 9.38
C PRO A 9 -4.86 6.91 10.53
N ASN A 10 -3.62 6.45 10.51
CA ASN A 10 -3.12 5.55 11.55
C ASN A 10 -1.77 6.03 12.08
N LEU A 11 -1.18 5.24 12.97
CA LEU A 11 0.11 5.58 13.56
C LEU A 11 1.15 5.84 12.47
N GLY A 12 1.21 4.94 11.48
CA GLY A 12 2.16 5.10 10.39
C GLY A 12 1.70 6.11 9.37
N ASN A 13 1.16 7.23 9.83
CA ASN A 13 0.68 8.28 8.94
C ASN A 13 0.09 7.68 7.66
N GLY A 14 -0.60 6.55 7.81
CA GLY A 14 -1.20 5.89 6.67
C GLY A 14 -2.71 6.03 6.65
N ALA A 15 -3.39 4.97 6.22
CA ALA A 15 -4.85 4.98 6.16
C ALA A 15 -5.41 3.58 6.38
N ASP A 16 -6.22 3.45 7.42
CA ASP A 16 -6.83 2.15 7.75
C ASP A 16 -8.09 1.93 6.94
N LEU A 17 -8.01 1.03 5.95
CA LEU A 17 -9.15 0.72 5.10
C LEU A 17 -9.69 -0.67 5.39
N PRO A 18 -10.98 -0.88 5.10
CA PRO A 18 -11.65 -2.16 5.33
C PRO A 18 -11.16 -3.24 4.39
N ASN A 19 -10.58 -2.83 3.26
CA ASN A 19 -10.07 -3.77 2.27
C ASN A 19 -8.61 -4.11 2.55
N TYR A 20 -7.87 -3.14 3.07
CA TYR A 20 -6.46 -3.34 3.37
C TYR A 20 -5.88 -2.10 4.07
N ARG A 21 -4.82 -2.31 4.85
CA ARG A 21 -4.17 -1.21 5.56
C ARG A 21 -2.75 -1.01 5.06
N TRP A 22 -2.37 0.25 4.88
CA TRP A 22 -1.03 0.59 4.40
C TRP A 22 -0.50 1.85 5.07
N THR A 23 0.80 1.88 5.32
CA THR A 23 1.42 3.04 5.96
C THR A 23 2.51 3.64 5.09
N GLN A 24 2.85 4.90 5.34
CA GLN A 24 3.88 5.58 4.57
C GLN A 24 4.86 6.29 5.49
N THR A 25 6.15 6.14 5.22
CA THR A 25 7.19 6.77 6.03
C THR A 25 8.24 7.44 5.15
N LEU A 26 8.80 8.54 5.63
CA LEU A 26 9.82 9.27 4.88
C LEU A 26 10.78 8.32 4.20
N ALA A 27 10.91 7.12 4.75
CA ALA A 27 11.79 6.10 4.18
C ALA A 27 11.13 5.36 3.04
N GLU A 28 10.09 4.58 3.37
CA GLU A 28 9.37 3.81 2.37
C GLU A 28 7.89 3.70 2.73
N LEU A 29 7.13 2.98 1.90
CA LEU A 29 5.70 2.80 2.14
C LEU A 29 5.37 1.32 2.33
N ASP A 30 4.67 1.01 3.41
CA ASP A 30 4.28 -0.36 3.70
C ASP A 30 2.81 -0.59 3.37
N LEU A 31 2.50 -1.81 2.92
CA LEU A 31 1.12 -2.15 2.56
C LEU A 31 0.77 -3.56 3.06
N ALA A 32 -0.49 -3.73 3.44
CA ALA A 32 -0.96 -5.02 3.95
C ALA A 32 -2.37 -5.31 3.46
N VAL A 33 -2.50 -6.35 2.63
CA VAL A 33 -3.80 -6.73 2.10
C VAL A 33 -4.26 -8.07 2.69
N PRO A 34 -5.11 -7.98 3.73
CA PRO A 34 -5.65 -9.16 4.40
C PRO A 34 -6.64 -9.93 3.54
N PHE A 35 -6.36 -11.21 3.31
CA PHE A 35 -7.23 -12.06 2.50
C PHE A 35 -8.00 -13.04 3.37
N ARG A 36 -9.26 -13.30 3.00
CA ARG A 36 -10.10 -14.23 3.74
C ARG A 36 -9.81 -15.67 3.33
N VAL A 37 -8.55 -16.07 3.40
CA VAL A 37 -8.15 -17.42 3.04
C VAL A 37 -7.98 -18.30 4.28
N SER A 38 -8.19 -19.60 4.11
CA SER A 38 -8.05 -20.55 5.20
C SER A 38 -6.86 -21.47 4.98
N PHE A 39 -5.95 -21.06 4.11
CA PHE A 39 -4.77 -21.85 3.80
C PHE A 39 -3.55 -20.96 3.62
N ARG A 40 -2.41 -21.57 3.30
CA ARG A 40 -1.18 -20.83 3.11
C ARG A 40 -1.07 -20.33 1.67
N LEU A 41 -1.10 -19.01 1.50
CA LEU A 41 -1.01 -18.40 0.19
C LEU A 41 0.37 -18.61 -0.42
N LYS A 42 0.41 -18.92 -1.71
CA LYS A 42 1.67 -19.14 -2.41
C LYS A 42 1.94 -18.03 -3.42
N GLY A 43 3.19 -17.60 -3.51
CA GLY A 43 3.57 -16.55 -4.43
C GLY A 43 2.84 -16.66 -5.76
N LYS A 44 2.47 -17.89 -6.12
CA LYS A 44 1.77 -18.13 -7.37
C LYS A 44 0.27 -17.84 -7.23
N ASP A 45 -0.31 -18.28 -6.12
CA ASP A 45 -1.72 -18.06 -5.85
C ASP A 45 -2.06 -16.57 -5.89
N VAL A 46 -1.15 -15.76 -5.35
CA VAL A 46 -1.36 -14.32 -5.31
C VAL A 46 -0.76 -13.65 -6.55
N VAL A 47 -1.23 -12.43 -6.83
CA VAL A 47 -0.74 -11.68 -7.99
C VAL A 47 -0.39 -10.25 -7.60
N VAL A 48 0.91 -9.99 -7.47
CA VAL A 48 1.38 -8.66 -7.11
C VAL A 48 2.37 -8.12 -8.14
N ASP A 49 2.00 -7.04 -8.82
CA ASP A 49 2.84 -6.43 -9.83
C ASP A 49 3.40 -5.09 -9.34
N ILE A 50 4.71 -5.04 -9.17
CA ILE A 50 5.37 -3.83 -8.70
C ILE A 50 6.15 -3.15 -9.84
N GLN A 51 5.74 -1.92 -10.16
CA GLN A 51 6.41 -1.17 -11.23
C GLN A 51 6.97 0.14 -10.69
N ARG A 52 7.52 0.95 -11.59
CA ARG A 52 8.10 2.23 -11.22
C ARG A 52 7.04 3.17 -10.65
N ARG A 53 5.96 3.34 -11.41
CA ARG A 53 4.87 4.21 -10.99
C ARG A 53 3.53 3.49 -11.07
N HIS A 54 3.54 2.20 -10.74
CA HIS A 54 2.31 1.39 -10.78
C HIS A 54 2.47 0.14 -9.92
N LEU A 55 1.41 -0.19 -9.18
CA LEU A 55 1.43 -1.36 -8.31
C LEU A 55 0.08 -2.09 -8.36
N ARG A 56 0.13 -3.41 -8.24
CA ARG A 56 -1.08 -4.23 -8.28
C ARG A 56 -0.99 -5.36 -7.26
N VAL A 57 -2.15 -5.78 -6.75
CA VAL A 57 -2.21 -6.86 -5.77
C VAL A 57 -3.55 -7.58 -5.82
N GLY A 58 -3.51 -8.89 -5.62
CA GLY A 58 -4.73 -9.68 -5.66
C GLY A 58 -4.45 -11.17 -5.68
N LEU A 59 -5.42 -11.95 -6.17
CA LEU A 59 -5.28 -13.39 -6.25
C LEU A 59 -5.60 -13.90 -7.65
N LYS A 60 -4.77 -14.79 -8.16
CA LYS A 60 -4.96 -15.36 -9.49
C LYS A 60 -6.46 -15.53 -9.79
N GLY A 61 -6.85 -15.17 -11.00
CA GLY A 61 -8.24 -15.30 -11.40
C GLY A 61 -9.11 -14.21 -10.79
N GLN A 62 -9.08 -14.10 -9.47
CA GLN A 62 -9.88 -13.10 -8.76
C GLN A 62 -9.45 -11.69 -9.16
N PRO A 63 -10.33 -10.71 -8.90
CA PRO A 63 -10.06 -9.30 -9.22
C PRO A 63 -8.97 -8.71 -8.34
N PRO A 64 -8.19 -7.78 -8.91
CA PRO A 64 -7.10 -7.11 -8.19
C PRO A 64 -7.61 -6.15 -7.12
N VAL A 65 -7.36 -6.50 -5.86
CA VAL A 65 -7.80 -5.68 -4.74
C VAL A 65 -7.16 -4.30 -4.79
N VAL A 66 -5.96 -4.22 -5.36
CA VAL A 66 -5.25 -2.96 -5.47
C VAL A 66 -4.80 -2.71 -6.91
N ASP A 67 -5.27 -1.62 -7.49
CA ASP A 67 -4.93 -1.26 -8.86
C ASP A 67 -5.02 0.24 -9.07
N GLY A 68 -3.87 0.88 -9.30
CA GLY A 68 -3.83 2.31 -9.51
C GLY A 68 -2.43 2.84 -9.70
N GLU A 69 -2.32 4.04 -10.27
CA GLU A 69 -1.01 4.65 -10.50
C GLU A 69 -0.43 5.19 -9.21
N LEU A 70 0.78 4.74 -8.88
CA LEU A 70 1.46 5.17 -7.66
C LEU A 70 1.57 6.70 -7.61
N TYR A 71 1.19 7.27 -6.47
CA TYR A 71 1.24 8.72 -6.31
C TYR A 71 2.56 9.28 -6.82
N ASN A 72 3.64 8.55 -6.58
CA ASN A 72 4.96 8.97 -7.02
C ASN A 72 5.81 7.78 -7.43
N GLU A 73 6.97 8.05 -8.02
CA GLU A 73 7.88 7.00 -8.46
C GLU A 73 8.45 6.25 -7.27
N VAL A 74 8.56 4.92 -7.40
CA VAL A 74 9.10 4.08 -6.34
C VAL A 74 10.11 3.09 -6.89
N LYS A 75 11.30 3.07 -6.27
CA LYS A 75 12.36 2.16 -6.70
C LYS A 75 11.83 0.75 -6.87
N VAL A 76 11.45 0.42 -8.10
CA VAL A 76 10.92 -0.91 -8.40
C VAL A 76 12.00 -1.98 -8.27
N GLU A 77 13.20 -1.64 -8.74
CA GLU A 77 14.34 -2.58 -8.67
C GLU A 77 14.61 -2.98 -7.22
N GLU A 78 14.15 -2.17 -6.28
CA GLU A 78 14.35 -2.45 -4.87
C GLU A 78 13.06 -2.94 -4.21
N SER A 79 11.93 -2.40 -4.68
CA SER A 79 10.63 -2.78 -4.15
C SER A 79 10.47 -4.30 -4.12
N SER A 80 9.74 -4.78 -3.12
CA SER A 80 9.51 -6.22 -2.98
C SER A 80 8.36 -6.50 -2.02
N TRP A 81 7.80 -7.70 -2.10
CA TRP A 81 6.69 -8.08 -1.24
C TRP A 81 6.86 -9.52 -0.74
N LEU A 82 6.01 -9.91 0.20
CA LEU A 82 6.07 -11.26 0.75
C LEU A 82 4.74 -11.64 1.41
N ILE A 83 4.52 -12.94 1.59
CA ILE A 83 3.30 -13.43 2.21
C ILE A 83 3.41 -13.45 3.72
N GLU A 84 2.36 -13.03 4.40
CA GLU A 84 2.35 -13.00 5.86
C GLU A 84 1.28 -13.94 6.41
N ASP A 85 1.72 -14.96 7.14
CA ASP A 85 0.80 -15.93 7.73
C ASP A 85 -0.02 -16.63 6.65
N GLY A 86 0.54 -16.68 5.44
CA GLY A 86 -0.16 -17.32 4.33
C GLY A 86 -1.60 -16.88 4.21
N LYS A 87 -1.92 -15.76 4.86
CA LYS A 87 -3.29 -15.22 4.82
C LYS A 87 -3.28 -13.74 4.46
N VAL A 88 -2.09 -13.14 4.47
CA VAL A 88 -1.94 -11.73 4.14
C VAL A 88 -0.82 -11.51 3.14
N VAL A 89 -0.86 -10.37 2.45
CA VAL A 89 0.16 -10.05 1.46
C VAL A 89 0.73 -8.66 1.70
N THR A 90 1.95 -8.60 2.22
CA THR A 90 2.61 -7.32 2.50
C THR A 90 3.51 -6.92 1.35
N VAL A 91 3.39 -5.66 0.92
CA VAL A 91 4.20 -5.14 -0.18
C VAL A 91 5.00 -3.93 0.27
N HIS A 92 6.33 -4.01 0.13
CA HIS A 92 7.20 -2.92 0.51
C HIS A 92 7.52 -2.03 -0.68
N LEU A 93 7.07 -0.78 -0.63
CA LEU A 93 7.31 0.17 -1.71
C LEU A 93 8.42 1.15 -1.33
N GLU A 94 9.52 1.09 -2.07
CA GLU A 94 10.65 1.98 -1.83
C GLU A 94 10.44 3.33 -2.50
N LYS A 95 10.50 4.40 -1.71
CA LYS A 95 10.31 5.75 -2.22
C LYS A 95 11.60 6.27 -2.84
N ILE A 96 11.53 6.64 -4.12
CA ILE A 96 12.69 7.16 -4.84
C ILE A 96 13.46 8.16 -3.98
N ASN A 97 12.73 8.97 -3.23
CA ASN A 97 13.34 9.97 -2.36
C ASN A 97 12.90 9.79 -0.91
N LYS A 98 13.86 9.58 -0.02
CA LYS A 98 13.57 9.39 1.40
C LYS A 98 13.11 10.70 2.03
N MET A 99 13.25 11.79 1.29
CA MET A 99 12.84 13.11 1.79
C MET A 99 11.52 13.54 1.16
N GLU A 100 10.64 12.57 0.93
CA GLU A 100 9.33 12.86 0.33
C GLU A 100 8.23 12.12 1.07
N TRP A 101 7.06 12.74 1.15
CA TRP A 101 5.91 12.14 1.83
C TRP A 101 4.83 11.72 0.83
N TRP A 102 3.95 10.84 1.26
CA TRP A 102 2.87 10.35 0.40
C TRP A 102 1.51 10.70 0.99
N ASN A 103 0.62 11.22 0.15
CA ASN A 103 -0.72 11.61 0.58
C ASN A 103 -1.73 10.51 0.25
N ARG A 104 -1.32 9.55 -0.57
CA ARG A 104 -2.18 8.45 -0.96
C ARG A 104 -1.39 7.36 -1.68
N LEU A 105 -1.50 6.14 -1.20
CA LEU A 105 -0.79 5.01 -1.79
C LEU A 105 -0.92 5.04 -3.31
N VAL A 106 -2.15 5.18 -3.80
CA VAL A 106 -2.40 5.21 -5.23
C VAL A 106 -3.56 6.16 -5.55
N THR A 107 -3.67 6.54 -6.82
CA THR A 107 -4.73 7.44 -7.27
C THR A 107 -6.11 6.85 -6.96
N SER A 108 -6.14 5.57 -6.61
CA SER A 108 -7.39 4.90 -6.31
C SER A 108 -7.59 4.79 -4.80
N ASP A 109 -7.15 5.82 -4.08
CA ASP A 109 -7.28 5.84 -2.63
C ASP A 109 -7.63 7.24 -2.14
N PRO A 110 -8.33 7.31 -0.99
CA PRO A 110 -8.74 8.58 -0.39
C PRO A 110 -7.56 9.37 0.16
N GLU A 111 -7.58 10.68 -0.05
CA GLU A 111 -6.51 11.55 0.42
C GLU A 111 -6.53 11.66 1.95
N ILE A 112 -5.40 12.03 2.53
CA ILE A 112 -5.29 12.18 3.98
C ILE A 112 -4.55 13.46 4.35
N ASN A 113 -5.05 14.15 5.36
CA ASN A 113 -4.43 15.39 5.82
C ASN A 113 -3.04 15.13 6.37
N THR A 114 -2.03 15.26 5.53
CA THR A 114 -0.65 15.04 5.93
C THR A 114 -0.07 16.29 6.60
N LYS A 115 0.52 16.10 7.77
CA LYS A 115 1.12 17.21 8.51
C LYS A 115 2.53 17.50 8.00
N SER A 116 3.41 16.50 8.11
CA SER A 116 4.79 16.66 7.67
C SER A 116 4.85 16.94 6.16
N GLY A 117 5.92 17.60 5.74
CA GLY A 117 6.08 17.92 4.34
C GLY A 117 7.49 18.39 3.99
N PRO A 118 7.80 19.63 4.36
CA PRO A 118 9.12 20.23 4.10
C PRO A 118 10.22 19.60 4.96
N SER A 119 11.45 20.00 4.71
CA SER A 119 12.59 19.48 5.46
C SER A 119 12.75 20.20 6.80
N SER A 120 12.36 19.52 7.89
CA SER A 120 12.46 20.11 9.22
C SER A 120 13.90 20.42 9.57
N GLY A 121 14.18 21.68 9.87
CA GLY A 121 15.53 22.10 10.22
C GLY A 121 15.80 23.54 9.88
N GLY A 1 -12.74 0.72 -1.95
CA GLY A 1 -13.72 0.24 -0.98
C GLY A 1 -15.12 0.74 -1.28
N SER A 2 -16.12 -0.05 -0.90
CA SER A 2 -17.51 0.32 -1.13
C SER A 2 -18.17 0.80 0.16
N SER A 3 -18.19 -0.07 1.16
CA SER A 3 -18.79 0.26 2.45
C SER A 3 -17.73 0.44 3.51
N GLY A 4 -17.91 1.43 4.37
CA GLY A 4 -16.95 1.69 5.43
C GLY A 4 -15.91 2.71 5.03
N SER A 5 -16.32 3.97 4.95
CA SER A 5 -15.40 5.05 4.57
C SER A 5 -14.42 5.35 5.70
N SER A 6 -13.13 5.28 5.39
CA SER A 6 -12.08 5.54 6.37
C SER A 6 -10.90 6.25 5.72
N GLY A 7 -10.61 7.46 6.18
CA GLY A 7 -9.50 8.22 5.64
C GLY A 7 -8.60 8.78 6.73
N LYS A 8 -8.35 7.98 7.76
CA LYS A 8 -7.51 8.40 8.87
C LYS A 8 -6.26 7.52 8.96
N PRO A 9 -5.17 8.10 9.48
CA PRO A 9 -3.89 7.39 9.64
C PRO A 9 -3.97 6.31 10.73
N ASN A 10 -3.09 5.32 10.62
CA ASN A 10 -3.05 4.22 11.59
C ASN A 10 -1.86 4.37 12.53
N LEU A 11 -0.66 4.14 11.99
CA LEU A 11 0.56 4.24 12.78
C LEU A 11 1.64 5.00 12.02
N GLY A 12 1.76 4.71 10.73
CA GLY A 12 2.76 5.37 9.91
C GLY A 12 2.15 6.43 9.01
N ASN A 13 1.33 7.30 9.58
CA ASN A 13 0.69 8.36 8.82
C ASN A 13 0.07 7.81 7.53
N GLY A 14 -0.38 6.56 7.58
CA GLY A 14 -0.97 5.93 6.42
C GLY A 14 -2.48 6.14 6.36
N ALA A 15 -3.21 5.08 6.01
CA ALA A 15 -4.65 5.15 5.92
C ALA A 15 -5.29 3.80 6.25
N ASP A 16 -6.21 3.80 7.22
CA ASP A 16 -6.89 2.57 7.62
C ASP A 16 -8.13 2.34 6.77
N LEU A 17 -8.00 1.48 5.77
CA LEU A 17 -9.11 1.17 4.88
C LEU A 17 -9.73 -0.19 5.23
N PRO A 18 -11.01 -0.36 4.90
CA PRO A 18 -11.75 -1.60 5.18
C PRO A 18 -11.27 -2.76 4.29
N ASN A 19 -10.60 -2.42 3.19
CA ASN A 19 -10.09 -3.43 2.27
C ASN A 19 -8.65 -3.81 2.62
N TYR A 20 -7.91 -2.84 3.15
CA TYR A 20 -6.52 -3.08 3.52
C TYR A 20 -5.93 -1.85 4.21
N ARG A 21 -4.85 -2.07 4.96
CA ARG A 21 -4.19 -0.98 5.67
C ARG A 21 -2.75 -0.81 5.19
N TRP A 22 -2.34 0.44 5.00
CA TRP A 22 -0.99 0.75 4.53
C TRP A 22 -0.40 1.92 5.30
N THR A 23 0.92 1.94 5.42
CA THR A 23 1.61 3.01 6.14
C THR A 23 2.63 3.70 5.24
N GLN A 24 3.08 4.88 5.66
CA GLN A 24 4.06 5.64 4.89
C GLN A 24 5.03 6.36 5.82
N THR A 25 6.31 6.36 5.45
CA THR A 25 7.33 7.02 6.25
C THR A 25 8.30 7.79 5.37
N LEU A 26 9.29 8.42 6.00
CA LEU A 26 10.28 9.21 5.27
C LEU A 26 11.39 8.31 4.73
N ALA A 27 11.08 7.03 4.56
CA ALA A 27 12.05 6.06 4.06
C ALA A 27 11.42 5.17 2.99
N GLU A 28 10.21 4.71 3.25
CA GLU A 28 9.50 3.85 2.31
C GLU A 28 8.03 3.69 2.71
N LEU A 29 7.25 3.03 1.85
CA LEU A 29 5.84 2.82 2.11
C LEU A 29 5.55 1.34 2.32
N ASP A 30 4.64 1.04 3.24
CA ASP A 30 4.26 -0.33 3.54
C ASP A 30 2.77 -0.56 3.27
N LEU A 31 2.46 -1.76 2.79
CA LEU A 31 1.07 -2.10 2.48
C LEU A 31 0.75 -3.52 2.95
N ALA A 32 -0.48 -3.71 3.44
CA ALA A 32 -0.91 -5.01 3.92
C ALA A 32 -2.36 -5.29 3.52
N VAL A 33 -2.55 -6.24 2.60
CA VAL A 33 -3.88 -6.60 2.13
C VAL A 33 -4.33 -7.93 2.73
N PRO A 34 -5.21 -7.85 3.75
CA PRO A 34 -5.74 -9.04 4.42
C PRO A 34 -6.68 -9.85 3.53
N PHE A 35 -6.45 -11.16 3.46
CA PHE A 35 -7.28 -12.04 2.64
C PHE A 35 -8.05 -13.02 3.51
N ARG A 36 -9.34 -13.17 3.23
CA ARG A 36 -10.19 -14.08 3.99
C ARG A 36 -9.94 -15.52 3.59
N VAL A 37 -8.66 -15.91 3.53
CA VAL A 37 -8.30 -17.27 3.16
C VAL A 37 -8.08 -18.14 4.40
N SER A 38 -8.39 -19.42 4.27
CA SER A 38 -8.24 -20.36 5.38
C SER A 38 -7.10 -21.33 5.11
N PHE A 39 -6.13 -20.90 4.31
CA PHE A 39 -4.97 -21.72 3.98
C PHE A 39 -3.73 -20.86 3.76
N ARG A 40 -2.63 -21.50 3.38
CA ARG A 40 -1.38 -20.80 3.14
C ARG A 40 -1.27 -20.38 1.68
N LEU A 41 -1.10 -19.08 1.46
CA LEU A 41 -0.98 -18.55 0.11
C LEU A 41 0.43 -18.77 -0.45
N LYS A 42 0.50 -19.00 -1.76
CA LYS A 42 1.78 -19.24 -2.41
C LYS A 42 2.06 -18.17 -3.47
N GLY A 43 3.32 -17.75 -3.55
CA GLY A 43 3.69 -16.73 -4.52
C GLY A 43 2.94 -16.87 -5.84
N LYS A 44 2.78 -18.11 -6.28
CA LYS A 44 2.07 -18.39 -7.53
C LYS A 44 0.57 -18.18 -7.37
N ASP A 45 0.05 -18.56 -6.21
CA ASP A 45 -1.38 -18.41 -5.92
C ASP A 45 -1.80 -16.95 -6.03
N VAL A 46 -0.95 -16.06 -5.54
CA VAL A 46 -1.23 -14.62 -5.58
C VAL A 46 -0.58 -13.97 -6.79
N VAL A 47 -1.04 -12.76 -7.12
CA VAL A 47 -0.50 -12.03 -8.26
C VAL A 47 -0.20 -10.58 -7.88
N VAL A 48 1.08 -10.27 -7.70
CA VAL A 48 1.50 -8.92 -7.35
C VAL A 48 2.48 -8.35 -8.37
N ASP A 49 2.07 -7.28 -9.04
CA ASP A 49 2.92 -6.65 -10.04
C ASP A 49 3.38 -5.27 -9.57
N ILE A 50 4.68 -5.17 -9.26
CA ILE A 50 5.25 -3.91 -8.79
C ILE A 50 5.96 -3.18 -9.92
N GLN A 51 5.59 -1.92 -10.14
CA GLN A 51 6.20 -1.12 -11.19
C GLN A 51 6.73 0.20 -10.64
N ARG A 52 7.38 0.99 -11.49
CA ARG A 52 7.93 2.27 -11.08
C ARG A 52 6.84 3.17 -10.50
N ARG A 53 5.81 3.43 -11.29
CA ARG A 53 4.71 4.28 -10.86
C ARG A 53 3.38 3.53 -10.94
N HIS A 54 3.42 2.22 -10.67
CA HIS A 54 2.23 1.39 -10.72
C HIS A 54 2.39 0.15 -9.86
N LEU A 55 1.32 -0.26 -9.18
CA LEU A 55 1.35 -1.43 -8.33
C LEU A 55 0.05 -2.21 -8.42
N ARG A 56 0.15 -3.54 -8.41
CA ARG A 56 -1.03 -4.40 -8.49
C ARG A 56 -0.94 -5.53 -7.48
N VAL A 57 -2.06 -5.80 -6.81
CA VAL A 57 -2.12 -6.87 -5.81
C VAL A 57 -3.43 -7.63 -5.89
N GLY A 58 -3.37 -8.93 -5.67
CA GLY A 58 -4.57 -9.76 -5.72
C GLY A 58 -4.25 -11.23 -5.85
N LEU A 59 -5.26 -12.02 -6.24
CA LEU A 59 -5.08 -13.45 -6.42
C LEU A 59 -5.33 -13.85 -7.87
N LYS A 60 -4.60 -14.86 -8.33
CA LYS A 60 -4.73 -15.35 -9.70
C LYS A 60 -6.20 -15.57 -10.05
N GLY A 61 -6.60 -15.08 -11.22
CA GLY A 61 -7.97 -15.23 -11.66
C GLY A 61 -8.88 -14.19 -11.05
N GLN A 62 -8.93 -14.14 -9.72
CA GLN A 62 -9.77 -13.19 -9.01
C GLN A 62 -9.33 -11.76 -9.31
N PRO A 63 -10.23 -10.79 -9.03
CA PRO A 63 -9.96 -9.37 -9.25
C PRO A 63 -8.92 -8.81 -8.29
N PRO A 64 -8.01 -7.99 -8.80
CA PRO A 64 -6.94 -7.37 -8.01
C PRO A 64 -7.48 -6.33 -7.03
N VAL A 65 -7.32 -6.59 -5.73
CA VAL A 65 -7.78 -5.68 -4.71
C VAL A 65 -7.14 -4.30 -4.86
N VAL A 66 -5.84 -4.28 -5.14
CA VAL A 66 -5.12 -3.03 -5.32
C VAL A 66 -4.68 -2.84 -6.76
N ASP A 67 -5.22 -1.81 -7.39
CA ASP A 67 -4.89 -1.51 -8.79
C ASP A 67 -5.08 -0.03 -9.09
N GLY A 68 -3.98 0.70 -9.24
CA GLY A 68 -4.05 2.12 -9.53
C GLY A 68 -2.68 2.77 -9.58
N GLU A 69 -2.53 3.77 -10.45
CA GLU A 69 -1.27 4.47 -10.60
C GLU A 69 -0.77 4.99 -9.25
N LEU A 70 0.46 4.65 -8.91
CA LEU A 70 1.06 5.09 -7.65
C LEU A 70 1.16 6.60 -7.59
N TYR A 71 1.04 7.15 -6.38
CA TYR A 71 1.12 8.60 -6.18
C TYR A 71 2.43 9.15 -6.72
N ASN A 72 3.53 8.46 -6.41
CA ASN A 72 4.85 8.89 -6.85
C ASN A 72 5.68 7.69 -7.31
N GLU A 73 6.89 7.96 -7.78
CA GLU A 73 7.79 6.90 -8.25
C GLU A 73 8.37 6.13 -7.07
N VAL A 74 8.50 4.82 -7.23
CA VAL A 74 9.05 3.97 -6.19
C VAL A 74 10.06 2.97 -6.76
N LYS A 75 11.26 2.97 -6.20
CA LYS A 75 12.31 2.07 -6.65
C LYS A 75 11.77 0.64 -6.83
N VAL A 76 11.37 0.34 -8.07
CA VAL A 76 10.85 -0.99 -8.38
C VAL A 76 11.94 -2.05 -8.36
N GLU A 77 13.15 -1.63 -8.74
CA GLU A 77 14.29 -2.54 -8.77
C GLU A 77 14.58 -3.09 -7.38
N GLU A 78 14.20 -2.34 -6.36
CA GLU A 78 14.43 -2.74 -4.98
C GLU A 78 13.14 -3.23 -4.34
N SER A 79 12.03 -2.55 -4.64
CA SER A 79 10.74 -2.91 -4.09
C SER A 79 10.52 -4.42 -4.13
N SER A 80 9.78 -4.94 -3.15
CA SER A 80 9.51 -6.37 -3.08
C SER A 80 8.36 -6.64 -2.10
N TRP A 81 7.68 -7.77 -2.32
CA TRP A 81 6.56 -8.15 -1.46
C TRP A 81 6.75 -9.55 -0.90
N LEU A 82 5.95 -9.91 0.09
CA LEU A 82 6.04 -11.23 0.71
C LEU A 82 4.69 -11.64 1.29
N ILE A 83 4.55 -12.93 1.58
CA ILE A 83 3.31 -13.45 2.15
C ILE A 83 3.40 -13.55 3.67
N GLU A 84 2.40 -13.00 4.35
CA GLU A 84 2.36 -13.03 5.80
C GLU A 84 1.35 -14.05 6.31
N ASP A 85 1.83 -15.01 7.09
CA ASP A 85 0.97 -16.05 7.64
C ASP A 85 0.06 -16.63 6.56
N GLY A 86 0.59 -16.76 5.35
CA GLY A 86 -0.19 -17.29 4.25
C GLY A 86 -1.63 -16.82 4.27
N LYS A 87 -1.85 -15.65 4.88
CA LYS A 87 -3.19 -15.08 4.97
C LYS A 87 -3.21 -13.65 4.48
N VAL A 88 -2.07 -12.98 4.59
CA VAL A 88 -1.95 -11.59 4.14
C VAL A 88 -0.81 -11.43 3.13
N VAL A 89 -0.88 -10.36 2.36
CA VAL A 89 0.15 -10.08 1.35
C VAL A 89 0.71 -8.67 1.51
N THR A 90 1.90 -8.58 2.10
CA THR A 90 2.56 -7.29 2.30
C THR A 90 3.45 -6.93 1.12
N VAL A 91 3.46 -5.65 0.78
CA VAL A 91 4.27 -5.17 -0.34
C VAL A 91 5.10 -3.95 0.07
N HIS A 92 6.42 -4.12 0.11
CA HIS A 92 7.32 -3.04 0.48
C HIS A 92 7.65 -2.18 -0.72
N LEU A 93 7.38 -0.88 -0.61
CA LEU A 93 7.65 0.06 -1.69
C LEU A 93 8.70 1.09 -1.27
N GLU A 94 9.81 1.12 -1.99
CA GLU A 94 10.89 2.07 -1.69
C GLU A 94 10.61 3.42 -2.33
N LYS A 95 10.54 4.47 -1.50
CA LYS A 95 10.29 5.81 -1.98
C LYS A 95 11.54 6.41 -2.61
N ILE A 96 11.47 6.69 -3.92
CA ILE A 96 12.60 7.26 -4.63
C ILE A 96 13.23 8.39 -3.84
N ASN A 97 12.41 9.22 -3.22
CA ASN A 97 12.90 10.34 -2.42
C ASN A 97 12.50 10.18 -0.96
N LYS A 98 13.27 9.39 -0.23
CA LYS A 98 13.01 9.15 1.18
C LYS A 98 12.64 10.45 1.90
N MET A 99 13.16 11.57 1.39
CA MET A 99 12.89 12.87 1.98
C MET A 99 11.58 13.44 1.44
N GLU A 100 10.66 12.55 1.08
CA GLU A 100 9.36 12.96 0.55
C GLU A 100 8.23 12.17 1.20
N TRP A 101 7.10 12.83 1.40
CA TRP A 101 5.94 12.18 2.02
C TRP A 101 4.90 11.80 0.97
N TRP A 102 3.93 10.99 1.36
CA TRP A 102 2.88 10.55 0.45
C TRP A 102 1.50 10.93 0.98
N ASN A 103 0.62 11.34 0.09
CA ASN A 103 -0.73 11.74 0.47
C ASN A 103 -1.69 10.57 0.35
N ARG A 104 -1.27 9.52 -0.35
CA ARG A 104 -2.09 8.33 -0.54
C ARG A 104 -1.28 7.21 -1.17
N LEU A 105 -1.86 6.01 -1.20
CA LEU A 105 -1.19 4.85 -1.78
C LEU A 105 -1.29 4.87 -3.30
N VAL A 106 -2.51 5.06 -3.81
CA VAL A 106 -2.73 5.10 -5.24
C VAL A 106 -3.68 6.24 -5.62
N THR A 107 -3.99 6.36 -6.91
CA THR A 107 -4.87 7.40 -7.40
C THR A 107 -6.33 6.99 -7.23
N SER A 108 -6.60 6.15 -6.24
CA SER A 108 -7.96 5.68 -5.98
C SER A 108 -8.31 5.83 -4.50
N ASP A 109 -7.37 5.46 -3.64
CA ASP A 109 -7.59 5.56 -2.20
C ASP A 109 -7.72 7.01 -1.76
N PRO A 110 -8.42 7.23 -0.63
CA PRO A 110 -8.65 8.57 -0.09
C PRO A 110 -7.37 9.20 0.47
N GLU A 111 -7.18 10.48 0.22
CA GLU A 111 -6.00 11.19 0.69
C GLU A 111 -6.02 11.31 2.21
N ILE A 112 -4.85 11.60 2.78
CA ILE A 112 -4.73 11.74 4.23
C ILE A 112 -3.91 12.97 4.60
N ASN A 113 -4.41 13.75 5.55
CA ASN A 113 -3.71 14.96 5.99
C ASN A 113 -2.26 14.64 6.37
N THR A 114 -1.33 15.12 5.56
CA THR A 114 0.09 14.90 5.80
C THR A 114 0.66 15.97 6.72
N LYS A 115 0.36 17.23 6.42
CA LYS A 115 0.85 18.35 7.22
C LYS A 115 2.36 18.24 7.45
N SER A 116 3.08 17.88 6.40
CA SER A 116 4.53 17.74 6.48
C SER A 116 5.22 18.49 5.35
N GLY A 117 6.20 19.32 5.70
CA GLY A 117 6.91 20.08 4.70
C GLY A 117 6.19 21.35 4.29
N PRO A 118 6.60 22.49 4.90
CA PRO A 118 5.99 23.79 4.61
C PRO A 118 6.32 24.29 3.21
N SER A 119 7.32 23.67 2.58
CA SER A 119 7.73 24.06 1.24
C SER A 119 6.75 23.54 0.20
N SER A 120 6.03 24.46 -0.44
CA SER A 120 5.06 24.09 -1.47
C SER A 120 5.70 24.08 -2.85
N GLY A 121 5.13 23.28 -3.76
CA GLY A 121 5.65 23.20 -5.10
C GLY A 121 5.84 21.76 -5.56
N GLY A 1 -27.63 9.54 8.79
CA GLY A 1 -26.23 9.35 9.12
C GLY A 1 -25.31 10.08 8.15
N SER A 2 -24.02 10.04 8.44
CA SER A 2 -23.03 10.71 7.59
C SER A 2 -21.84 9.80 7.32
N SER A 3 -21.49 9.63 6.05
CA SER A 3 -20.38 8.77 5.66
C SER A 3 -19.07 9.28 6.26
N GLY A 4 -18.06 8.43 6.28
CA GLY A 4 -16.77 8.81 6.82
C GLY A 4 -16.34 7.92 7.97
N SER A 5 -15.59 8.50 8.91
CA SER A 5 -15.10 7.75 10.07
C SER A 5 -14.26 6.56 9.63
N SER A 6 -13.52 6.74 8.54
CA SER A 6 -12.67 5.67 8.01
C SER A 6 -11.44 6.25 7.33
N GLY A 7 -10.39 5.44 7.20
CA GLY A 7 -9.17 5.89 6.56
C GLY A 7 -8.44 6.92 7.40
N LYS A 8 -8.51 6.77 8.72
CA LYS A 8 -7.85 7.70 9.63
C LYS A 8 -6.33 7.56 9.53
N PRO A 9 -5.61 8.66 9.83
CA PRO A 9 -4.15 8.69 9.78
C PRO A 9 -3.52 7.85 10.89
N ASN A 10 -3.28 6.58 10.60
CA ASN A 10 -2.68 5.67 11.58
C ASN A 10 -1.27 6.13 11.94
N LEU A 11 -0.66 5.43 12.89
CA LEU A 11 0.69 5.76 13.34
C LEU A 11 1.61 6.02 12.15
N GLY A 12 1.66 5.06 11.23
CA GLY A 12 2.50 5.20 10.05
C GLY A 12 1.91 6.14 9.02
N ASN A 13 1.41 7.29 9.47
CA ASN A 13 0.81 8.27 8.59
C ASN A 13 0.03 7.58 7.47
N GLY A 14 -0.48 6.39 7.76
CA GLY A 14 -1.25 5.66 6.77
C GLY A 14 -2.75 5.75 7.00
N ALA A 15 -3.52 5.12 6.14
CA ALA A 15 -4.97 5.13 6.25
C ALA A 15 -5.53 3.73 6.47
N ASP A 16 -6.21 3.53 7.60
CA ASP A 16 -6.79 2.23 7.93
C ASP A 16 -8.08 2.00 7.15
N LEU A 17 -8.02 1.11 6.16
CA LEU A 17 -9.18 0.79 5.35
C LEU A 17 -9.71 -0.59 5.67
N PRO A 18 -11.03 -0.79 5.44
CA PRO A 18 -11.69 -2.07 5.70
C PRO A 18 -11.25 -3.17 4.73
N ASN A 19 -10.76 -2.75 3.57
CA ASN A 19 -10.30 -3.70 2.56
C ASN A 19 -8.83 -4.07 2.77
N TYR A 20 -8.05 -3.09 3.24
CA TYR A 20 -6.63 -3.30 3.49
C TYR A 20 -6.02 -2.11 4.21
N ARG A 21 -4.90 -2.35 4.90
CA ARG A 21 -4.22 -1.29 5.62
C ARG A 21 -2.81 -1.08 5.09
N TRP A 22 -2.41 0.18 4.94
CA TRP A 22 -1.09 0.52 4.44
C TRP A 22 -0.52 1.72 5.17
N THR A 23 0.81 1.78 5.25
CA THR A 23 1.48 2.88 5.93
C THR A 23 2.51 3.55 5.01
N GLN A 24 3.01 4.70 5.43
CA GLN A 24 3.99 5.44 4.65
C GLN A 24 5.02 6.10 5.56
N THR A 25 6.30 5.98 5.20
CA THR A 25 7.38 6.56 5.97
C THR A 25 8.38 7.26 5.08
N LEU A 26 8.94 8.37 5.56
CA LEU A 26 9.92 9.14 4.80
C LEU A 26 10.94 8.21 4.14
N ALA A 27 11.08 7.01 4.69
CA ALA A 27 12.02 6.03 4.15
C ALA A 27 11.39 5.24 3.01
N GLU A 28 10.27 4.59 3.29
CA GLU A 28 9.58 3.80 2.28
C GLU A 28 8.12 3.60 2.65
N LEU A 29 7.35 2.98 1.75
CA LEU A 29 5.93 2.74 1.99
C LEU A 29 5.67 1.25 2.15
N ASP A 30 4.51 0.93 2.72
CA ASP A 30 4.13 -0.47 2.94
C ASP A 30 2.62 -0.65 2.78
N LEU A 31 2.22 -1.80 2.24
CA LEU A 31 0.81 -2.10 2.03
C LEU A 31 0.49 -3.53 2.46
N ALA A 32 -0.59 -3.68 3.24
CA ALA A 32 -1.00 -4.99 3.71
C ALA A 32 -2.45 -5.28 3.30
N VAL A 33 -2.63 -6.33 2.50
CA VAL A 33 -3.96 -6.72 2.05
C VAL A 33 -4.40 -8.04 2.68
N PRO A 34 -5.20 -7.95 3.74
CA PRO A 34 -5.70 -9.14 4.45
C PRO A 34 -6.72 -9.92 3.63
N PHE A 35 -6.42 -11.20 3.40
CA PHE A 35 -7.31 -12.06 2.62
C PHE A 35 -7.91 -13.15 3.51
N ARG A 36 -9.23 -13.31 3.42
CA ARG A 36 -9.93 -14.31 4.21
C ARG A 36 -9.74 -15.71 3.61
N VAL A 37 -8.50 -16.17 3.56
CA VAL A 37 -8.18 -17.47 3.01
C VAL A 37 -8.13 -18.53 4.10
N SER A 38 -8.59 -19.74 3.78
CA SER A 38 -8.58 -20.84 4.74
C SER A 38 -7.38 -21.74 4.52
N PHE A 39 -6.37 -21.22 3.84
CA PHE A 39 -5.15 -21.99 3.56
C PHE A 39 -3.94 -21.08 3.50
N ARG A 40 -2.77 -21.68 3.26
CA ARG A 40 -1.53 -20.92 3.17
C ARG A 40 -1.35 -20.31 1.78
N LEU A 41 -1.14 -18.99 1.75
CA LEU A 41 -0.97 -18.29 0.48
C LEU A 41 0.47 -18.42 -0.02
N LYS A 42 0.60 -18.74 -1.29
CA LYS A 42 1.93 -18.90 -1.90
C LYS A 42 2.20 -17.80 -2.92
N GLY A 43 3.44 -17.33 -2.96
CA GLY A 43 3.81 -16.28 -3.88
C GLY A 43 3.14 -16.43 -5.23
N LYS A 44 3.06 -17.67 -5.72
CA LYS A 44 2.45 -17.95 -7.00
C LYS A 44 0.94 -17.78 -6.94
N ASP A 45 0.37 -18.11 -5.78
CA ASP A 45 -1.07 -18.00 -5.58
C ASP A 45 -1.53 -16.55 -5.74
N VAL A 46 -0.74 -15.62 -5.19
CA VAL A 46 -1.06 -14.20 -5.27
C VAL A 46 -0.31 -13.53 -6.41
N VAL A 47 -0.94 -12.53 -7.02
CA VAL A 47 -0.32 -11.80 -8.13
C VAL A 47 -0.12 -10.33 -7.77
N VAL A 48 1.11 -9.99 -7.39
CA VAL A 48 1.44 -8.62 -7.03
C VAL A 48 2.43 -8.01 -8.02
N ASP A 49 1.92 -7.13 -8.88
CA ASP A 49 2.75 -6.46 -9.87
C ASP A 49 3.26 -5.12 -9.36
N ILE A 50 4.58 -4.95 -9.38
CA ILE A 50 5.19 -3.71 -8.91
C ILE A 50 5.92 -3.00 -10.05
N GLN A 51 5.60 -1.72 -10.25
CA GLN A 51 6.23 -0.94 -11.30
C GLN A 51 6.79 0.37 -10.73
N ARG A 52 7.38 1.17 -11.61
CA ARG A 52 7.96 2.46 -11.20
C ARG A 52 6.95 3.28 -10.40
N ARG A 53 5.81 3.55 -11.01
CA ARG A 53 4.76 4.33 -10.36
C ARG A 53 3.42 3.61 -10.44
N HIS A 54 3.46 2.31 -10.67
CA HIS A 54 2.24 1.51 -10.77
C HIS A 54 2.34 0.25 -9.91
N LEU A 55 1.29 -0.02 -9.15
CA LEU A 55 1.25 -1.19 -8.28
C LEU A 55 -0.07 -1.93 -8.41
N ARG A 56 -0.01 -3.26 -8.40
CA ARG A 56 -1.20 -4.09 -8.52
C ARG A 56 -1.12 -5.28 -7.57
N VAL A 57 -2.20 -5.51 -6.84
CA VAL A 57 -2.27 -6.62 -5.89
C VAL A 57 -3.59 -7.37 -6.00
N GLY A 58 -3.54 -8.69 -5.85
CA GLY A 58 -4.74 -9.50 -5.94
C GLY A 58 -4.43 -10.98 -6.04
N LEU A 59 -5.47 -11.80 -6.01
CA LEU A 59 -5.31 -13.25 -6.10
C LEU A 59 -5.24 -13.69 -7.55
N LYS A 60 -4.66 -14.87 -7.78
CA LYS A 60 -4.54 -15.41 -9.12
C LYS A 60 -5.91 -15.55 -9.78
N GLY A 61 -6.05 -14.95 -10.97
CA GLY A 61 -7.31 -15.03 -11.68
C GLY A 61 -8.31 -13.99 -11.19
N GLN A 62 -8.53 -13.94 -9.89
CA GLN A 62 -9.46 -13.00 -9.30
C GLN A 62 -9.04 -11.56 -9.58
N PRO A 63 -9.98 -10.62 -9.43
CA PRO A 63 -9.73 -9.20 -9.66
C PRO A 63 -8.81 -8.59 -8.61
N PRO A 64 -7.94 -7.67 -9.05
CA PRO A 64 -6.98 -7.00 -8.16
C PRO A 64 -7.67 -6.02 -7.21
N VAL A 65 -7.48 -6.23 -5.92
CA VAL A 65 -8.08 -5.37 -4.90
C VAL A 65 -7.48 -3.97 -4.94
N VAL A 66 -6.24 -3.88 -5.43
CA VAL A 66 -5.55 -2.60 -5.53
C VAL A 66 -4.96 -2.39 -6.92
N ASP A 67 -5.55 -1.48 -7.68
CA ASP A 67 -5.08 -1.18 -9.03
C ASP A 67 -5.14 0.32 -9.31
N GLY A 68 -3.98 0.94 -9.44
CA GLY A 68 -3.92 2.36 -9.71
C GLY A 68 -2.50 2.88 -9.77
N GLU A 69 -2.32 4.04 -10.39
CA GLU A 69 -1.00 4.65 -10.53
C GLU A 69 -0.52 5.19 -9.19
N LEU A 70 0.57 4.61 -8.68
CA LEU A 70 1.14 5.04 -7.40
C LEU A 70 1.18 6.56 -7.31
N TYR A 71 1.29 7.07 -6.08
CA TYR A 71 1.34 8.51 -5.85
C TYR A 71 2.65 9.10 -6.37
N ASN A 72 3.75 8.41 -6.10
CA ASN A 72 5.07 8.87 -6.54
C ASN A 72 5.91 7.69 -7.04
N GLU A 73 7.05 8.01 -7.65
CA GLU A 73 7.95 6.97 -8.16
C GLU A 73 8.57 6.18 -7.03
N VAL A 74 8.58 4.86 -7.19
CA VAL A 74 9.15 3.97 -6.18
C VAL A 74 10.12 2.97 -6.80
N LYS A 75 11.36 2.99 -6.33
CA LYS A 75 12.39 2.08 -6.84
C LYS A 75 11.83 0.68 -7.03
N VAL A 76 11.33 0.40 -8.22
CA VAL A 76 10.77 -0.91 -8.53
C VAL A 76 11.84 -1.99 -8.51
N GLU A 77 13.02 -1.66 -9.04
CA GLU A 77 14.13 -2.60 -9.08
C GLU A 77 14.40 -3.17 -7.69
N GLU A 78 13.94 -2.46 -6.67
CA GLU A 78 14.14 -2.90 -5.29
C GLU A 78 12.82 -3.35 -4.66
N SER A 79 11.76 -2.63 -4.99
CA SER A 79 10.43 -2.94 -4.46
C SER A 79 10.20 -4.45 -4.42
N SER A 80 9.40 -4.90 -3.46
CA SER A 80 9.10 -6.32 -3.32
C SER A 80 7.95 -6.54 -2.34
N TRP A 81 7.59 -7.79 -2.14
CA TRP A 81 6.51 -8.14 -1.22
C TRP A 81 6.71 -9.53 -0.64
N LEU A 82 5.88 -9.89 0.34
CA LEU A 82 5.97 -11.19 0.99
C LEU A 82 4.65 -11.56 1.65
N ILE A 83 4.29 -12.84 1.59
CA ILE A 83 3.05 -13.32 2.20
C ILE A 83 3.22 -13.53 3.70
N GLU A 84 2.35 -12.89 4.48
CA GLU A 84 2.41 -13.02 5.93
C GLU A 84 1.33 -13.98 6.44
N ASP A 85 1.66 -14.72 7.49
CA ASP A 85 0.72 -15.67 8.06
C ASP A 85 -0.04 -16.42 6.98
N GLY A 86 0.56 -16.51 5.79
CA GLY A 86 -0.08 -17.19 4.69
C GLY A 86 -1.51 -16.75 4.47
N LYS A 87 -1.87 -15.60 5.06
CA LYS A 87 -3.21 -15.07 4.93
C LYS A 87 -3.18 -13.62 4.44
N VAL A 88 -2.04 -12.96 4.65
CA VAL A 88 -1.88 -11.57 4.23
C VAL A 88 -0.74 -11.42 3.23
N VAL A 89 -0.76 -10.33 2.48
CA VAL A 89 0.27 -10.08 1.47
C VAL A 89 0.82 -8.66 1.61
N THR A 90 1.96 -8.54 2.29
CA THR A 90 2.60 -7.24 2.49
C THR A 90 3.49 -6.88 1.31
N VAL A 91 3.39 -5.62 0.88
CA VAL A 91 4.18 -5.15 -0.25
C VAL A 91 5.03 -3.94 0.15
N HIS A 92 6.35 -4.10 0.06
CA HIS A 92 7.27 -3.02 0.42
C HIS A 92 7.58 -2.16 -0.80
N LEU A 93 7.32 -0.85 -0.68
CA LEU A 93 7.58 0.08 -1.77
C LEU A 93 8.68 1.06 -1.40
N GLU A 94 9.76 1.04 -2.17
CA GLU A 94 10.90 1.93 -1.91
C GLU A 94 10.66 3.30 -2.54
N LYS A 95 10.70 4.34 -1.72
CA LYS A 95 10.49 5.70 -2.19
C LYS A 95 11.76 6.26 -2.80
N ILE A 96 11.72 6.51 -4.12
CA ILE A 96 12.87 7.06 -4.83
C ILE A 96 13.63 8.06 -3.96
N ASN A 97 12.90 8.91 -3.26
CA ASN A 97 13.50 9.91 -2.40
C ASN A 97 13.05 9.72 -0.95
N LYS A 98 14.03 9.55 -0.05
CA LYS A 98 13.73 9.35 1.36
C LYS A 98 13.23 10.65 1.99
N MET A 99 13.24 11.73 1.22
CA MET A 99 12.78 13.03 1.70
C MET A 99 11.47 13.42 1.03
N GLU A 100 10.62 12.43 0.77
CA GLU A 100 9.33 12.68 0.13
C GLU A 100 8.22 11.96 0.88
N TRP A 101 7.08 12.64 1.02
CA TRP A 101 5.94 12.06 1.71
C TRP A 101 4.83 11.70 0.73
N TRP A 102 3.93 10.82 1.15
CA TRP A 102 2.82 10.39 0.31
C TRP A 102 1.48 10.83 0.89
N ASN A 103 0.51 11.05 0.03
CA ASN A 103 -0.82 11.48 0.47
C ASN A 103 -1.83 10.34 0.30
N ARG A 104 -1.42 9.30 -0.40
CA ARG A 104 -2.30 8.15 -0.64
C ARG A 104 -1.54 7.03 -1.34
N LEU A 105 -1.96 5.79 -1.09
CA LEU A 105 -1.32 4.63 -1.71
C LEU A 105 -1.34 4.73 -3.22
N VAL A 106 -2.55 4.74 -3.80
CA VAL A 106 -2.71 4.84 -5.24
C VAL A 106 -3.78 5.86 -5.60
N THR A 107 -3.71 6.36 -6.83
CA THR A 107 -4.67 7.35 -7.31
C THR A 107 -6.10 6.88 -7.08
N SER A 108 -6.27 5.58 -6.88
CA SER A 108 -7.59 5.00 -6.66
C SER A 108 -7.88 4.87 -5.17
N ASP A 109 -7.32 5.77 -4.38
CA ASP A 109 -7.51 5.76 -2.93
C ASP A 109 -7.76 7.16 -2.40
N PRO A 110 -8.42 7.25 -1.23
CA PRO A 110 -8.72 8.53 -0.59
C PRO A 110 -7.47 9.23 -0.06
N GLU A 111 -7.47 10.55 -0.12
CA GLU A 111 -6.34 11.34 0.36
C GLU A 111 -6.42 11.57 1.87
N ILE A 112 -5.31 11.99 2.46
CA ILE A 112 -5.26 12.23 3.90
C ILE A 112 -4.50 13.52 4.20
N ASN A 113 -5.14 14.42 4.93
CA ASN A 113 -4.53 15.70 5.29
C ASN A 113 -3.12 15.48 5.84
N THR A 114 -2.13 15.48 4.93
CA THR A 114 -0.74 15.29 5.33
C THR A 114 -0.28 16.38 6.27
N LYS A 115 -0.54 16.19 7.57
CA LYS A 115 -0.14 17.16 8.58
C LYS A 115 1.28 17.64 8.34
N SER A 116 2.24 16.73 8.52
CA SER A 116 3.65 17.06 8.32
C SER A 116 4.00 17.13 6.84
N GLY A 117 4.56 18.27 6.42
CA GLY A 117 4.93 18.44 5.03
C GLY A 117 5.06 19.90 4.65
N PRO A 118 6.28 20.44 4.77
CA PRO A 118 6.57 21.83 4.43
C PRO A 118 6.50 22.10 2.94
N SER A 119 6.39 21.04 2.15
CA SER A 119 6.32 21.16 0.70
C SER A 119 5.23 22.15 0.29
N SER A 120 5.07 22.34 -1.01
CA SER A 120 4.07 23.26 -1.53
C SER A 120 2.70 22.60 -1.60
N GLY A 121 2.64 21.47 -2.30
CA GLY A 121 1.37 20.76 -2.43
C GLY A 121 1.01 20.49 -3.88
N GLY A 1 -25.94 6.50 -0.27
CA GLY A 1 -26.08 6.23 1.15
C GLY A 1 -25.35 7.25 2.01
N SER A 2 -25.91 7.54 3.18
CA SER A 2 -25.32 8.51 4.09
C SER A 2 -23.80 8.38 4.10
N SER A 3 -23.12 9.47 4.45
CA SER A 3 -21.67 9.48 4.50
C SER A 3 -21.17 9.31 5.94
N GLY A 4 -19.95 8.80 6.08
CA GLY A 4 -19.38 8.59 7.38
C GLY A 4 -17.87 8.54 7.36
N SER A 5 -17.30 7.56 8.06
CA SER A 5 -15.85 7.41 8.12
C SER A 5 -15.39 6.22 7.27
N SER A 6 -14.41 6.46 6.41
CA SER A 6 -13.88 5.42 5.54
C SER A 6 -12.43 5.08 5.90
N GLY A 7 -11.59 6.11 5.92
CA GLY A 7 -10.19 5.90 6.25
C GLY A 7 -9.62 7.03 7.09
N LYS A 8 -8.84 6.68 8.11
CA LYS A 8 -8.23 7.66 8.99
C LYS A 8 -6.71 7.56 8.96
N PRO A 9 -6.03 8.67 9.23
CA PRO A 9 -4.57 8.74 9.24
C PRO A 9 -3.97 7.98 10.43
N ASN A 10 -3.24 6.90 10.13
CA ASN A 10 -2.62 6.09 11.17
C ASN A 10 -1.26 6.68 11.57
N LEU A 11 -0.62 6.04 12.54
CA LEU A 11 0.69 6.50 13.02
C LEU A 11 1.64 6.74 11.86
N GLY A 12 1.65 5.82 10.90
CA GLY A 12 2.52 5.96 9.75
C GLY A 12 1.90 6.79 8.64
N ASN A 13 1.26 7.89 9.03
CA ASN A 13 0.61 8.77 8.07
C ASN A 13 -0.06 7.97 6.95
N GLY A 14 -0.54 6.78 7.30
CA GLY A 14 -1.20 5.93 6.33
C GLY A 14 -2.71 6.09 6.35
N ALA A 15 -3.42 5.02 5.98
CA ALA A 15 -4.87 5.05 5.97
C ALA A 15 -5.45 3.67 6.27
N ASP A 16 -6.24 3.58 7.34
CA ASP A 16 -6.85 2.32 7.74
C ASP A 16 -8.12 2.06 6.94
N LEU A 17 -7.99 1.30 5.85
CA LEU A 17 -9.12 0.98 5.01
C LEU A 17 -9.74 -0.36 5.41
N PRO A 18 -11.03 -0.53 5.12
CA PRO A 18 -11.77 -1.76 5.44
C PRO A 18 -11.33 -2.94 4.58
N ASN A 19 -10.67 -2.63 3.46
CA ASN A 19 -10.20 -3.67 2.55
C ASN A 19 -8.74 -4.02 2.84
N TYR A 20 -7.99 -3.04 3.32
CA TYR A 20 -6.58 -3.24 3.64
C TYR A 20 -5.98 -2.01 4.32
N ARG A 21 -4.86 -2.20 5.00
CA ARG A 21 -4.20 -1.11 5.70
C ARG A 21 -2.78 -0.90 5.17
N TRP A 22 -2.42 0.34 4.92
CA TRP A 22 -1.09 0.67 4.40
C TRP A 22 -0.53 1.90 5.10
N THR A 23 0.78 1.94 5.27
CA THR A 23 1.45 3.07 5.91
C THR A 23 2.52 3.68 5.02
N GLN A 24 2.99 4.86 5.38
CA GLN A 24 4.01 5.55 4.61
C GLN A 24 5.00 6.28 5.52
N THR A 25 6.28 6.15 5.22
CA THR A 25 7.32 6.81 6.02
C THR A 25 8.36 7.48 5.13
N LEU A 26 8.82 8.64 5.56
CA LEU A 26 9.82 9.39 4.80
C LEU A 26 10.81 8.45 4.13
N ALA A 27 11.04 7.29 4.73
CA ALA A 27 11.95 6.31 4.19
C ALA A 27 11.32 5.53 3.05
N GLU A 28 10.27 4.78 3.36
CA GLU A 28 9.57 3.99 2.36
C GLU A 28 8.10 3.80 2.74
N LEU A 29 7.35 3.11 1.88
CA LEU A 29 5.93 2.86 2.13
C LEU A 29 5.68 1.38 2.42
N ASP A 30 4.53 1.10 3.00
CA ASP A 30 4.16 -0.28 3.33
C ASP A 30 2.68 -0.52 3.07
N LEU A 31 2.34 -1.76 2.70
CA LEU A 31 0.96 -2.12 2.42
C LEU A 31 0.65 -3.53 2.94
N ALA A 32 -0.59 -3.72 3.37
CA ALA A 32 -1.01 -5.03 3.88
C ALA A 32 -2.44 -5.34 3.46
N VAL A 33 -2.59 -6.38 2.64
CA VAL A 33 -3.91 -6.80 2.16
C VAL A 33 -4.31 -8.13 2.74
N PRO A 34 -5.21 -8.10 3.74
CA PRO A 34 -5.69 -9.31 4.41
C PRO A 34 -6.59 -10.16 3.50
N PHE A 35 -6.20 -11.41 3.29
CA PHE A 35 -6.97 -12.31 2.45
C PHE A 35 -7.65 -13.39 3.28
N ARG A 36 -8.98 -13.36 3.30
CA ARG A 36 -9.76 -14.33 4.06
C ARG A 36 -9.49 -15.75 3.56
N VAL A 37 -8.40 -16.35 4.03
CA VAL A 37 -8.04 -17.70 3.63
C VAL A 37 -7.70 -18.55 4.85
N SER A 38 -8.05 -19.84 4.78
CA SER A 38 -7.79 -20.77 5.87
C SER A 38 -6.61 -21.68 5.54
N PHE A 39 -5.73 -21.21 4.66
CA PHE A 39 -4.56 -21.98 4.26
C PHE A 39 -3.40 -21.06 3.91
N ARG A 40 -2.29 -21.66 3.49
CA ARG A 40 -1.11 -20.89 3.12
C ARG A 40 -1.17 -20.46 1.66
N LEU A 41 -1.07 -19.15 1.44
CA LEU A 41 -1.11 -18.60 0.08
C LEU A 41 0.18 -18.88 -0.67
N LYS A 42 0.05 -19.27 -1.94
CA LYS A 42 1.21 -19.57 -2.76
C LYS A 42 1.61 -18.36 -3.60
N GLY A 43 2.91 -18.07 -3.63
CA GLY A 43 3.40 -16.94 -4.40
C GLY A 43 2.77 -16.86 -5.78
N LYS A 44 2.53 -18.01 -6.39
CA LYS A 44 1.93 -18.06 -7.71
C LYS A 44 0.42 -17.81 -7.64
N ASP A 45 -0.20 -18.31 -6.57
CA ASP A 45 -1.63 -18.13 -6.37
C ASP A 45 -2.00 -16.65 -6.34
N VAL A 46 -1.20 -15.85 -5.65
CA VAL A 46 -1.44 -14.43 -5.54
C VAL A 46 -0.72 -13.66 -6.65
N VAL A 47 -1.30 -12.55 -7.06
CA VAL A 47 -0.72 -11.71 -8.11
C VAL A 47 -0.33 -10.34 -7.58
N VAL A 48 0.98 -10.08 -7.52
CA VAL A 48 1.48 -8.80 -7.03
C VAL A 48 2.45 -8.18 -8.02
N ASP A 49 1.93 -7.32 -8.88
CA ASP A 49 2.76 -6.65 -9.89
C ASP A 49 3.26 -5.31 -9.36
N ILE A 50 4.59 -5.19 -9.29
CA ILE A 50 5.22 -3.96 -8.80
C ILE A 50 5.94 -3.22 -9.92
N GLN A 51 5.54 -1.98 -10.15
CA GLN A 51 6.15 -1.17 -11.20
C GLN A 51 6.74 0.12 -10.63
N ARG A 52 7.41 0.89 -11.48
CA ARG A 52 8.01 2.15 -11.05
C ARG A 52 6.96 3.08 -10.46
N ARG A 53 5.96 3.41 -11.25
CA ARG A 53 4.89 4.30 -10.81
C ARG A 53 3.53 3.60 -10.87
N HIS A 54 3.52 2.31 -10.52
CA HIS A 54 2.30 1.53 -10.54
C HIS A 54 2.46 0.26 -9.70
N LEU A 55 1.37 -0.14 -9.05
CA LEU A 55 1.39 -1.34 -8.21
C LEU A 55 0.06 -2.07 -8.28
N ARG A 56 0.11 -3.41 -8.28
CA ARG A 56 -1.09 -4.22 -8.34
C ARG A 56 -0.97 -5.43 -7.43
N VAL A 57 -2.04 -5.73 -6.70
CA VAL A 57 -2.05 -6.86 -5.78
C VAL A 57 -3.41 -7.56 -5.81
N GLY A 58 -3.38 -8.90 -5.73
CA GLY A 58 -4.61 -9.67 -5.74
C GLY A 58 -4.36 -11.15 -5.91
N LEU A 59 -5.24 -11.83 -6.64
CA LEU A 59 -5.12 -13.26 -6.87
C LEU A 59 -5.29 -13.59 -8.35
N LYS A 60 -4.68 -14.69 -8.78
CA LYS A 60 -4.77 -15.12 -10.17
C LYS A 60 -6.22 -15.35 -10.56
N GLY A 61 -6.60 -14.86 -11.75
CA GLY A 61 -7.95 -15.03 -12.22
C GLY A 61 -8.93 -14.07 -11.54
N GLN A 62 -8.83 -13.99 -10.22
CA GLN A 62 -9.71 -13.12 -9.45
C GLN A 62 -9.34 -11.66 -9.66
N PRO A 63 -10.27 -10.76 -9.28
CA PRO A 63 -10.06 -9.31 -9.42
C PRO A 63 -9.03 -8.78 -8.44
N PRO A 64 -8.16 -7.86 -8.92
CA PRO A 64 -7.11 -7.27 -8.10
C PRO A 64 -7.67 -6.32 -7.03
N VAL A 65 -7.34 -6.60 -5.77
CA VAL A 65 -7.81 -5.78 -4.67
C VAL A 65 -7.25 -4.36 -4.76
N VAL A 66 -5.98 -4.26 -5.11
CA VAL A 66 -5.33 -2.96 -5.24
C VAL A 66 -4.84 -2.72 -6.66
N ASP A 67 -5.41 -1.73 -7.33
CA ASP A 67 -5.04 -1.39 -8.70
C ASP A 67 -5.15 0.11 -8.94
N GLY A 68 -4.02 0.76 -9.11
CA GLY A 68 -4.01 2.19 -9.37
C GLY A 68 -2.61 2.76 -9.44
N GLU A 69 -2.47 3.89 -10.13
CA GLU A 69 -1.17 4.54 -10.28
C GLU A 69 -0.66 5.05 -8.94
N LEU A 70 0.61 4.80 -8.67
CA LEU A 70 1.22 5.24 -7.42
C LEU A 70 1.40 6.76 -7.39
N TYR A 71 1.05 7.36 -6.26
CA TYR A 71 1.17 8.81 -6.11
C TYR A 71 2.50 9.31 -6.65
N ASN A 72 3.58 8.60 -6.31
CA ASN A 72 4.91 8.98 -6.77
C ASN A 72 5.71 7.74 -7.18
N GLU A 73 6.91 7.97 -7.70
CA GLU A 73 7.78 6.88 -8.13
C GLU A 73 8.31 6.10 -6.93
N VAL A 74 8.57 4.81 -7.14
CA VAL A 74 9.09 3.96 -6.07
C VAL A 74 10.09 2.95 -6.62
N LYS A 75 11.32 2.99 -6.10
CA LYS A 75 12.37 2.08 -6.53
C LYS A 75 11.82 0.66 -6.69
N VAL A 76 11.40 0.33 -7.92
CA VAL A 76 10.87 -0.99 -8.20
C VAL A 76 11.96 -2.05 -8.15
N GLU A 77 13.17 -1.67 -8.54
CA GLU A 77 14.30 -2.60 -8.53
C GLU A 77 14.55 -3.12 -7.12
N GLU A 78 14.13 -2.36 -6.12
CA GLU A 78 14.32 -2.76 -4.73
C GLU A 78 13.00 -3.24 -4.12
N SER A 79 11.91 -2.58 -4.48
CA SER A 79 10.60 -2.95 -3.96
C SER A 79 10.40 -4.46 -3.98
N SER A 80 9.65 -4.96 -3.01
CA SER A 80 9.40 -6.40 -2.90
C SER A 80 8.26 -6.68 -1.93
N TRP A 81 7.58 -7.80 -2.14
CA TRP A 81 6.47 -8.20 -1.28
C TRP A 81 6.70 -9.56 -0.67
N LEU A 82 5.82 -9.96 0.24
CA LEU A 82 5.94 -11.25 0.91
C LEU A 82 4.63 -11.64 1.60
N ILE A 83 4.29 -12.93 1.55
CA ILE A 83 3.07 -13.41 2.16
C ILE A 83 3.24 -13.60 3.67
N GLU A 84 2.36 -12.98 4.44
CA GLU A 84 2.41 -13.08 5.89
C GLU A 84 1.37 -14.06 6.42
N ASP A 85 1.81 -14.97 7.28
CA ASP A 85 0.92 -15.97 7.85
C ASP A 85 0.01 -16.56 6.78
N GLY A 86 0.55 -16.76 5.60
CA GLY A 86 -0.24 -17.32 4.51
C GLY A 86 -1.66 -16.83 4.51
N LYS A 87 -1.87 -15.61 4.98
CA LYS A 87 -3.20 -15.02 5.05
C LYS A 87 -3.20 -13.59 4.52
N VAL A 88 -2.09 -12.89 4.75
CA VAL A 88 -1.96 -11.51 4.28
C VAL A 88 -0.83 -11.38 3.26
N VAL A 89 -0.87 -10.31 2.47
CA VAL A 89 0.14 -10.08 1.46
C VAL A 89 0.74 -8.67 1.59
N THR A 90 1.89 -8.58 2.23
CA THR A 90 2.56 -7.30 2.43
C THR A 90 3.45 -6.95 1.25
N VAL A 91 3.47 -5.67 0.87
CA VAL A 91 4.27 -5.21 -0.25
C VAL A 91 5.07 -3.97 0.13
N HIS A 92 6.39 -4.12 0.19
CA HIS A 92 7.27 -3.01 0.53
C HIS A 92 7.57 -2.15 -0.69
N LEU A 93 7.34 -0.85 -0.55
CA LEU A 93 7.57 0.09 -1.65
C LEU A 93 8.64 1.12 -1.27
N GLU A 94 9.74 1.12 -2.01
CA GLU A 94 10.83 2.05 -1.76
C GLU A 94 10.57 3.40 -2.41
N LYS A 95 10.60 4.46 -1.60
CA LYS A 95 10.37 5.80 -2.09
C LYS A 95 11.62 6.39 -2.73
N ILE A 96 11.60 6.54 -4.05
CA ILE A 96 12.73 7.08 -4.77
C ILE A 96 13.47 8.12 -3.95
N ASN A 97 12.70 9.02 -3.32
CA ASN A 97 13.28 10.07 -2.49
C ASN A 97 12.84 9.91 -1.03
N LYS A 98 13.82 9.76 -0.15
CA LYS A 98 13.54 9.60 1.28
C LYS A 98 13.04 10.91 1.88
N MET A 99 13.38 12.02 1.23
CA MET A 99 12.97 13.34 1.70
C MET A 99 11.64 13.75 1.07
N GLU A 100 10.80 12.76 0.77
CA GLU A 100 9.50 13.03 0.17
C GLU A 100 8.40 12.24 0.88
N TRP A 101 7.23 12.85 0.98
CA TRP A 101 6.08 12.21 1.63
C TRP A 101 5.06 11.75 0.61
N TRP A 102 4.03 11.05 1.08
CA TRP A 102 2.97 10.55 0.21
C TRP A 102 1.60 10.98 0.71
N ASN A 103 0.70 11.29 -0.21
CA ASN A 103 -0.65 11.71 0.15
C ASN A 103 -1.61 10.53 0.12
N ARG A 104 -1.19 9.45 -0.53
CA ARG A 104 -2.02 8.26 -0.63
C ARG A 104 -1.26 7.12 -1.32
N LEU A 105 -1.76 5.91 -1.18
CA LEU A 105 -1.12 4.73 -1.78
C LEU A 105 -1.28 4.76 -3.29
N VAL A 106 -2.51 4.93 -3.76
CA VAL A 106 -2.78 4.97 -5.20
C VAL A 106 -3.78 6.08 -5.53
N THR A 107 -3.61 6.68 -6.70
CA THR A 107 -4.49 7.76 -7.15
C THR A 107 -5.95 7.42 -6.85
N SER A 108 -6.33 6.18 -7.11
CA SER A 108 -7.70 5.72 -6.89
C SER A 108 -8.09 5.90 -5.42
N ASP A 109 -7.12 5.68 -4.53
CA ASP A 109 -7.36 5.80 -3.10
C ASP A 109 -7.56 7.25 -2.70
N PRO A 110 -8.19 7.47 -1.53
CA PRO A 110 -8.45 8.82 -1.03
C PRO A 110 -7.18 9.53 -0.59
N GLU A 111 -7.32 10.81 -0.23
CA GLU A 111 -6.17 11.61 0.21
C GLU A 111 -6.18 11.76 1.73
N ILE A 112 -4.99 11.97 2.29
CA ILE A 112 -4.84 12.14 3.73
C ILE A 112 -4.00 13.36 4.06
N ASN A 113 -4.42 14.10 5.08
CA ASN A 113 -3.70 15.30 5.50
C ASN A 113 -2.26 14.97 5.86
N THR A 114 -1.35 15.22 4.94
CA THR A 114 0.07 14.94 5.16
C THR A 114 0.64 15.84 6.25
N LYS A 115 0.22 17.10 6.25
CA LYS A 115 0.69 18.07 7.24
C LYS A 115 -0.36 18.29 8.33
N SER A 116 0.04 18.97 9.40
CA SER A 116 -0.88 19.24 10.51
C SER A 116 -1.12 20.73 10.67
N GLY A 117 -0.05 21.47 11.01
CA GLY A 117 -0.17 22.91 11.18
C GLY A 117 1.09 23.51 11.76
N PRO A 118 1.16 24.85 11.72
CA PRO A 118 2.32 25.60 12.24
C PRO A 118 2.41 25.54 13.76
N SER A 119 3.07 24.51 14.27
CA SER A 119 3.22 24.33 15.72
C SER A 119 3.67 25.64 16.38
N SER A 120 4.64 26.29 15.75
CA SER A 120 5.16 27.55 16.29
C SER A 120 5.25 28.61 15.19
N GLY A 121 6.05 28.32 14.17
CA GLY A 121 6.21 29.26 13.06
C GLY A 121 7.66 29.52 12.73
N GLY A 1 -24.53 11.01 1.78
CA GLY A 1 -24.25 11.07 0.35
C GLY A 1 -22.87 10.56 0.00
N SER A 2 -22.48 10.73 -1.25
CA SER A 2 -21.18 10.29 -1.72
C SER A 2 -20.06 11.03 -0.98
N SER A 3 -19.49 10.36 0.02
CA SER A 3 -18.41 10.96 0.81
C SER A 3 -17.66 9.89 1.60
N GLY A 4 -16.33 9.93 1.53
CA GLY A 4 -15.52 8.97 2.23
C GLY A 4 -16.07 8.64 3.61
N SER A 5 -16.21 7.35 3.90
CA SER A 5 -16.74 6.90 5.19
C SER A 5 -15.64 6.27 6.03
N SER A 6 -15.02 5.23 5.50
CA SER A 6 -13.95 4.53 6.20
C SER A 6 -12.58 5.00 5.73
N GLY A 7 -11.73 5.35 6.69
CA GLY A 7 -10.39 5.82 6.35
C GLY A 7 -9.89 6.87 7.31
N LYS A 8 -8.91 6.49 8.14
CA LYS A 8 -8.34 7.41 9.12
C LYS A 8 -6.82 7.30 9.15
N PRO A 9 -6.16 8.39 9.56
CA PRO A 9 -4.70 8.43 9.64
C PRO A 9 -4.14 7.55 10.75
N ASN A 10 -3.21 6.68 10.41
CA ASN A 10 -2.61 5.77 11.37
C ASN A 10 -1.24 6.29 11.84
N LEU A 11 -0.64 5.59 12.78
CA LEU A 11 0.67 5.99 13.31
C LEU A 11 1.64 6.30 12.17
N GLY A 12 1.77 5.37 11.23
CA GLY A 12 2.66 5.57 10.11
C GLY A 12 2.06 6.50 9.06
N ASN A 13 1.48 7.61 9.51
CA ASN A 13 0.88 8.57 8.59
C ASN A 13 0.26 7.88 7.39
N GLY A 14 -0.50 6.81 7.64
CA GLY A 14 -1.14 6.07 6.58
C GLY A 14 -2.64 6.23 6.58
N ALA A 15 -3.34 5.22 6.09
CA ALA A 15 -4.80 5.25 6.03
C ALA A 15 -5.38 3.86 6.29
N ASP A 16 -6.20 3.74 7.34
CA ASP A 16 -6.82 2.48 7.69
C ASP A 16 -8.07 2.23 6.85
N LEU A 17 -8.00 1.24 5.97
CA LEU A 17 -9.12 0.90 5.10
C LEU A 17 -9.70 -0.47 5.45
N PRO A 18 -10.99 -0.65 5.17
CA PRO A 18 -11.69 -1.91 5.45
C PRO A 18 -11.23 -3.04 4.54
N ASN A 19 -10.62 -2.67 3.41
CA ASN A 19 -10.13 -3.66 2.45
C ASN A 19 -8.68 -4.03 2.74
N TYR A 20 -7.92 -3.07 3.25
CA TYR A 20 -6.52 -3.29 3.57
C TYR A 20 -5.92 -2.08 4.27
N ARG A 21 -4.81 -2.29 4.95
CA ARG A 21 -4.13 -1.20 5.67
C ARG A 21 -2.73 -0.97 5.10
N TRP A 22 -2.39 0.29 4.86
CA TRP A 22 -1.09 0.65 4.31
C TRP A 22 -0.56 1.92 4.96
N THR A 23 0.73 1.93 5.27
CA THR A 23 1.37 3.09 5.89
C THR A 23 2.44 3.68 4.99
N GLN A 24 2.82 4.92 5.26
CA GLN A 24 3.85 5.60 4.48
C GLN A 24 4.76 6.43 5.37
N THR A 25 6.06 6.26 5.20
CA THR A 25 7.04 7.00 5.99
C THR A 25 8.12 7.61 5.10
N LEU A 26 8.61 8.79 5.50
CA LEU A 26 9.65 9.47 4.74
C LEU A 26 10.62 8.47 4.12
N ALA A 27 10.82 7.35 4.80
CA ALA A 27 11.73 6.32 4.31
C ALA A 27 11.10 5.54 3.15
N GLU A 28 10.06 4.78 3.45
CA GLU A 28 9.37 3.99 2.43
C GLU A 28 7.90 3.79 2.79
N LEU A 29 7.16 3.15 1.90
CA LEU A 29 5.74 2.89 2.12
C LEU A 29 5.47 1.41 2.28
N ASP A 30 4.59 1.06 3.22
CA ASP A 30 4.25 -0.33 3.47
C ASP A 30 2.78 -0.58 3.16
N LEU A 31 2.45 -1.83 2.82
CA LEU A 31 1.08 -2.19 2.49
C LEU A 31 0.76 -3.60 3.00
N ALA A 32 -0.47 -3.80 3.45
CA ALA A 32 -0.91 -5.09 3.96
C ALA A 32 -2.34 -5.39 3.55
N VAL A 33 -2.51 -6.30 2.60
CA VAL A 33 -3.83 -6.69 2.11
C VAL A 33 -4.27 -8.02 2.72
N PRO A 34 -5.11 -7.95 3.76
CA PRO A 34 -5.62 -9.14 4.44
C PRO A 34 -6.61 -9.92 3.58
N PHE A 35 -6.41 -11.23 3.51
CA PHE A 35 -7.28 -12.09 2.71
C PHE A 35 -7.98 -13.12 3.60
N ARG A 36 -9.29 -13.29 3.39
CA ARG A 36 -10.07 -14.23 4.16
C ARG A 36 -9.82 -15.66 3.71
N VAL A 37 -8.54 -16.02 3.60
CA VAL A 37 -8.16 -17.36 3.16
C VAL A 37 -7.90 -18.27 4.36
N SER A 38 -8.44 -19.48 4.31
CA SER A 38 -8.27 -20.44 5.38
C SER A 38 -7.13 -21.41 5.08
N PHE A 39 -6.25 -21.00 4.18
CA PHE A 39 -5.11 -21.84 3.79
C PHE A 39 -3.87 -20.99 3.55
N ARG A 40 -2.77 -21.64 3.18
CA ARG A 40 -1.52 -20.94 2.92
C ARG A 40 -1.48 -20.41 1.50
N LEU A 41 -1.09 -19.15 1.35
CA LEU A 41 -1.02 -18.52 0.04
C LEU A 41 0.35 -18.75 -0.60
N LYS A 42 0.35 -19.11 -1.88
CA LYS A 42 1.59 -19.36 -2.61
C LYS A 42 1.89 -18.22 -3.57
N GLY A 43 3.18 -17.91 -3.74
CA GLY A 43 3.58 -16.85 -4.63
C GLY A 43 2.81 -16.87 -5.95
N LYS A 44 2.50 -18.07 -6.41
CA LYS A 44 1.77 -18.23 -7.67
C LYS A 44 0.27 -18.00 -7.46
N ASP A 45 -0.21 -18.33 -6.27
CA ASP A 45 -1.63 -18.15 -5.94
C ASP A 45 -2.00 -16.68 -5.96
N VAL A 46 -1.12 -15.84 -5.45
CA VAL A 46 -1.35 -14.40 -5.40
C VAL A 46 -0.73 -13.70 -6.59
N VAL A 47 -1.20 -12.49 -6.88
CA VAL A 47 -0.68 -11.71 -8.01
C VAL A 47 -0.32 -10.30 -7.56
N VAL A 48 0.98 -10.02 -7.49
CA VAL A 48 1.46 -8.70 -7.10
C VAL A 48 2.43 -8.13 -8.14
N ASP A 49 1.99 -7.08 -8.82
CA ASP A 49 2.82 -6.44 -9.84
C ASP A 49 3.33 -5.10 -9.35
N ILE A 50 4.64 -4.98 -9.20
CA ILE A 50 5.27 -3.74 -8.75
C ILE A 50 6.03 -3.06 -9.87
N GLN A 51 5.64 -1.83 -10.18
CA GLN A 51 6.29 -1.07 -11.24
C GLN A 51 6.81 0.26 -10.71
N ARG A 52 7.44 1.04 -11.59
CA ARG A 52 7.99 2.34 -11.21
C ARG A 52 6.90 3.24 -10.62
N ARG A 53 5.82 3.42 -11.38
CA ARG A 53 4.72 4.27 -10.94
C ARG A 53 3.39 3.52 -11.06
N HIS A 54 3.42 2.23 -10.75
CA HIS A 54 2.22 1.41 -10.81
C HIS A 54 2.35 0.17 -9.93
N LEU A 55 1.35 -0.06 -9.09
CA LEU A 55 1.36 -1.21 -8.19
C LEU A 55 0.06 -2.01 -8.32
N ARG A 56 0.18 -3.33 -8.22
CA ARG A 56 -0.98 -4.21 -8.32
C ARG A 56 -0.89 -5.35 -7.30
N VAL A 57 -2.03 -5.71 -6.71
CA VAL A 57 -2.08 -6.78 -5.73
C VAL A 57 -3.42 -7.50 -5.76
N GLY A 58 -3.40 -8.81 -5.58
CA GLY A 58 -4.62 -9.59 -5.60
C GLY A 58 -4.36 -11.08 -5.65
N LEU A 59 -5.35 -11.84 -6.10
CA LEU A 59 -5.23 -13.29 -6.20
C LEU A 59 -5.47 -13.76 -7.62
N LYS A 60 -4.72 -14.77 -8.04
CA LYS A 60 -4.85 -15.32 -9.39
C LYS A 60 -6.33 -15.54 -9.75
N GLY A 61 -6.69 -15.24 -10.99
CA GLY A 61 -8.06 -15.40 -11.43
C GLY A 61 -8.98 -14.33 -10.90
N GLN A 62 -8.92 -14.09 -9.60
CA GLN A 62 -9.76 -13.08 -8.96
C GLN A 62 -9.25 -11.67 -9.29
N PRO A 63 -10.13 -10.67 -9.11
CA PRO A 63 -9.79 -9.27 -9.37
C PRO A 63 -8.78 -8.71 -8.37
N PRO A 64 -7.87 -7.86 -8.85
CA PRO A 64 -6.84 -7.23 -8.01
C PRO A 64 -7.43 -6.21 -7.04
N VAL A 65 -7.23 -6.45 -5.74
CA VAL A 65 -7.74 -5.56 -4.71
C VAL A 65 -7.11 -4.18 -4.83
N VAL A 66 -5.82 -4.13 -5.14
CA VAL A 66 -5.11 -2.87 -5.29
C VAL A 66 -4.62 -2.68 -6.72
N ASP A 67 -5.04 -1.58 -7.34
CA ASP A 67 -4.64 -1.27 -8.71
C ASP A 67 -4.81 0.22 -9.00
N GLY A 68 -3.69 0.88 -9.29
CA GLY A 68 -3.74 2.30 -9.59
C GLY A 68 -2.35 2.92 -9.69
N GLU A 69 -2.27 4.07 -10.35
CA GLU A 69 -0.99 4.76 -10.52
C GLU A 69 -0.47 5.27 -9.18
N LEU A 70 0.69 4.75 -8.77
CA LEU A 70 1.29 5.16 -7.50
C LEU A 70 1.42 6.68 -7.43
N TYR A 71 1.06 7.24 -6.29
CA TYR A 71 1.12 8.68 -6.08
C TYR A 71 2.44 9.24 -6.62
N ASN A 72 3.53 8.53 -6.36
CA ASN A 72 4.85 8.96 -6.82
C ASN A 72 5.70 7.76 -7.21
N GLU A 73 6.89 8.03 -7.73
CA GLU A 73 7.81 6.98 -8.14
C GLU A 73 8.24 6.13 -6.95
N VAL A 74 8.63 4.89 -7.22
CA VAL A 74 9.06 3.98 -6.18
C VAL A 74 10.07 2.96 -6.70
N LYS A 75 11.26 2.95 -6.12
CA LYS A 75 12.30 2.02 -6.54
C LYS A 75 11.75 0.62 -6.74
N VAL A 76 11.43 0.29 -8.00
CA VAL A 76 10.89 -1.03 -8.33
C VAL A 76 11.97 -2.10 -8.29
N GLU A 77 13.17 -1.73 -8.73
CA GLU A 77 14.30 -2.65 -8.75
C GLU A 77 14.61 -3.16 -7.35
N GLU A 78 14.25 -2.35 -6.34
CA GLU A 78 14.49 -2.71 -4.95
C GLU A 78 13.21 -3.19 -4.28
N SER A 79 12.10 -2.52 -4.59
CA SER A 79 10.81 -2.86 -4.01
C SER A 79 10.56 -4.37 -4.09
N SER A 80 9.74 -4.87 -3.17
CA SER A 80 9.42 -6.29 -3.14
C SER A 80 8.24 -6.56 -2.22
N TRP A 81 7.78 -7.81 -2.19
CA TRP A 81 6.66 -8.20 -1.35
C TRP A 81 6.85 -9.60 -0.80
N LEU A 82 5.97 -10.00 0.12
CA LEU A 82 6.05 -11.32 0.74
C LEU A 82 4.70 -11.73 1.31
N ILE A 83 4.55 -13.01 1.60
CA ILE A 83 3.31 -13.54 2.16
C ILE A 83 3.39 -13.62 3.68
N GLU A 84 2.36 -13.09 4.35
CA GLU A 84 2.32 -13.11 5.81
C GLU A 84 1.29 -14.12 6.31
N ASP A 85 1.77 -15.15 7.00
CA ASP A 85 0.91 -16.19 7.53
C ASP A 85 -0.01 -16.74 6.45
N GLY A 86 0.53 -16.88 5.24
CA GLY A 86 -0.25 -17.40 4.13
C GLY A 86 -1.69 -16.91 4.15
N LYS A 87 -1.90 -15.72 4.72
CA LYS A 87 -3.22 -15.13 4.80
C LYS A 87 -3.22 -13.69 4.32
N VAL A 88 -2.09 -13.02 4.50
CA VAL A 88 -1.94 -11.63 4.07
C VAL A 88 -0.80 -11.47 3.08
N VAL A 89 -0.83 -10.38 2.31
CA VAL A 89 0.20 -10.10 1.32
C VAL A 89 0.78 -8.71 1.51
N THR A 90 1.96 -8.63 2.13
CA THR A 90 2.62 -7.36 2.36
C THR A 90 3.50 -6.97 1.19
N VAL A 91 3.49 -5.69 0.83
CA VAL A 91 4.30 -5.19 -0.27
C VAL A 91 5.05 -3.92 0.12
N HIS A 92 6.37 -4.03 0.18
CA HIS A 92 7.21 -2.89 0.54
C HIS A 92 7.50 -2.02 -0.67
N LEU A 93 7.23 -0.72 -0.55
CA LEU A 93 7.47 0.22 -1.65
C LEU A 93 8.54 1.24 -1.25
N GLU A 94 9.66 1.21 -1.96
CA GLU A 94 10.76 2.14 -1.70
C GLU A 94 10.51 3.47 -2.40
N LYS A 95 10.62 4.56 -1.64
CA LYS A 95 10.42 5.90 -2.19
C LYS A 95 11.72 6.46 -2.75
N ILE A 96 11.77 6.59 -4.07
CA ILE A 96 12.97 7.11 -4.73
C ILE A 96 13.67 8.16 -3.87
N ASN A 97 12.87 9.00 -3.22
CA ASN A 97 13.41 10.04 -2.36
C ASN A 97 12.90 9.89 -0.92
N LYS A 98 13.83 9.67 0.01
CA LYS A 98 13.47 9.50 1.41
C LYS A 98 12.94 10.80 1.99
N MET A 99 13.18 11.91 1.29
CA MET A 99 12.74 13.21 1.74
C MET A 99 11.43 13.60 1.07
N GLU A 100 10.61 12.60 0.76
CA GLU A 100 9.32 12.83 0.10
C GLU A 100 8.21 12.08 0.81
N TRP A 101 7.05 12.72 0.95
CA TRP A 101 5.91 12.11 1.59
C TRP A 101 4.87 11.65 0.58
N TRP A 102 3.90 10.87 1.03
CA TRP A 102 2.85 10.36 0.16
C TRP A 102 1.46 10.72 0.70
N ASN A 103 0.61 11.22 -0.18
CA ASN A 103 -0.75 11.61 0.22
C ASN A 103 -1.68 10.40 0.20
N ARG A 104 -1.30 9.38 -0.55
CA ARG A 104 -2.10 8.16 -0.66
C ARG A 104 -1.34 7.07 -1.41
N LEU A 105 -1.58 5.82 -1.03
CA LEU A 105 -0.93 4.69 -1.66
C LEU A 105 -1.01 4.79 -3.17
N VAL A 106 -2.22 4.86 -3.70
CA VAL A 106 -2.43 4.96 -5.14
C VAL A 106 -3.64 5.84 -5.45
N THR A 107 -3.68 6.38 -6.67
CA THR A 107 -4.78 7.23 -7.09
C THR A 107 -6.13 6.63 -6.71
N SER A 108 -6.16 5.30 -6.57
CA SER A 108 -7.38 4.60 -6.21
C SER A 108 -7.51 4.48 -4.70
N ASP A 109 -7.11 5.52 -3.99
CA ASP A 109 -7.19 5.53 -2.53
C ASP A 109 -7.53 6.93 -2.01
N PRO A 110 -8.00 6.99 -0.76
CA PRO A 110 -8.37 8.26 -0.12
C PRO A 110 -7.15 9.13 0.19
N GLU A 111 -7.34 10.44 0.08
CA GLU A 111 -6.26 11.39 0.34
C GLU A 111 -6.22 11.78 1.81
N ILE A 112 -5.02 11.95 2.35
CA ILE A 112 -4.85 12.32 3.75
C ILE A 112 -3.87 13.49 3.89
N ASN A 113 -4.19 14.42 4.78
CA ASN A 113 -3.35 15.58 5.01
C ASN A 113 -1.96 15.16 5.49
N THR A 114 -0.94 15.72 4.85
CA THR A 114 0.44 15.39 5.21
C THR A 114 1.08 16.52 6.01
N LYS A 115 2.24 16.24 6.61
CA LYS A 115 2.95 17.22 7.40
C LYS A 115 4.08 17.87 6.60
N SER A 116 4.95 17.03 6.05
CA SER A 116 6.08 17.51 5.25
C SER A 116 7.04 18.31 6.12
N GLY A 117 7.34 17.78 7.31
CA GLY A 117 8.25 18.46 8.21
C GLY A 117 9.64 17.85 8.19
N PRO A 118 10.56 18.51 7.46
CA PRO A 118 11.95 18.05 7.35
C PRO A 118 12.73 18.20 8.65
N SER A 119 13.85 17.50 8.75
CA SER A 119 14.68 17.55 9.94
C SER A 119 15.62 18.74 9.89
N SER A 120 16.49 18.77 8.90
CA SER A 120 17.45 19.85 8.74
C SER A 120 18.00 19.89 7.32
N GLY A 121 18.16 21.09 6.78
CA GLY A 121 18.69 21.24 5.43
C GLY A 121 20.07 20.62 5.26
N GLY A 1 -29.74 1.95 9.52
CA GLY A 1 -28.57 2.19 8.70
C GLY A 1 -27.79 3.40 9.15
N SER A 2 -26.47 3.34 9.02
CA SER A 2 -25.61 4.45 9.42
C SER A 2 -24.30 4.44 8.62
N SER A 3 -23.91 5.61 8.14
CA SER A 3 -22.67 5.73 7.36
C SER A 3 -21.84 6.92 7.84
N GLY A 4 -20.76 6.63 8.55
CA GLY A 4 -19.90 7.68 9.06
C GLY A 4 -18.50 7.61 8.49
N SER A 5 -17.53 8.13 9.24
CA SER A 5 -16.14 8.13 8.80
C SER A 5 -15.58 6.70 8.78
N SER A 6 -14.89 6.37 7.70
CA SER A 6 -14.30 5.04 7.56
C SER A 6 -12.78 5.13 7.40
N GLY A 7 -12.34 6.03 6.54
CA GLY A 7 -10.91 6.21 6.31
C GLY A 7 -10.28 7.16 7.31
N LYS A 8 -9.32 6.65 8.09
CA LYS A 8 -8.63 7.45 9.07
C LYS A 8 -7.13 7.23 9.03
N PRO A 9 -6.36 8.24 9.44
CA PRO A 9 -4.89 8.17 9.44
C PRO A 9 -4.36 7.21 10.51
N ASN A 10 -3.52 6.28 10.09
CA ASN A 10 -2.94 5.31 11.00
C ASN A 10 -1.71 5.88 11.70
N LEU A 11 -1.04 5.04 12.49
CA LEU A 11 0.15 5.46 13.21
C LEU A 11 1.26 5.86 12.25
N GLY A 12 1.47 5.04 11.22
CA GLY A 12 2.51 5.33 10.24
C GLY A 12 2.05 6.33 9.20
N ASN A 13 1.34 7.37 9.65
CA ASN A 13 0.85 8.40 8.74
C ASN A 13 0.27 7.78 7.48
N GLY A 14 -0.51 6.71 7.65
CA GLY A 14 -1.11 6.04 6.50
C GLY A 14 -2.62 6.21 6.46
N ALA A 15 -3.31 5.18 5.97
CA ALA A 15 -4.76 5.21 5.88
C ALA A 15 -5.36 3.82 6.11
N ASP A 16 -6.19 3.71 7.14
CA ASP A 16 -6.83 2.44 7.46
C ASP A 16 -8.07 2.21 6.59
N LEU A 17 -7.95 1.31 5.63
CA LEU A 17 -9.05 1.00 4.74
C LEU A 17 -9.69 -0.35 5.09
N PRO A 18 -10.98 -0.49 4.77
CA PRO A 18 -11.73 -1.74 5.04
C PRO A 18 -11.27 -2.89 4.15
N ASN A 19 -10.61 -2.56 3.05
CA ASN A 19 -10.13 -3.57 2.12
C ASN A 19 -8.69 -3.97 2.45
N TYR A 20 -7.94 -3.01 3.00
CA TYR A 20 -6.54 -3.26 3.35
C TYR A 20 -5.96 -2.06 4.10
N ARG A 21 -4.80 -2.27 4.73
CA ARG A 21 -4.13 -1.22 5.48
C ARG A 21 -2.72 -0.98 4.94
N TRP A 22 -2.39 0.27 4.66
CA TRP A 22 -1.07 0.62 4.15
C TRP A 22 -0.55 1.89 4.82
N THR A 23 0.73 1.88 5.16
CA THR A 23 1.35 3.03 5.82
C THR A 23 2.48 3.60 4.95
N GLN A 24 2.81 4.86 5.19
CA GLN A 24 3.87 5.53 4.44
C GLN A 24 4.79 6.30 5.38
N THR A 25 6.10 6.16 5.16
CA THR A 25 7.08 6.84 5.98
C THR A 25 8.16 7.49 5.12
N LEU A 26 8.65 8.65 5.55
CA LEU A 26 9.69 9.37 4.82
C LEU A 26 10.68 8.40 4.20
N ALA A 27 10.86 7.25 4.83
CA ALA A 27 11.78 6.23 4.34
C ALA A 27 11.16 5.45 3.18
N GLU A 28 10.15 4.66 3.49
CA GLU A 28 9.47 3.86 2.47
C GLU A 28 7.99 3.69 2.81
N LEU A 29 7.25 3.07 1.90
CA LEU A 29 5.82 2.85 2.10
C LEU A 29 5.52 1.36 2.25
N ASP A 30 4.73 1.03 3.27
CA ASP A 30 4.36 -0.36 3.53
C ASP A 30 2.89 -0.60 3.24
N LEU A 31 2.56 -1.81 2.79
CA LEU A 31 1.18 -2.16 2.47
C LEU A 31 0.84 -3.55 3.00
N ALA A 32 -0.41 -3.73 3.43
CA ALA A 32 -0.87 -5.01 3.95
C ALA A 32 -2.29 -5.31 3.49
N VAL A 33 -2.41 -6.27 2.58
CA VAL A 33 -3.72 -6.66 2.06
C VAL A 33 -4.17 -7.98 2.65
N PRO A 34 -5.07 -7.90 3.65
CA PRO A 34 -5.62 -9.09 4.33
C PRO A 34 -6.54 -9.91 3.43
N PHE A 35 -6.24 -11.19 3.28
CA PHE A 35 -7.04 -12.08 2.45
C PHE A 35 -7.73 -13.15 3.29
N ARG A 36 -9.05 -13.12 3.30
CA ARG A 36 -9.82 -14.09 4.07
C ARG A 36 -9.60 -15.51 3.55
N VAL A 37 -8.44 -16.08 3.88
CA VAL A 37 -8.10 -17.43 3.45
C VAL A 37 -7.90 -18.35 4.64
N SER A 38 -8.21 -19.64 4.45
CA SER A 38 -8.07 -20.63 5.50
C SER A 38 -6.92 -21.58 5.21
N PHE A 39 -5.97 -21.13 4.40
CA PHE A 39 -4.82 -21.94 4.03
C PHE A 39 -3.58 -21.07 3.81
N ARG A 40 -2.48 -21.71 3.44
CA ARG A 40 -1.23 -21.00 3.21
C ARG A 40 -1.12 -20.55 1.76
N LEU A 41 -1.15 -19.24 1.55
CA LEU A 41 -1.05 -18.67 0.20
C LEU A 41 0.36 -18.85 -0.37
N LYS A 42 0.44 -19.01 -1.68
CA LYS A 42 1.72 -19.19 -2.36
C LYS A 42 1.99 -18.04 -3.33
N GLY A 43 3.24 -17.62 -3.40
CA GLY A 43 3.62 -16.54 -4.29
C GLY A 43 2.92 -16.63 -5.63
N LYS A 44 2.71 -17.85 -6.12
CA LYS A 44 2.05 -18.08 -7.40
C LYS A 44 0.55 -17.85 -7.28
N ASP A 45 -0.02 -18.27 -6.15
CA ASP A 45 -1.45 -18.10 -5.92
C ASP A 45 -1.85 -16.64 -6.00
N VAL A 46 -1.01 -15.77 -5.43
CA VAL A 46 -1.28 -14.33 -5.44
C VAL A 46 -0.65 -13.67 -6.65
N VAL A 47 -1.15 -12.49 -7.01
CA VAL A 47 -0.65 -11.74 -8.14
C VAL A 47 -0.30 -10.30 -7.76
N VAL A 48 0.97 -10.04 -7.55
CA VAL A 48 1.43 -8.71 -7.17
C VAL A 48 2.39 -8.14 -8.21
N ASP A 49 1.95 -7.07 -8.89
CA ASP A 49 2.77 -6.44 -9.91
C ASP A 49 3.27 -5.07 -9.43
N ILE A 50 4.58 -5.00 -9.15
CA ILE A 50 5.18 -3.76 -8.68
C ILE A 50 5.89 -3.03 -9.82
N GLN A 51 5.55 -1.77 -10.02
CA GLN A 51 6.15 -0.96 -11.07
C GLN A 51 6.72 0.34 -10.51
N ARG A 52 7.38 1.11 -11.35
CA ARG A 52 7.98 2.37 -10.94
C ARG A 52 6.92 3.31 -10.39
N ARG A 53 5.89 3.57 -11.18
CA ARG A 53 4.80 4.46 -10.77
C ARG A 53 3.46 3.75 -10.84
N HIS A 54 3.45 2.46 -10.50
CA HIS A 54 2.24 1.67 -10.52
C HIS A 54 2.39 0.41 -9.68
N LEU A 55 1.30 -0.01 -9.05
CA LEU A 55 1.31 -1.21 -8.21
C LEU A 55 -0.01 -1.95 -8.29
N ARG A 56 0.05 -3.28 -8.30
CA ARG A 56 -1.15 -4.10 -8.37
C ARG A 56 -1.03 -5.32 -7.47
N VAL A 57 -2.11 -5.62 -6.75
CA VAL A 57 -2.12 -6.77 -5.84
C VAL A 57 -3.46 -7.50 -5.90
N GLY A 58 -3.41 -8.82 -5.78
CA GLY A 58 -4.62 -9.62 -5.82
C GLY A 58 -4.34 -11.11 -5.88
N LEU A 59 -5.29 -11.87 -6.39
CA LEU A 59 -5.14 -13.32 -6.50
C LEU A 59 -5.54 -13.81 -7.89
N LYS A 60 -4.76 -14.73 -8.42
CA LYS A 60 -5.02 -15.29 -9.75
C LYS A 60 -6.52 -15.50 -9.96
N GLY A 61 -7.01 -15.15 -11.14
CA GLY A 61 -8.42 -15.31 -11.45
C GLY A 61 -9.27 -14.25 -10.79
N GLN A 62 -9.20 -14.17 -9.46
CA GLN A 62 -9.98 -13.20 -8.71
C GLN A 62 -9.56 -11.77 -9.06
N PRO A 63 -10.43 -10.81 -8.74
CA PRO A 63 -10.18 -9.38 -9.01
C PRO A 63 -9.07 -8.81 -8.13
N PRO A 64 -8.26 -7.91 -8.72
CA PRO A 64 -7.15 -7.27 -8.01
C PRO A 64 -7.63 -6.31 -6.93
N VAL A 65 -7.40 -6.66 -5.67
CA VAL A 65 -7.81 -5.83 -4.54
C VAL A 65 -7.19 -4.44 -4.65
N VAL A 66 -6.01 -4.35 -5.26
CA VAL A 66 -5.33 -3.08 -5.43
C VAL A 66 -4.81 -2.92 -6.86
N ASP A 67 -5.23 -1.84 -7.51
CA ASP A 67 -4.79 -1.57 -8.88
C ASP A 67 -5.01 -0.09 -9.22
N GLY A 68 -3.90 0.63 -9.40
CA GLY A 68 -4.00 2.04 -9.74
C GLY A 68 -2.63 2.72 -9.78
N GLU A 69 -2.55 3.84 -10.47
CA GLU A 69 -1.30 4.57 -10.60
C GLU A 69 -0.80 5.03 -9.22
N LEU A 70 0.48 4.80 -8.95
CA LEU A 70 1.07 5.18 -7.68
C LEU A 70 1.21 6.69 -7.58
N TYR A 71 0.92 7.23 -6.40
CA TYR A 71 1.00 8.67 -6.17
C TYR A 71 2.35 9.22 -6.65
N ASN A 72 3.41 8.47 -6.37
CA ASN A 72 4.75 8.89 -6.77
C ASN A 72 5.56 7.69 -7.24
N GLU A 73 6.85 7.93 -7.54
CA GLU A 73 7.73 6.88 -8.00
C GLU A 73 8.28 6.07 -6.83
N VAL A 74 8.48 4.77 -7.05
CA VAL A 74 9.01 3.90 -6.01
C VAL A 74 10.01 2.90 -6.58
N LYS A 75 11.25 2.97 -6.08
CA LYS A 75 12.30 2.07 -6.54
C LYS A 75 11.78 0.65 -6.71
N VAL A 76 11.42 0.30 -7.94
CA VAL A 76 10.91 -1.04 -8.24
C VAL A 76 12.02 -2.08 -8.19
N GLU A 77 13.21 -1.69 -8.63
CA GLU A 77 14.35 -2.59 -8.63
C GLU A 77 14.66 -3.07 -7.21
N GLU A 78 14.26 -2.28 -6.22
CA GLU A 78 14.49 -2.63 -4.83
C GLU A 78 13.21 -3.11 -4.16
N SER A 79 12.09 -2.47 -4.50
CA SER A 79 10.80 -2.83 -3.92
C SER A 79 10.57 -4.33 -4.02
N SER A 80 9.67 -4.84 -3.18
CA SER A 80 9.36 -6.26 -3.15
C SER A 80 8.19 -6.55 -2.22
N TRP A 81 7.72 -7.79 -2.23
CA TRP A 81 6.60 -8.20 -1.38
C TRP A 81 6.80 -9.62 -0.85
N LEU A 82 5.95 -10.02 0.08
CA LEU A 82 6.04 -11.36 0.66
C LEU A 82 4.71 -11.76 1.28
N ILE A 83 4.49 -13.07 1.41
CA ILE A 83 3.25 -13.59 1.98
C ILE A 83 3.39 -13.74 3.50
N GLU A 84 2.44 -13.16 4.23
CA GLU A 84 2.46 -13.24 5.68
C GLU A 84 1.40 -14.22 6.19
N ASP A 85 1.84 -15.24 6.92
CA ASP A 85 0.94 -16.24 7.46
C ASP A 85 -0.04 -16.73 6.39
N GLY A 86 0.42 -16.77 5.15
CA GLY A 86 -0.42 -17.21 4.06
C GLY A 86 -1.83 -16.68 4.16
N LYS A 87 -1.98 -15.51 4.78
CA LYS A 87 -3.29 -14.89 4.95
C LYS A 87 -3.26 -13.43 4.50
N VAL A 88 -2.08 -12.82 4.56
CA VAL A 88 -1.92 -11.43 4.15
C VAL A 88 -0.77 -11.27 3.18
N VAL A 89 -0.88 -10.29 2.29
CA VAL A 89 0.15 -10.03 1.30
C VAL A 89 0.78 -8.65 1.51
N THR A 90 1.95 -8.64 2.15
CA THR A 90 2.66 -7.39 2.41
C THR A 90 3.52 -6.98 1.22
N VAL A 91 3.50 -5.70 0.89
CA VAL A 91 4.28 -5.18 -0.21
C VAL A 91 5.08 -3.95 0.19
N HIS A 92 6.41 -4.06 0.16
CA HIS A 92 7.27 -2.95 0.52
C HIS A 92 7.58 -2.07 -0.68
N LEU A 93 7.33 -0.78 -0.54
CA LEU A 93 7.58 0.17 -1.63
C LEU A 93 8.66 1.17 -1.24
N GLU A 94 9.77 1.16 -1.98
CA GLU A 94 10.87 2.06 -1.70
C GLU A 94 10.63 3.43 -2.35
N LYS A 95 10.58 4.47 -1.54
CA LYS A 95 10.36 5.82 -2.03
C LYS A 95 11.62 6.38 -2.67
N ILE A 96 11.60 6.54 -3.99
CA ILE A 96 12.74 7.08 -4.72
C ILE A 96 13.50 8.10 -3.89
N ASN A 97 12.76 8.91 -3.13
CA ASN A 97 13.36 9.94 -2.29
C ASN A 97 12.92 9.78 -0.85
N LYS A 98 13.87 9.58 0.05
CA LYS A 98 13.59 9.42 1.47
C LYS A 98 13.11 10.73 2.09
N MET A 99 13.40 11.83 1.40
CA MET A 99 13.00 13.15 1.88
C MET A 99 11.69 13.59 1.24
N GLU A 100 10.81 12.62 0.96
CA GLU A 100 9.52 12.91 0.35
C GLU A 100 8.41 12.14 1.05
N TRP A 101 7.24 12.77 1.16
CA TRP A 101 6.09 12.15 1.81
C TRP A 101 5.08 11.66 0.77
N TRP A 102 4.09 10.91 1.24
CA TRP A 102 3.06 10.37 0.36
C TRP A 102 1.66 10.71 0.89
N ASN A 103 0.77 11.10 -0.01
CA ASN A 103 -0.59 11.43 0.38
C ASN A 103 -1.50 10.20 0.29
N ARG A 104 -1.06 9.20 -0.46
CA ARG A 104 -1.83 7.98 -0.62
C ARG A 104 -1.05 6.94 -1.42
N LEU A 105 -1.49 5.69 -1.35
CA LEU A 105 -0.82 4.60 -2.06
C LEU A 105 -1.00 4.75 -3.57
N VAL A 106 -2.26 4.84 -4.00
CA VAL A 106 -2.57 4.99 -5.42
C VAL A 106 -3.56 6.12 -5.65
N THR A 107 -3.90 6.35 -6.91
CA THR A 107 -4.85 7.41 -7.27
C THR A 107 -6.28 6.93 -7.13
N SER A 108 -6.50 5.99 -6.22
CA SER A 108 -7.84 5.45 -5.98
C SER A 108 -8.24 5.62 -4.53
N ASP A 109 -7.37 5.21 -3.62
CA ASP A 109 -7.64 5.33 -2.19
C ASP A 109 -7.87 6.78 -1.80
N PRO A 110 -8.47 6.99 -0.61
CA PRO A 110 -8.76 8.32 -0.09
C PRO A 110 -7.49 9.07 0.31
N GLU A 111 -7.51 10.40 0.11
CA GLU A 111 -6.36 11.22 0.44
C GLU A 111 -6.34 11.53 1.94
N ILE A 112 -5.14 11.79 2.46
CA ILE A 112 -4.97 12.09 3.87
C ILE A 112 -4.01 13.27 4.08
N ASN A 113 -4.37 14.17 4.98
CA ASN A 113 -3.54 15.33 5.27
C ASN A 113 -2.10 14.92 5.53
N THR A 114 -1.16 15.77 5.13
CA THR A 114 0.25 15.51 5.32
C THR A 114 1.01 16.77 5.73
N LYS A 115 2.26 16.59 6.13
CA LYS A 115 3.10 17.72 6.54
C LYS A 115 4.29 17.89 5.60
N SER A 116 4.78 19.12 5.49
CA SER A 116 5.91 19.42 4.63
C SER A 116 6.94 20.28 5.36
N GLY A 117 8.11 19.69 5.64
CA GLY A 117 9.15 20.42 6.34
C GLY A 117 9.51 19.78 7.66
N PRO A 118 10.29 18.69 7.61
CA PRO A 118 10.72 17.96 8.80
C PRO A 118 11.73 18.76 9.63
N SER A 119 11.29 19.24 10.79
CA SER A 119 12.16 20.02 11.67
C SER A 119 12.73 21.23 10.93
N SER A 120 11.88 21.90 10.16
CA SER A 120 12.29 23.07 9.41
C SER A 120 13.30 22.69 8.32
N GLY A 121 13.03 21.59 7.64
CA GLY A 121 13.92 21.12 6.59
C GLY A 121 13.25 21.14 5.23
N GLY A 1 -20.30 -2.24 -7.95
CA GLY A 1 -19.89 -0.90 -8.31
C GLY A 1 -19.86 0.04 -7.13
N SER A 2 -18.67 0.33 -6.62
CA SER A 2 -18.51 1.22 -5.47
C SER A 2 -17.05 1.62 -5.29
N SER A 3 -16.83 2.87 -4.93
CA SER A 3 -15.48 3.39 -4.72
C SER A 3 -15.06 3.24 -3.25
N GLY A 4 -15.89 3.74 -2.35
CA GLY A 4 -15.59 3.65 -0.94
C GLY A 4 -14.12 3.88 -0.65
N SER A 5 -13.40 2.79 -0.39
CA SER A 5 -11.97 2.87 -0.08
C SER A 5 -11.69 4.04 0.85
N SER A 6 -12.63 4.32 1.76
CA SER A 6 -12.48 5.41 2.71
C SER A 6 -11.86 4.90 4.01
N GLY A 7 -11.13 5.78 4.69
CA GLY A 7 -10.51 5.41 5.95
C GLY A 7 -10.06 6.62 6.75
N LYS A 8 -9.21 6.38 7.75
CA LYS A 8 -8.72 7.46 8.60
C LYS A 8 -7.20 7.38 8.74
N PRO A 9 -6.58 8.54 9.00
CA PRO A 9 -5.12 8.63 9.16
C PRO A 9 -4.64 7.96 10.44
N ASN A 10 -3.87 6.89 10.29
CA ASN A 10 -3.33 6.16 11.44
C ASN A 10 -2.03 6.79 11.93
N LEU A 11 -1.41 6.15 12.92
CA LEU A 11 -0.15 6.65 13.47
C LEU A 11 0.92 6.72 12.39
N GLY A 12 0.91 5.77 11.47
CA GLY A 12 1.88 5.75 10.40
C GLY A 12 1.52 6.70 9.28
N ASN A 13 1.01 7.88 9.63
CA ASN A 13 0.63 8.86 8.64
C ASN A 13 0.08 8.20 7.38
N GLY A 14 -0.66 7.11 7.56
CA GLY A 14 -1.23 6.40 6.43
C GLY A 14 -2.73 6.52 6.37
N ALA A 15 -3.40 5.43 6.00
CA ALA A 15 -4.85 5.41 5.90
C ALA A 15 -5.41 4.03 6.20
N ASP A 16 -6.24 3.94 7.22
CA ASP A 16 -6.84 2.66 7.60
C ASP A 16 -8.09 2.37 6.77
N LEU A 17 -7.98 1.40 5.87
CA LEU A 17 -9.09 1.03 5.00
C LEU A 17 -9.68 -0.32 5.42
N PRO A 18 -10.97 -0.52 5.14
CA PRO A 18 -11.67 -1.76 5.47
C PRO A 18 -11.20 -2.93 4.62
N ASN A 19 -10.58 -2.62 3.48
CA ASN A 19 -10.09 -3.65 2.58
C ASN A 19 -8.63 -4.00 2.89
N TYR A 20 -7.89 -3.01 3.35
CA TYR A 20 -6.48 -3.21 3.69
C TYR A 20 -5.91 -1.99 4.39
N ARG A 21 -4.80 -2.18 5.10
CA ARG A 21 -4.15 -1.09 5.81
C ARG A 21 -2.73 -0.86 5.29
N TRP A 22 -2.38 0.40 5.07
CA TRP A 22 -1.05 0.75 4.58
C TRP A 22 -0.54 2.02 5.24
N THR A 23 0.76 2.05 5.52
CA THR A 23 1.38 3.20 6.15
C THR A 23 2.43 3.84 5.25
N GLN A 24 2.96 4.98 5.67
CA GLN A 24 3.98 5.69 4.90
C GLN A 24 4.85 6.54 5.80
N THR A 25 6.16 6.50 5.55
CA THR A 25 7.11 7.27 6.35
C THR A 25 8.11 7.99 5.46
N LEU A 26 9.09 8.64 6.09
CA LEU A 26 10.12 9.37 5.35
C LEU A 26 11.22 8.43 4.87
N ALA A 27 10.86 7.16 4.69
CA ALA A 27 11.82 6.15 4.24
C ALA A 27 11.21 5.28 3.15
N GLU A 28 10.04 4.71 3.43
CA GLU A 28 9.37 3.85 2.47
C GLU A 28 7.89 3.69 2.83
N LEU A 29 7.15 3.00 1.97
CA LEU A 29 5.72 2.78 2.19
C LEU A 29 5.42 1.31 2.41
N ASP A 30 4.62 1.02 3.43
CA ASP A 30 4.26 -0.36 3.74
C ASP A 30 2.78 -0.60 3.48
N LEU A 31 2.48 -1.74 2.85
CA LEU A 31 1.10 -2.09 2.53
C LEU A 31 0.79 -3.52 2.97
N ALA A 32 -0.35 -3.70 3.62
CA ALA A 32 -0.77 -5.01 4.09
C ALA A 32 -2.20 -5.32 3.67
N VAL A 33 -2.37 -6.27 2.77
CA VAL A 33 -3.69 -6.66 2.29
C VAL A 33 -4.13 -7.99 2.89
N PRO A 34 -5.02 -7.92 3.90
CA PRO A 34 -5.53 -9.11 4.58
C PRO A 34 -6.45 -9.93 3.70
N PHE A 35 -6.11 -11.19 3.48
CA PHE A 35 -6.91 -12.09 2.65
C PHE A 35 -7.62 -13.14 3.50
N ARG A 36 -8.95 -13.09 3.51
CA ARG A 36 -9.74 -14.03 4.27
C ARG A 36 -9.58 -15.45 3.75
N VAL A 37 -8.45 -16.07 4.06
CA VAL A 37 -8.16 -17.43 3.61
C VAL A 37 -7.83 -18.33 4.79
N SER A 38 -8.23 -19.60 4.68
CA SER A 38 -7.97 -20.57 5.73
C SER A 38 -6.85 -21.52 5.34
N PHE A 39 -5.98 -21.07 4.45
CA PHE A 39 -4.86 -21.88 3.99
C PHE A 39 -3.64 -21.01 3.70
N ARG A 40 -2.57 -21.64 3.24
CA ARG A 40 -1.34 -20.93 2.92
C ARG A 40 -1.32 -20.47 1.47
N LEU A 41 -1.09 -19.19 1.26
CA LEU A 41 -1.06 -18.63 -0.09
C LEU A 41 0.30 -18.88 -0.75
N LYS A 42 0.29 -19.03 -2.07
CA LYS A 42 1.51 -19.28 -2.81
C LYS A 42 1.87 -18.07 -3.69
N GLY A 43 3.17 -17.86 -3.89
CA GLY A 43 3.62 -16.74 -4.71
C GLY A 43 2.93 -16.69 -6.06
N LYS A 44 2.62 -17.86 -6.60
CA LYS A 44 1.96 -17.95 -7.89
C LYS A 44 0.46 -17.75 -7.76
N ASP A 45 -0.09 -18.16 -6.62
CA ASP A 45 -1.52 -18.02 -6.35
C ASP A 45 -1.92 -16.55 -6.31
N VAL A 46 -1.08 -15.72 -5.70
CA VAL A 46 -1.35 -14.30 -5.60
C VAL A 46 -0.72 -13.53 -6.75
N VAL A 47 -1.34 -12.42 -7.13
CA VAL A 47 -0.84 -11.59 -8.23
C VAL A 47 -0.44 -10.22 -7.73
N VAL A 48 0.88 -9.99 -7.63
CA VAL A 48 1.39 -8.71 -7.17
C VAL A 48 2.35 -8.11 -8.19
N ASP A 49 1.90 -7.08 -8.89
CA ASP A 49 2.72 -6.41 -9.89
C ASP A 49 3.28 -5.10 -9.35
N ILE A 50 4.60 -5.03 -9.20
CA ILE A 50 5.26 -3.84 -8.70
C ILE A 50 5.99 -3.10 -9.81
N GLN A 51 5.54 -1.89 -10.11
CA GLN A 51 6.15 -1.08 -11.16
C GLN A 51 6.74 0.20 -10.59
N ARG A 52 7.45 0.95 -11.42
CA ARG A 52 8.07 2.20 -11.00
C ARG A 52 7.02 3.19 -10.50
N ARG A 53 6.00 3.42 -11.32
CA ARG A 53 4.93 4.34 -10.97
C ARG A 53 3.58 3.66 -11.02
N HIS A 54 3.54 2.40 -10.59
CA HIS A 54 2.31 1.62 -10.58
C HIS A 54 2.46 0.36 -9.73
N LEU A 55 1.38 -0.02 -9.06
CA LEU A 55 1.39 -1.20 -8.21
C LEU A 55 0.09 -1.99 -8.35
N ARG A 56 0.20 -3.31 -8.25
CA ARG A 56 -0.96 -4.17 -8.37
C ARG A 56 -0.90 -5.33 -7.36
N VAL A 57 -2.05 -5.68 -6.80
CA VAL A 57 -2.12 -6.76 -5.82
C VAL A 57 -3.46 -7.47 -5.89
N GLY A 58 -3.45 -8.78 -5.68
CA GLY A 58 -4.66 -9.56 -5.72
C GLY A 58 -4.40 -11.05 -5.79
N LEU A 59 -5.36 -11.79 -6.32
CA LEU A 59 -5.23 -13.24 -6.45
C LEU A 59 -5.54 -13.70 -7.88
N LYS A 60 -4.88 -14.77 -8.30
CA LYS A 60 -5.09 -15.31 -9.65
C LYS A 60 -6.57 -15.45 -9.95
N GLY A 61 -6.96 -15.11 -11.18
CA GLY A 61 -8.35 -15.20 -11.57
C GLY A 61 -9.20 -14.10 -10.98
N GLN A 62 -9.20 -14.01 -9.66
CA GLN A 62 -9.99 -13.00 -8.96
C GLN A 62 -9.48 -11.59 -9.29
N PRO A 63 -10.33 -10.58 -9.03
CA PRO A 63 -9.98 -9.18 -9.29
C PRO A 63 -8.90 -8.65 -8.35
N PRO A 64 -8.03 -7.79 -8.88
CA PRO A 64 -6.94 -7.20 -8.10
C PRO A 64 -7.44 -6.21 -7.06
N VAL A 65 -7.34 -6.60 -5.78
CA VAL A 65 -7.78 -5.75 -4.69
C VAL A 65 -7.20 -4.35 -4.81
N VAL A 66 -5.98 -4.27 -5.31
CA VAL A 66 -5.29 -2.99 -5.49
C VAL A 66 -4.73 -2.84 -6.89
N ASP A 67 -5.22 -1.86 -7.63
CA ASP A 67 -4.76 -1.62 -8.99
C ASP A 67 -4.96 -0.15 -9.38
N GLY A 68 -3.86 0.57 -9.52
CA GLY A 68 -3.93 1.97 -9.89
C GLY A 68 -2.56 2.64 -9.92
N GLU A 69 -2.45 3.73 -10.67
CA GLU A 69 -1.20 4.46 -10.78
C GLU A 69 -0.71 4.91 -9.39
N LEU A 70 0.55 4.64 -9.11
CA LEU A 70 1.14 5.02 -7.83
C LEU A 70 1.30 6.53 -7.72
N TYR A 71 0.88 7.09 -6.59
CA TYR A 71 0.98 8.53 -6.36
C TYR A 71 2.33 9.06 -6.82
N ASN A 72 3.40 8.33 -6.48
CA ASN A 72 4.75 8.73 -6.86
C ASN A 72 5.58 7.52 -7.27
N GLU A 73 6.76 7.78 -7.81
CA GLU A 73 7.66 6.71 -8.24
C GLU A 73 8.22 5.95 -7.04
N VAL A 74 8.45 4.66 -7.22
CA VAL A 74 8.99 3.82 -6.16
C VAL A 74 10.01 2.82 -6.70
N LYS A 75 11.21 2.85 -6.13
CA LYS A 75 12.27 1.95 -6.56
C LYS A 75 11.75 0.53 -6.71
N VAL A 76 11.39 0.16 -7.93
CA VAL A 76 10.88 -1.18 -8.21
C VAL A 76 11.99 -2.22 -8.13
N GLU A 77 13.17 -1.86 -8.63
CA GLU A 77 14.31 -2.77 -8.61
C GLU A 77 14.64 -3.21 -7.18
N GLU A 78 14.21 -2.40 -6.21
CA GLU A 78 14.46 -2.70 -4.81
C GLU A 78 13.19 -3.21 -4.13
N SER A 79 12.07 -2.60 -4.47
CA SER A 79 10.78 -2.98 -3.89
C SER A 79 10.58 -4.48 -3.97
N SER A 80 9.84 -5.03 -3.01
CA SER A 80 9.57 -6.46 -2.96
C SER A 80 8.48 -6.77 -1.95
N TRP A 81 7.69 -7.81 -2.24
CA TRP A 81 6.60 -8.21 -1.35
C TRP A 81 6.86 -9.61 -0.79
N LEU A 82 6.02 -10.03 0.16
CA LEU A 82 6.15 -11.33 0.77
C LEU A 82 4.84 -11.76 1.45
N ILE A 83 4.52 -13.04 1.34
CA ILE A 83 3.30 -13.57 1.94
C ILE A 83 3.45 -13.75 3.44
N GLU A 84 2.53 -13.18 4.20
CA GLU A 84 2.57 -13.27 5.65
C GLU A 84 1.52 -14.26 6.16
N ASP A 85 1.97 -15.27 6.91
CA ASP A 85 1.08 -16.28 7.46
C ASP A 85 0.10 -16.77 6.39
N GLY A 86 0.56 -16.84 5.15
CA GLY A 86 -0.28 -17.28 4.07
C GLY A 86 -1.70 -16.74 4.17
N LYS A 87 -1.85 -15.59 4.80
CA LYS A 87 -3.15 -14.96 4.97
C LYS A 87 -3.13 -13.52 4.51
N VAL A 88 -1.96 -12.88 4.61
CA VAL A 88 -1.81 -11.49 4.20
C VAL A 88 -0.69 -11.33 3.18
N VAL A 89 -0.75 -10.26 2.40
CA VAL A 89 0.25 -10.00 1.38
C VAL A 89 0.88 -8.63 1.58
N THR A 90 2.05 -8.60 2.23
CA THR A 90 2.75 -7.36 2.49
C THR A 90 3.64 -6.97 1.31
N VAL A 91 3.60 -5.69 0.94
CA VAL A 91 4.38 -5.19 -0.19
C VAL A 91 5.20 -3.97 0.22
N HIS A 92 6.52 -4.14 0.28
CA HIS A 92 7.41 -3.05 0.65
C HIS A 92 7.73 -2.16 -0.55
N LEU A 93 7.34 -0.90 -0.47
CA LEU A 93 7.59 0.04 -1.55
C LEU A 93 8.63 1.08 -1.14
N GLU A 94 9.75 1.09 -1.86
CA GLU A 94 10.83 2.03 -1.57
C GLU A 94 10.57 3.37 -2.24
N LYS A 95 10.51 4.43 -1.43
CA LYS A 95 10.26 5.77 -1.94
C LYS A 95 11.53 6.34 -2.59
N ILE A 96 11.45 6.62 -3.88
CA ILE A 96 12.59 7.17 -4.62
C ILE A 96 13.23 8.33 -3.84
N ASN A 97 12.39 9.13 -3.20
CA ASN A 97 12.88 10.26 -2.43
C ASN A 97 12.50 10.12 -0.95
N LYS A 98 13.26 9.32 -0.22
CA LYS A 98 13.01 9.10 1.19
C LYS A 98 12.65 10.41 1.90
N MET A 99 13.15 11.51 1.36
CA MET A 99 12.89 12.83 1.93
C MET A 99 11.59 13.41 1.38
N GLU A 100 10.66 12.53 1.03
CA GLU A 100 9.37 12.95 0.49
C GLU A 100 8.23 12.13 1.10
N TRP A 101 7.08 12.77 1.27
CA TRP A 101 5.92 12.10 1.84
C TRP A 101 4.94 11.67 0.74
N TRP A 102 3.92 10.91 1.13
CA TRP A 102 2.93 10.44 0.17
C TRP A 102 1.52 10.83 0.63
N ASN A 103 0.67 11.18 -0.34
CA ASN A 103 -0.70 11.57 -0.04
C ASN A 103 -1.63 10.36 -0.02
N ARG A 104 -1.22 9.30 -0.70
CA ARG A 104 -2.01 8.07 -0.76
C ARG A 104 -1.23 6.95 -1.45
N LEU A 105 -1.77 5.73 -1.38
CA LEU A 105 -1.13 4.59 -1.99
C LEU A 105 -1.21 4.65 -3.52
N VAL A 106 -2.40 4.98 -4.03
CA VAL A 106 -2.61 5.09 -5.46
C VAL A 106 -3.70 6.11 -5.78
N THR A 107 -3.75 6.52 -7.05
CA THR A 107 -4.75 7.50 -7.48
C THR A 107 -6.15 7.04 -7.13
N SER A 108 -6.36 5.72 -7.16
CA SER A 108 -7.67 5.15 -6.85
C SER A 108 -7.88 5.04 -5.34
N ASP A 109 -7.43 6.07 -4.61
CA ASP A 109 -7.57 6.09 -3.16
C ASP A 109 -7.77 7.51 -2.65
N PRO A 110 -8.32 7.62 -1.43
CA PRO A 110 -8.59 8.92 -0.81
C PRO A 110 -7.31 9.65 -0.41
N GLU A 111 -7.33 10.97 -0.52
CA GLU A 111 -6.17 11.79 -0.17
C GLU A 111 -6.17 12.14 1.32
N ILE A 112 -5.00 12.13 1.92
CA ILE A 112 -4.87 12.45 3.34
C ILE A 112 -3.87 13.58 3.56
N ASN A 113 -4.25 14.54 4.40
CA ASN A 113 -3.39 15.68 4.71
C ASN A 113 -2.02 15.22 5.19
N THR A 114 -0.97 15.68 4.53
CA THR A 114 0.40 15.31 4.89
C THR A 114 1.14 16.51 5.46
N LYS A 115 1.46 16.44 6.75
CA LYS A 115 2.18 17.51 7.42
C LYS A 115 3.65 17.52 7.01
N SER A 116 4.05 18.55 6.27
CA SER A 116 5.43 18.67 5.81
C SER A 116 5.96 20.07 6.05
N GLY A 117 7.28 20.19 6.19
CA GLY A 117 7.89 21.49 6.43
C GLY A 117 9.28 21.37 7.01
N PRO A 118 9.90 22.53 7.32
CA PRO A 118 11.25 22.57 7.89
C PRO A 118 11.28 22.07 9.33
N SER A 119 12.05 21.01 9.57
CA SER A 119 12.17 20.43 10.90
C SER A 119 10.81 20.42 11.61
N SER A 120 9.76 20.08 10.87
CA SER A 120 8.42 20.04 11.43
C SER A 120 8.35 19.12 12.65
N GLY A 121 8.03 19.71 13.79
CA GLY A 121 7.95 18.94 15.03
C GLY A 121 6.57 19.00 15.66
N GLY A 1 -18.81 10.80 4.69
CA GLY A 1 -18.52 9.41 4.94
C GLY A 1 -19.70 8.67 5.55
N SER A 2 -19.89 7.42 5.14
CA SER A 2 -20.99 6.61 5.64
C SER A 2 -20.86 6.41 7.15
N SER A 3 -21.89 5.84 7.75
CA SER A 3 -21.91 5.59 9.19
C SER A 3 -20.54 5.12 9.67
N GLY A 4 -19.99 5.83 10.66
CA GLY A 4 -18.69 5.48 11.20
C GLY A 4 -17.55 6.03 10.36
N SER A 5 -16.88 7.05 10.87
CA SER A 5 -15.76 7.66 10.16
C SER A 5 -14.93 6.61 9.44
N SER A 6 -15.11 6.51 8.12
CA SER A 6 -14.38 5.55 7.32
C SER A 6 -13.16 6.19 6.68
N GLY A 7 -11.98 5.79 7.15
CA GLY A 7 -10.74 6.33 6.63
C GLY A 7 -10.09 7.33 7.57
N LYS A 8 -9.18 6.85 8.39
CA LYS A 8 -8.48 7.71 9.35
C LYS A 8 -6.99 7.43 9.33
N PRO A 9 -6.19 8.45 9.68
CA PRO A 9 -4.73 8.34 9.73
C PRO A 9 -4.24 7.44 10.86
N ASN A 10 -3.36 6.51 10.55
CA ASN A 10 -2.81 5.59 11.54
C ASN A 10 -1.49 6.11 12.09
N LEU A 11 -0.88 5.32 12.98
CA LEU A 11 0.40 5.69 13.57
C LEU A 11 1.43 6.02 12.50
N GLY A 12 1.50 5.19 11.48
CA GLY A 12 2.44 5.41 10.40
C GLY A 12 1.90 6.34 9.33
N ASN A 13 1.29 7.44 9.76
CA ASN A 13 0.72 8.42 8.84
C ASN A 13 0.14 7.72 7.61
N GLY A 14 -0.61 6.65 7.84
CA GLY A 14 -1.21 5.92 6.75
C GLY A 14 -2.72 6.08 6.70
N ALA A 15 -3.41 5.04 6.23
CA ALA A 15 -4.86 5.08 6.13
C ALA A 15 -5.46 3.69 6.34
N ASP A 16 -6.30 3.57 7.37
CA ASP A 16 -6.94 2.30 7.69
C ASP A 16 -8.17 2.07 6.81
N LEU A 17 -8.03 1.19 5.84
CA LEU A 17 -9.14 0.88 4.93
C LEU A 17 -9.73 -0.49 5.23
N PRO A 18 -11.02 -0.66 4.91
CA PRO A 18 -11.74 -1.92 5.15
C PRO A 18 -11.25 -3.04 4.23
N ASN A 19 -10.61 -2.66 3.12
CA ASN A 19 -10.11 -3.63 2.16
C ASN A 19 -8.67 -4.02 2.50
N TYR A 20 -7.92 -3.07 3.04
CA TYR A 20 -6.52 -3.32 3.41
C TYR A 20 -5.93 -2.11 4.13
N ARG A 21 -4.87 -2.35 4.89
CA ARG A 21 -4.21 -1.28 5.63
C ARG A 21 -2.79 -1.05 5.10
N TRP A 22 -2.45 0.22 4.90
CA TRP A 22 -1.14 0.58 4.39
C TRP A 22 -0.63 1.86 5.05
N THR A 23 0.68 1.92 5.30
CA THR A 23 1.28 3.08 5.93
C THR A 23 2.42 3.64 5.07
N GLN A 24 2.80 4.88 5.34
CA GLN A 24 3.86 5.53 4.59
C GLN A 24 4.83 6.25 5.53
N THR A 25 6.12 6.13 5.26
CA THR A 25 7.14 6.76 6.08
C THR A 25 8.19 7.45 5.22
N LEU A 26 8.69 8.58 5.69
CA LEU A 26 9.70 9.34 4.95
C LEU A 26 10.72 8.39 4.30
N ALA A 27 10.87 7.20 4.88
CA ALA A 27 11.80 6.21 4.35
C ALA A 27 11.17 5.43 3.20
N GLU A 28 10.14 4.65 3.51
CA GLU A 28 9.46 3.86 2.50
C GLU A 28 7.98 3.69 2.85
N LEU A 29 7.22 3.08 1.94
CA LEU A 29 5.80 2.87 2.15
C LEU A 29 5.49 1.38 2.32
N ASP A 30 4.65 1.07 3.30
CA ASP A 30 4.26 -0.32 3.56
C ASP A 30 2.79 -0.54 3.25
N LEU A 31 2.46 -1.79 2.89
CA LEU A 31 1.07 -2.13 2.56
C LEU A 31 0.74 -3.53 3.06
N ALA A 32 -0.50 -3.72 3.50
CA ALA A 32 -0.95 -5.01 4.00
C ALA A 32 -2.37 -5.32 3.52
N VAL A 33 -2.48 -6.34 2.67
CA VAL A 33 -3.77 -6.74 2.13
C VAL A 33 -4.20 -8.09 2.70
N PRO A 34 -5.12 -8.06 3.67
CA PRO A 34 -5.65 -9.27 4.31
C PRO A 34 -6.52 -10.10 3.37
N PHE A 35 -6.18 -11.37 3.21
CA PHE A 35 -6.94 -12.26 2.35
C PHE A 35 -7.62 -13.37 3.15
N ARG A 36 -8.94 -13.34 3.17
CA ARG A 36 -9.72 -14.34 3.90
C ARG A 36 -9.45 -15.74 3.37
N VAL A 37 -8.33 -16.33 3.77
CA VAL A 37 -7.96 -17.67 3.33
C VAL A 37 -7.82 -18.61 4.51
N SER A 38 -8.05 -19.90 4.26
CA SER A 38 -7.95 -20.91 5.31
C SER A 38 -6.67 -21.74 5.14
N PHE A 39 -5.77 -21.27 4.29
CA PHE A 39 -4.52 -21.97 4.03
C PHE A 39 -3.39 -20.98 3.74
N ARG A 40 -2.23 -21.51 3.41
CA ARG A 40 -1.07 -20.68 3.12
C ARG A 40 -1.11 -20.17 1.67
N LEU A 41 -1.10 -18.86 1.52
CA LEU A 41 -1.14 -18.24 0.19
C LEU A 41 0.16 -18.49 -0.57
N LYS A 42 0.04 -19.02 -1.78
CA LYS A 42 1.21 -19.30 -2.60
C LYS A 42 1.48 -18.16 -3.57
N GLY A 43 2.75 -17.78 -3.70
CA GLY A 43 3.12 -16.71 -4.61
C GLY A 43 2.34 -16.74 -5.90
N LYS A 44 2.10 -17.95 -6.41
CA LYS A 44 1.35 -18.12 -7.66
C LYS A 44 -0.12 -17.75 -7.47
N ASP A 45 -0.68 -18.15 -6.33
CA ASP A 45 -2.08 -17.86 -6.04
C ASP A 45 -2.33 -16.35 -6.06
N VAL A 46 -1.37 -15.59 -5.55
CA VAL A 46 -1.50 -14.14 -5.50
C VAL A 46 -0.83 -13.49 -6.71
N VAL A 47 -1.31 -12.32 -7.10
CA VAL A 47 -0.76 -11.59 -8.24
C VAL A 47 -0.35 -10.18 -7.84
N VAL A 48 0.93 -10.00 -7.53
CA VAL A 48 1.44 -8.69 -7.14
C VAL A 48 2.45 -8.17 -8.17
N ASP A 49 2.06 -7.13 -8.90
CA ASP A 49 2.92 -6.54 -9.90
C ASP A 49 3.42 -5.17 -9.46
N ILE A 50 4.72 -5.06 -9.25
CA ILE A 50 5.33 -3.82 -8.82
C ILE A 50 6.10 -3.15 -9.95
N GLN A 51 5.75 -1.90 -10.24
CA GLN A 51 6.40 -1.15 -11.30
C GLN A 51 6.96 0.18 -10.79
N ARG A 52 7.60 0.93 -11.67
CA ARG A 52 8.18 2.22 -11.30
C ARG A 52 7.11 3.15 -10.75
N ARG A 53 6.04 3.35 -11.54
CA ARG A 53 4.95 4.22 -11.14
C ARG A 53 3.61 3.51 -11.26
N HIS A 54 3.59 2.23 -10.89
CA HIS A 54 2.38 1.43 -10.96
C HIS A 54 2.48 0.21 -10.07
N LEU A 55 1.43 -0.07 -9.31
CA LEU A 55 1.41 -1.22 -8.41
C LEU A 55 0.07 -1.95 -8.51
N ARG A 56 0.13 -3.28 -8.49
CA ARG A 56 -1.07 -4.10 -8.57
C ARG A 56 -0.97 -5.30 -7.63
N VAL A 57 -2.08 -5.62 -6.97
CA VAL A 57 -2.11 -6.74 -6.04
C VAL A 57 -3.49 -7.43 -6.07
N GLY A 58 -3.49 -8.75 -5.85
CA GLY A 58 -4.73 -9.50 -5.86
C GLY A 58 -4.49 -10.99 -5.95
N LEU A 59 -5.47 -11.70 -6.50
CA LEU A 59 -5.37 -13.15 -6.65
C LEU A 59 -5.72 -13.58 -8.07
N LYS A 60 -4.85 -14.39 -8.68
CA LYS A 60 -5.07 -14.87 -10.03
C LYS A 60 -6.55 -15.05 -10.31
N GLY A 61 -7.15 -16.07 -9.70
CA GLY A 61 -8.57 -16.33 -9.90
C GLY A 61 -9.44 -15.35 -9.14
N GLN A 62 -9.17 -14.06 -9.31
CA GLN A 62 -9.94 -13.03 -8.63
C GLN A 62 -9.49 -11.64 -9.07
N PRO A 63 -10.31 -10.62 -8.78
CA PRO A 63 -10.02 -9.23 -9.13
C PRO A 63 -8.87 -8.65 -8.32
N PRO A 64 -8.12 -7.72 -8.92
CA PRO A 64 -6.97 -7.08 -8.27
C PRO A 64 -7.40 -6.14 -7.15
N VAL A 65 -7.23 -6.60 -5.92
CA VAL A 65 -7.60 -5.80 -4.75
C VAL A 65 -7.04 -4.39 -4.85
N VAL A 66 -5.87 -4.27 -5.47
CA VAL A 66 -5.22 -2.97 -5.64
C VAL A 66 -4.80 -2.75 -7.07
N ASP A 67 -5.31 -1.70 -7.70
CA ASP A 67 -4.98 -1.37 -9.07
C ASP A 67 -5.11 0.13 -9.33
N GLY A 68 -3.98 0.81 -9.45
CA GLY A 68 -3.99 2.24 -9.69
C GLY A 68 -2.59 2.83 -9.73
N GLU A 69 -2.43 3.92 -10.48
CA GLU A 69 -1.15 4.58 -10.60
C GLU A 69 -0.63 5.03 -9.24
N LEU A 70 0.67 4.87 -9.03
CA LEU A 70 1.30 5.25 -7.77
C LEU A 70 1.43 6.77 -7.67
N TYR A 71 1.19 7.31 -6.49
CA TYR A 71 1.29 8.75 -6.26
C TYR A 71 2.61 9.30 -6.79
N ASN A 72 3.70 8.57 -6.50
CA ASN A 72 5.02 8.98 -6.95
C ASN A 72 5.86 7.77 -7.35
N GLU A 73 7.04 8.02 -7.91
CA GLU A 73 7.92 6.95 -8.33
C GLU A 73 8.45 6.17 -7.13
N VAL A 74 8.63 4.86 -7.32
CA VAL A 74 9.11 3.99 -6.26
C VAL A 74 10.14 3.00 -6.78
N LYS A 75 11.35 3.05 -6.23
CA LYS A 75 12.42 2.16 -6.64
C LYS A 75 11.91 0.73 -6.79
N VAL A 76 11.48 0.38 -8.01
CA VAL A 76 10.97 -0.96 -8.29
C VAL A 76 12.07 -2.01 -8.13
N GLU A 77 13.25 -1.69 -8.62
CA GLU A 77 14.39 -2.60 -8.54
C GLU A 77 14.67 -3.00 -7.09
N GLU A 78 14.16 -2.19 -6.16
CA GLU A 78 14.36 -2.45 -4.74
C GLU A 78 13.08 -2.97 -4.10
N SER A 79 11.94 -2.44 -4.56
CA SER A 79 10.65 -2.83 -4.03
C SER A 79 10.50 -4.35 -4.01
N SER A 80 9.72 -4.86 -3.08
CA SER A 80 9.50 -6.29 -2.96
C SER A 80 8.37 -6.59 -1.97
N TRP A 81 7.64 -7.68 -2.23
CA TRP A 81 6.54 -8.07 -1.35
C TRP A 81 6.77 -9.47 -0.78
N LEU A 82 5.98 -9.83 0.22
CA LEU A 82 6.11 -11.14 0.86
C LEU A 82 4.78 -11.57 1.48
N ILE A 83 4.55 -12.88 1.54
CA ILE A 83 3.32 -13.40 2.12
C ILE A 83 3.45 -13.55 3.63
N GLU A 84 2.50 -12.96 4.36
CA GLU A 84 2.51 -13.02 5.81
C GLU A 84 1.46 -14.01 6.32
N ASP A 85 1.87 -14.89 7.23
CA ASP A 85 0.97 -15.88 7.79
C ASP A 85 0.07 -16.48 6.71
N GLY A 86 0.59 -16.57 5.49
CA GLY A 86 -0.17 -17.11 4.39
C GLY A 86 -1.62 -16.65 4.41
N LYS A 87 -1.86 -15.51 5.05
CA LYS A 87 -3.21 -14.96 5.14
C LYS A 87 -3.23 -13.51 4.68
N VAL A 88 -2.06 -12.90 4.59
CA VAL A 88 -1.94 -11.52 4.16
C VAL A 88 -0.78 -11.34 3.18
N VAL A 89 -0.88 -10.32 2.34
CA VAL A 89 0.15 -10.04 1.35
C VAL A 89 0.73 -8.65 1.53
N THR A 90 1.91 -8.58 2.16
CA THR A 90 2.57 -7.31 2.40
C THR A 90 3.47 -6.91 1.23
N VAL A 91 3.44 -5.64 0.88
CA VAL A 91 4.25 -5.13 -0.23
C VAL A 91 5.04 -3.90 0.18
N HIS A 92 6.36 -4.03 0.18
CA HIS A 92 7.24 -2.92 0.57
C HIS A 92 7.54 -2.04 -0.64
N LEU A 93 7.24 -0.75 -0.52
CA LEU A 93 7.49 0.20 -1.60
C LEU A 93 8.60 1.18 -1.22
N GLU A 94 9.69 1.16 -1.97
CA GLU A 94 10.82 2.04 -1.70
C GLU A 94 10.59 3.40 -2.35
N LYS A 95 10.65 4.46 -1.54
CA LYS A 95 10.45 5.82 -2.02
C LYS A 95 11.73 6.37 -2.64
N ILE A 96 11.68 6.66 -3.93
CA ILE A 96 12.83 7.20 -4.64
C ILE A 96 13.55 8.25 -3.81
N ASN A 97 12.79 9.04 -3.07
CA ASN A 97 13.35 10.08 -2.21
C ASN A 97 12.90 9.92 -0.77
N LYS A 98 13.84 9.71 0.13
CA LYS A 98 13.54 9.53 1.54
C LYS A 98 13.06 10.83 2.16
N MET A 99 13.30 11.94 1.46
CA MET A 99 12.88 13.25 1.95
C MET A 99 11.56 13.68 1.30
N GLU A 100 10.72 12.70 1.00
CA GLU A 100 9.42 12.97 0.38
C GLU A 100 8.31 12.22 1.09
N TRP A 101 7.16 12.86 1.22
CA TRP A 101 6.01 12.25 1.88
C TRP A 101 4.97 11.79 0.87
N TRP A 102 4.05 10.95 1.31
CA TRP A 102 3.00 10.43 0.43
C TRP A 102 1.61 10.77 0.98
N ASN A 103 0.69 11.11 0.08
CA ASN A 103 -0.67 11.45 0.48
C ASN A 103 -1.59 10.25 0.33
N ARG A 104 -1.13 9.23 -0.38
CA ARG A 104 -1.91 8.02 -0.60
C ARG A 104 -1.08 6.94 -1.30
N LEU A 105 -1.54 5.70 -1.22
CA LEU A 105 -0.84 4.58 -1.85
C LEU A 105 -0.95 4.66 -3.36
N VAL A 106 -2.17 4.64 -3.86
CA VAL A 106 -2.41 4.71 -5.30
C VAL A 106 -3.45 5.78 -5.63
N THR A 107 -3.78 5.91 -6.91
CA THR A 107 -4.75 6.89 -7.37
C THR A 107 -6.17 6.36 -7.23
N SER A 108 -6.36 5.43 -6.29
CA SER A 108 -7.68 4.85 -6.06
C SER A 108 -8.14 5.10 -4.63
N ASP A 109 -7.23 4.92 -3.69
CA ASP A 109 -7.54 5.13 -2.27
C ASP A 109 -7.76 6.61 -1.98
N PRO A 110 -8.40 6.90 -0.84
CA PRO A 110 -8.68 8.27 -0.41
C PRO A 110 -7.42 9.03 -0.01
N GLU A 111 -7.53 10.34 0.07
CA GLU A 111 -6.40 11.18 0.45
C GLU A 111 -6.37 11.41 1.96
N ILE A 112 -5.20 11.79 2.47
CA ILE A 112 -5.04 12.05 3.90
C ILE A 112 -4.14 13.26 4.14
N ASN A 113 -4.45 14.02 5.19
CA ASN A 113 -3.66 15.20 5.53
C ASN A 113 -2.20 14.83 5.77
N THR A 114 -1.29 15.56 5.11
CA THR A 114 0.13 15.32 5.26
C THR A 114 0.87 16.59 5.64
N LYS A 115 1.82 16.45 6.57
CA LYS A 115 2.60 17.59 7.03
C LYS A 115 3.93 17.68 6.28
N SER A 116 3.99 18.57 5.30
CA SER A 116 5.21 18.75 4.51
C SER A 116 5.95 20.01 4.94
N GLY A 117 6.93 19.84 5.82
CA GLY A 117 7.70 20.97 6.30
C GLY A 117 9.19 20.68 6.35
N PRO A 118 9.97 21.64 6.85
CA PRO A 118 11.42 21.51 6.96
C PRO A 118 11.84 20.49 8.01
N SER A 119 10.92 20.20 8.93
CA SER A 119 11.18 19.25 10.01
C SER A 119 12.44 19.64 10.78
N SER A 120 12.57 20.93 11.06
CA SER A 120 13.73 21.44 11.80
C SER A 120 13.37 21.65 13.28
N GLY A 121 12.29 22.38 13.53
CA GLY A 121 11.87 22.64 14.89
C GLY A 121 10.83 21.65 15.38
N GLY A 1 -25.46 6.25 9.80
CA GLY A 1 -24.64 5.33 9.03
C GLY A 1 -23.60 6.04 8.20
N SER A 2 -23.98 6.47 7.00
CA SER A 2 -23.06 7.18 6.11
C SER A 2 -22.02 6.20 5.54
N SER A 3 -22.48 5.03 5.15
CA SER A 3 -21.60 4.01 4.59
C SER A 3 -20.88 4.54 3.34
N GLY A 4 -19.67 4.05 3.11
CA GLY A 4 -18.90 4.48 1.96
C GLY A 4 -17.42 4.18 2.11
N SER A 5 -16.61 5.24 2.18
CA SER A 5 -15.17 5.09 2.33
C SER A 5 -14.64 5.98 3.44
N SER A 6 -13.97 5.36 4.41
CA SER A 6 -13.42 6.10 5.54
C SER A 6 -11.96 5.72 5.78
N GLY A 7 -11.09 6.72 5.83
CA GLY A 7 -9.68 6.48 6.05
C GLY A 7 -9.03 7.55 6.90
N LYS A 8 -8.68 7.19 8.13
CA LYS A 8 -8.04 8.13 9.05
C LYS A 8 -6.54 7.91 9.09
N PRO A 9 -5.79 8.98 9.40
CA PRO A 9 -4.32 8.93 9.48
C PRO A 9 -3.84 8.12 10.68
N ASN A 10 -3.01 7.12 10.42
CA ASN A 10 -2.48 6.27 11.47
C ASN A 10 -1.06 6.69 11.85
N LEU A 11 -0.47 5.99 12.81
CA LEU A 11 0.87 6.29 13.27
C LEU A 11 1.80 6.56 12.08
N GLY A 12 1.80 5.65 11.12
CA GLY A 12 2.65 5.80 9.95
C GLY A 12 2.03 6.74 8.92
N ASN A 13 1.46 7.84 9.39
CA ASN A 13 0.84 8.82 8.50
C ASN A 13 0.15 8.12 7.34
N GLY A 14 -0.33 6.91 7.57
CA GLY A 14 -1.00 6.16 6.53
C GLY A 14 -2.50 6.34 6.56
N ALA A 15 -3.24 5.30 6.20
CA ALA A 15 -4.70 5.35 6.19
C ALA A 15 -5.30 3.98 6.49
N ASP A 16 -6.08 3.91 7.56
CA ASP A 16 -6.71 2.65 7.95
C ASP A 16 -7.98 2.40 7.13
N LEU A 17 -7.91 1.42 6.23
CA LEU A 17 -9.05 1.08 5.38
C LEU A 17 -9.60 -0.30 5.74
N PRO A 18 -10.91 -0.48 5.50
CA PRO A 18 -11.58 -1.75 5.79
C PRO A 18 -11.16 -2.87 4.84
N ASN A 19 -10.63 -2.48 3.68
CA ASN A 19 -10.18 -3.45 2.69
C ASN A 19 -8.72 -3.81 2.91
N TYR A 20 -7.93 -2.84 3.37
CA TYR A 20 -6.52 -3.06 3.62
C TYR A 20 -5.89 -1.83 4.27
N ARG A 21 -4.85 -2.06 5.07
CA ARG A 21 -4.15 -0.98 5.75
C ARG A 21 -2.75 -0.78 5.18
N TRP A 22 -2.33 0.48 5.06
CA TRP A 22 -1.01 0.80 4.53
C TRP A 22 -0.45 2.04 5.20
N THR A 23 0.87 2.07 5.37
CA THR A 23 1.54 3.20 6.00
C THR A 23 2.59 3.80 5.08
N GLN A 24 3.04 5.01 5.40
CA GLN A 24 4.04 5.70 4.59
C GLN A 24 5.07 6.39 5.49
N THR A 25 6.35 6.20 5.17
CA THR A 25 7.42 6.82 5.93
C THR A 25 8.43 7.51 5.03
N LEU A 26 8.95 8.63 5.48
CA LEU A 26 9.94 9.40 4.71
C LEU A 26 10.94 8.46 4.03
N ALA A 27 11.10 7.27 4.60
CA ALA A 27 12.03 6.29 4.05
C ALA A 27 11.38 5.48 2.94
N GLU A 28 10.32 4.77 3.28
CA GLU A 28 9.60 3.95 2.31
C GLU A 28 8.13 3.78 2.71
N LEU A 29 7.37 3.10 1.86
CA LEU A 29 5.96 2.86 2.12
C LEU A 29 5.68 1.38 2.36
N ASP A 30 4.60 1.09 3.08
CA ASP A 30 4.22 -0.28 3.37
C ASP A 30 2.73 -0.50 3.13
N LEU A 31 2.37 -1.72 2.74
CA LEU A 31 0.98 -2.05 2.49
C LEU A 31 0.65 -3.45 3.02
N ALA A 32 -0.59 -3.62 3.48
CA ALA A 32 -1.03 -4.91 4.01
C ALA A 32 -2.46 -5.22 3.57
N VAL A 33 -2.60 -6.14 2.63
CA VAL A 33 -3.92 -6.52 2.13
C VAL A 33 -4.30 -7.92 2.62
N PRO A 34 -5.22 -7.96 3.60
CA PRO A 34 -5.70 -9.22 4.18
C PRO A 34 -6.56 -10.01 3.21
N PHE A 35 -6.15 -11.25 2.93
CA PHE A 35 -6.88 -12.11 2.01
C PHE A 35 -7.78 -13.07 2.78
N ARG A 36 -8.96 -13.35 2.21
CA ARG A 36 -9.91 -14.25 2.85
C ARG A 36 -9.64 -15.70 2.44
N VAL A 37 -8.69 -16.33 3.14
CA VAL A 37 -8.34 -17.71 2.86
C VAL A 37 -8.09 -18.49 4.14
N SER A 38 -8.28 -19.81 4.08
CA SER A 38 -8.07 -20.66 5.25
C SER A 38 -6.85 -21.55 5.06
N PHE A 39 -5.97 -21.15 4.15
CA PHE A 39 -4.76 -21.92 3.87
C PHE A 39 -3.58 -20.98 3.58
N ARG A 40 -2.42 -21.58 3.33
CA ARG A 40 -1.22 -20.80 3.05
C ARG A 40 -1.14 -20.43 1.57
N LEU A 41 -1.11 -19.13 1.29
CA LEU A 41 -1.04 -18.65 -0.08
C LEU A 41 0.36 -18.83 -0.66
N LYS A 42 0.43 -19.25 -1.92
CA LYS A 42 1.70 -19.47 -2.58
C LYS A 42 2.04 -18.30 -3.50
N GLY A 43 3.30 -17.87 -3.46
CA GLY A 43 3.73 -16.76 -4.29
C GLY A 43 3.12 -16.79 -5.68
N LYS A 44 2.96 -17.99 -6.22
CA LYS A 44 2.36 -18.16 -7.54
C LYS A 44 0.85 -18.01 -7.49
N ASP A 45 0.25 -18.48 -6.41
CA ASP A 45 -1.20 -18.39 -6.24
C ASP A 45 -1.66 -16.94 -6.29
N VAL A 46 -0.89 -16.05 -5.65
CA VAL A 46 -1.21 -14.64 -5.61
C VAL A 46 -0.49 -13.88 -6.73
N VAL A 47 -1.08 -12.76 -7.15
CA VAL A 47 -0.49 -11.95 -8.21
C VAL A 47 -0.18 -10.55 -7.70
N VAL A 48 1.11 -10.26 -7.52
CA VAL A 48 1.54 -8.96 -7.04
C VAL A 48 2.51 -8.30 -8.01
N ASP A 49 1.99 -7.45 -8.89
CA ASP A 49 2.81 -6.77 -9.88
C ASP A 49 3.31 -5.43 -9.33
N ILE A 50 4.63 -5.28 -9.29
CA ILE A 50 5.24 -4.05 -8.79
C ILE A 50 5.96 -3.30 -9.90
N GLN A 51 5.57 -2.04 -10.11
CA GLN A 51 6.18 -1.22 -11.15
C GLN A 51 6.76 0.07 -10.55
N ARG A 52 7.26 0.94 -11.42
CA ARG A 52 7.85 2.20 -10.97
C ARG A 52 6.78 3.10 -10.33
N ARG A 53 5.73 3.40 -11.10
CA ARG A 53 4.65 4.25 -10.60
C ARG A 53 3.32 3.52 -10.69
N HIS A 54 3.34 2.22 -10.43
CA HIS A 54 2.12 1.41 -10.48
C HIS A 54 2.30 0.12 -9.68
N LEU A 55 1.26 -0.26 -8.94
CA LEU A 55 1.30 -1.48 -8.13
C LEU A 55 -0.03 -2.23 -8.21
N ARG A 56 0.06 -3.55 -8.32
CA ARG A 56 -1.13 -4.38 -8.40
C ARG A 56 -0.99 -5.62 -7.53
N VAL A 57 -2.02 -5.90 -6.73
CA VAL A 57 -2.01 -7.06 -5.84
C VAL A 57 -3.34 -7.81 -5.91
N GLY A 58 -3.30 -9.09 -5.59
CA GLY A 58 -4.50 -9.91 -5.62
C GLY A 58 -4.21 -11.38 -5.88
N LEU A 59 -5.16 -12.06 -6.50
CA LEU A 59 -5.01 -13.47 -6.80
C LEU A 59 -5.08 -13.72 -8.31
N LYS A 60 -4.58 -14.86 -8.75
CA LYS A 60 -4.60 -15.22 -10.16
C LYS A 60 -6.04 -15.28 -10.68
N GLY A 61 -6.28 -14.63 -11.82
CA GLY A 61 -7.60 -14.63 -12.40
C GLY A 61 -8.56 -13.71 -11.68
N GLN A 62 -8.70 -13.92 -10.37
CA GLN A 62 -9.60 -13.10 -9.56
C GLN A 62 -9.22 -11.63 -9.65
N PRO A 63 -10.15 -10.75 -9.26
CA PRO A 63 -9.95 -9.30 -9.29
C PRO A 63 -8.94 -8.84 -8.24
N PRO A 64 -7.99 -8.00 -8.66
CA PRO A 64 -6.95 -7.46 -7.78
C PRO A 64 -7.50 -6.48 -6.76
N VAL A 65 -7.20 -6.71 -5.48
CA VAL A 65 -7.68 -5.84 -4.42
C VAL A 65 -7.10 -4.43 -4.56
N VAL A 66 -5.84 -4.36 -4.96
CA VAL A 66 -5.17 -3.07 -5.14
C VAL A 66 -4.77 -2.86 -6.59
N ASP A 67 -5.36 -1.83 -7.21
CA ASP A 67 -5.05 -1.52 -8.61
C ASP A 67 -5.23 -0.03 -8.87
N GLY A 68 -4.12 0.67 -9.07
CA GLY A 68 -4.17 2.09 -9.33
C GLY A 68 -2.80 2.74 -9.37
N GLU A 69 -2.64 3.74 -10.22
CA GLU A 69 -1.36 4.42 -10.35
C GLU A 69 -0.86 4.91 -9.00
N LEU A 70 0.42 4.67 -8.72
CA LEU A 70 1.02 5.08 -7.45
C LEU A 70 1.19 6.59 -7.40
N TYR A 71 0.97 7.17 -6.22
CA TYR A 71 1.11 8.61 -6.04
C TYR A 71 2.43 9.11 -6.62
N ASN A 72 3.53 8.52 -6.14
CA ASN A 72 4.86 8.91 -6.61
C ASN A 72 5.66 7.69 -7.06
N GLU A 73 6.84 7.92 -7.60
CA GLU A 73 7.70 6.85 -8.08
C GLU A 73 8.28 6.06 -6.90
N VAL A 74 8.56 4.79 -7.13
CA VAL A 74 9.12 3.92 -6.10
C VAL A 74 10.12 2.94 -6.69
N LYS A 75 11.32 2.91 -6.11
CA LYS A 75 12.37 2.01 -6.58
C LYS A 75 11.83 0.60 -6.77
N VAL A 76 11.35 0.32 -7.98
CA VAL A 76 10.81 -0.99 -8.31
C VAL A 76 11.89 -2.06 -8.25
N GLU A 77 13.09 -1.71 -8.69
CA GLU A 77 14.22 -2.64 -8.68
C GLU A 77 14.48 -3.16 -7.27
N GLU A 78 14.02 -2.42 -6.27
CA GLU A 78 14.22 -2.80 -4.87
C GLU A 78 12.90 -3.26 -4.26
N SER A 79 11.79 -2.66 -4.71
CA SER A 79 10.48 -3.01 -4.20
C SER A 79 10.29 -4.52 -4.14
N SER A 80 9.47 -4.97 -3.20
CA SER A 80 9.20 -6.39 -3.04
C SER A 80 7.99 -6.62 -2.15
N TRP A 81 7.57 -7.88 -2.03
CA TRP A 81 6.42 -8.23 -1.20
C TRP A 81 6.60 -9.61 -0.58
N LEU A 82 5.72 -9.95 0.35
CA LEU A 82 5.79 -11.25 1.02
C LEU A 82 4.45 -11.58 1.70
N ILE A 83 4.07 -12.84 1.63
CA ILE A 83 2.82 -13.28 2.23
C ILE A 83 2.97 -13.48 3.73
N GLU A 84 2.13 -12.78 4.50
CA GLU A 84 2.17 -12.88 5.96
C GLU A 84 1.10 -13.83 6.48
N ASP A 85 1.43 -14.57 7.52
CA ASP A 85 0.49 -15.51 8.11
C ASP A 85 -0.27 -16.27 7.04
N GLY A 86 0.33 -16.37 5.85
CA GLY A 86 -0.31 -17.07 4.75
C GLY A 86 -1.75 -16.63 4.55
N LYS A 87 -2.10 -15.49 5.12
CA LYS A 87 -3.47 -14.96 4.99
C LYS A 87 -3.44 -13.51 4.52
N VAL A 88 -2.29 -12.86 4.66
CA VAL A 88 -2.14 -11.47 4.24
C VAL A 88 -1.02 -11.33 3.22
N VAL A 89 -1.08 -10.25 2.43
CA VAL A 89 -0.07 -9.99 1.42
C VAL A 89 0.52 -8.60 1.57
N THR A 90 1.68 -8.52 2.20
CA THR A 90 2.35 -7.25 2.41
C THR A 90 3.30 -6.93 1.26
N VAL A 91 3.36 -5.65 0.88
CA VAL A 91 4.22 -5.21 -0.21
C VAL A 91 5.00 -3.96 0.18
N HIS A 92 6.32 -4.06 0.15
CA HIS A 92 7.18 -2.94 0.50
C HIS A 92 7.48 -2.09 -0.73
N LEU A 93 7.32 -0.78 -0.58
CA LEU A 93 7.58 0.16 -1.68
C LEU A 93 8.67 1.15 -1.31
N GLU A 94 9.78 1.10 -2.04
CA GLU A 94 10.90 2.00 -1.79
C GLU A 94 10.68 3.35 -2.49
N LYS A 95 10.63 4.41 -1.70
CA LYS A 95 10.42 5.75 -2.23
C LYS A 95 11.70 6.28 -2.87
N ILE A 96 11.63 6.58 -4.16
CA ILE A 96 12.78 7.10 -4.88
C ILE A 96 13.51 8.17 -4.08
N ASN A 97 12.74 9.03 -3.41
CA ASN A 97 13.31 10.09 -2.59
C ASN A 97 12.92 9.93 -1.13
N LYS A 98 13.90 9.67 -0.28
CA LYS A 98 13.67 9.49 1.15
C LYS A 98 13.25 10.81 1.79
N MET A 99 13.36 11.89 1.03
CA MET A 99 12.99 13.22 1.54
C MET A 99 11.67 13.68 0.93
N GLU A 100 10.76 12.74 0.72
CA GLU A 100 9.45 13.05 0.14
C GLU A 100 8.34 12.32 0.89
N TRP A 101 7.18 12.95 0.98
CA TRP A 101 6.04 12.36 1.66
C TRP A 101 4.98 11.88 0.65
N TRP A 102 4.01 11.12 1.14
CA TRP A 102 2.95 10.59 0.28
C TRP A 102 1.58 11.04 0.78
N ASN A 103 0.66 11.25 -0.15
CA ASN A 103 -0.69 11.68 0.20
C ASN A 103 -1.66 10.50 0.17
N ARG A 104 -1.24 9.41 -0.48
CA ARG A 104 -2.07 8.22 -0.58
C ARG A 104 -1.31 7.09 -1.25
N LEU A 105 -1.73 5.86 -0.99
CA LEU A 105 -1.09 4.68 -1.58
C LEU A 105 -1.20 4.70 -3.09
N VAL A 106 -2.43 4.82 -3.60
CA VAL A 106 -2.67 4.86 -5.03
C VAL A 106 -3.62 5.98 -5.40
N THR A 107 -3.90 6.12 -6.69
CA THR A 107 -4.80 7.16 -7.18
C THR A 107 -6.26 6.73 -7.07
N SER A 108 -6.54 5.86 -6.10
CA SER A 108 -7.90 5.36 -5.90
C SER A 108 -8.38 5.66 -4.48
N ASP A 109 -7.51 5.39 -3.51
CA ASP A 109 -7.85 5.63 -2.11
C ASP A 109 -7.96 7.12 -1.81
N PRO A 110 -8.61 7.46 -0.70
CA PRO A 110 -8.79 8.86 -0.28
C PRO A 110 -7.49 9.51 0.17
N GLU A 111 -7.40 10.82 0.00
CA GLU A 111 -6.20 11.57 0.38
C GLU A 111 -6.14 11.75 1.89
N ILE A 112 -4.97 12.12 2.39
CA ILE A 112 -4.77 12.33 3.82
C ILE A 112 -3.80 13.49 4.08
N ASN A 113 -4.10 14.27 5.11
CA ASN A 113 -3.27 15.41 5.47
C ASN A 113 -1.85 14.97 5.79
N THR A 114 -0.87 15.58 5.12
CA THR A 114 0.54 15.25 5.35
C THR A 114 1.19 16.22 6.30
N LYS A 115 1.99 15.70 7.22
CA LYS A 115 2.68 16.52 8.20
C LYS A 115 4.19 16.24 8.20
N SER A 116 4.96 17.21 7.71
CA SER A 116 6.40 17.06 7.64
C SER A 116 7.01 16.97 9.04
N GLY A 117 8.29 16.62 9.11
CA GLY A 117 8.96 16.51 10.39
C GLY A 117 8.89 17.78 11.20
N PRO A 118 8.98 17.65 12.53
CA PRO A 118 8.92 18.80 13.45
C PRO A 118 10.16 19.68 13.36
N SER A 119 9.96 20.99 13.48
CA SER A 119 11.07 21.93 13.40
C SER A 119 12.13 21.46 12.42
N SER A 120 11.67 20.87 11.31
CA SER A 120 12.59 20.37 10.29
C SER A 120 13.24 21.51 9.53
N GLY A 121 14.50 21.80 9.85
CA GLY A 121 15.21 22.88 9.18
C GLY A 121 16.66 22.95 9.61
N GLY A 1 -17.64 5.51 -2.47
CA GLY A 1 -17.38 4.26 -1.77
C GLY A 1 -18.47 3.23 -1.99
N SER A 2 -18.44 2.15 -1.21
CA SER A 2 -19.42 1.10 -1.32
C SER A 2 -20.26 0.98 -0.05
N SER A 3 -20.65 2.13 0.49
CA SER A 3 -21.45 2.17 1.71
C SER A 3 -20.62 1.71 2.91
N GLY A 4 -19.37 2.17 2.97
CA GLY A 4 -18.49 1.80 4.06
C GLY A 4 -17.59 2.94 4.48
N SER A 5 -17.82 3.47 5.68
CA SER A 5 -17.01 4.57 6.20
C SER A 5 -15.53 4.33 5.93
N SER A 6 -14.99 5.03 4.94
CA SER A 6 -13.58 4.89 4.59
C SER A 6 -12.94 6.26 4.34
N GLY A 7 -11.77 6.47 4.94
CA GLY A 7 -11.07 7.73 4.78
C GLY A 7 -10.37 8.17 6.05
N LYS A 8 -9.86 7.20 6.79
CA LYS A 8 -9.15 7.49 8.04
C LYS A 8 -7.67 7.17 7.92
N PRO A 9 -6.84 7.88 8.71
CA PRO A 9 -5.38 7.68 8.70
C PRO A 9 -4.98 6.35 9.31
N ASN A 10 -3.67 6.10 9.35
CA ASN A 10 -3.16 4.85 9.90
C ASN A 10 -2.05 5.13 10.91
N LEU A 11 -1.46 4.06 11.44
CA LEU A 11 -0.39 4.19 12.43
C LEU A 11 0.79 4.95 11.85
N GLY A 12 1.28 4.49 10.70
CA GLY A 12 2.41 5.15 10.06
C GLY A 12 1.98 6.25 9.12
N ASN A 13 1.23 7.22 9.64
CA ASN A 13 0.74 8.34 8.84
C ASN A 13 0.18 7.85 7.51
N GLY A 14 -0.49 6.71 7.55
CA GLY A 14 -1.07 6.15 6.34
C GLY A 14 -2.57 6.31 6.29
N ALA A 15 -3.28 5.24 5.91
CA ALA A 15 -4.73 5.28 5.82
C ALA A 15 -5.32 3.91 6.09
N ASP A 16 -6.19 3.83 7.10
CA ASP A 16 -6.84 2.57 7.47
C ASP A 16 -8.08 2.33 6.62
N LEU A 17 -8.02 1.33 5.75
CA LEU A 17 -9.14 1.00 4.88
C LEU A 17 -9.73 -0.36 5.24
N PRO A 18 -11.02 -0.55 4.94
CA PRO A 18 -11.71 -1.81 5.23
C PRO A 18 -11.25 -2.95 4.33
N ASN A 19 -10.65 -2.59 3.20
CA ASN A 19 -10.15 -3.58 2.25
C ASN A 19 -8.71 -3.96 2.57
N TYR A 20 -7.94 -2.99 3.04
CA TYR A 20 -6.54 -3.22 3.38
C TYR A 20 -5.96 -2.04 4.14
N ARG A 21 -4.85 -2.26 4.83
CA ARG A 21 -4.20 -1.21 5.60
C ARG A 21 -2.77 -0.99 5.12
N TRP A 22 -2.41 0.27 4.88
CA TRP A 22 -1.08 0.61 4.42
C TRP A 22 -0.55 1.85 5.13
N THR A 23 0.74 1.88 5.39
CA THR A 23 1.38 3.01 6.07
C THR A 23 2.40 3.68 5.18
N GLN A 24 2.98 4.78 5.66
CA GLN A 24 3.98 5.51 4.91
C GLN A 24 4.94 6.24 5.85
N THR A 25 6.23 6.23 5.49
CA THR A 25 7.25 6.89 6.31
C THR A 25 8.22 7.67 5.44
N LEU A 26 9.16 8.35 6.07
CA LEU A 26 10.16 9.14 5.37
C LEU A 26 11.29 8.25 4.84
N ALA A 27 11.02 6.95 4.78
CA ALA A 27 12.01 6.00 4.30
C ALA A 27 11.45 5.12 3.19
N GLU A 28 10.22 4.64 3.40
CA GLU A 28 9.56 3.79 2.42
C GLU A 28 8.08 3.61 2.76
N LEU A 29 7.38 2.84 1.93
CA LEU A 29 5.96 2.59 2.14
C LEU A 29 5.72 1.14 2.54
N ASP A 30 4.57 0.89 3.17
CA ASP A 30 4.23 -0.46 3.59
C ASP A 30 2.74 -0.74 3.36
N LEU A 31 2.45 -1.68 2.47
CA LEU A 31 1.07 -2.04 2.16
C LEU A 31 0.75 -3.45 2.64
N ALA A 32 -0.46 -3.63 3.17
CA ALA A 32 -0.89 -4.93 3.66
C ALA A 32 -2.32 -5.24 3.22
N VAL A 33 -2.49 -6.31 2.47
CA VAL A 33 -3.81 -6.72 2.00
C VAL A 33 -4.25 -8.02 2.64
N PRO A 34 -5.11 -7.91 3.67
CA PRO A 34 -5.63 -9.08 4.39
C PRO A 34 -6.60 -9.90 3.56
N PHE A 35 -6.28 -11.17 3.37
CA PHE A 35 -7.12 -12.07 2.58
C PHE A 35 -7.78 -13.11 3.48
N ARG A 36 -9.10 -13.16 3.45
CA ARG A 36 -9.85 -14.12 4.25
C ARG A 36 -9.61 -15.54 3.76
N VAL A 37 -8.42 -16.06 4.03
CA VAL A 37 -8.06 -17.41 3.63
C VAL A 37 -7.81 -18.30 4.84
N SER A 38 -8.12 -19.59 4.70
CA SER A 38 -7.93 -20.55 5.78
C SER A 38 -6.77 -21.50 5.48
N PHE A 39 -5.83 -21.03 4.66
CA PHE A 39 -4.67 -21.83 4.30
C PHE A 39 -3.48 -20.94 3.97
N ARG A 40 -2.37 -21.57 3.57
CA ARG A 40 -1.15 -20.83 3.24
C ARG A 40 -1.17 -20.42 1.77
N LEU A 41 -0.93 -19.12 1.53
CA LEU A 41 -0.91 -18.60 0.17
C LEU A 41 0.46 -18.79 -0.47
N LYS A 42 0.45 -19.16 -1.75
CA LYS A 42 1.69 -19.38 -2.49
C LYS A 42 1.97 -18.22 -3.44
N GLY A 43 3.26 -17.92 -3.63
CA GLY A 43 3.63 -16.84 -4.52
C GLY A 43 2.85 -16.85 -5.82
N LYS A 44 2.58 -18.05 -6.33
CA LYS A 44 1.84 -18.20 -7.58
C LYS A 44 0.35 -17.95 -7.35
N ASP A 45 -0.16 -18.37 -6.20
CA ASP A 45 -1.57 -18.19 -5.86
C ASP A 45 -1.96 -16.72 -5.95
N VAL A 46 -1.06 -15.84 -5.50
CA VAL A 46 -1.32 -14.41 -5.52
C VAL A 46 -0.72 -13.77 -6.77
N VAL A 47 -1.15 -12.54 -7.07
CA VAL A 47 -0.66 -11.83 -8.23
C VAL A 47 -0.36 -10.36 -7.89
N VAL A 48 0.92 -10.02 -7.84
CA VAL A 48 1.33 -8.65 -7.53
C VAL A 48 2.29 -8.12 -8.58
N ASP A 49 1.91 -7.02 -9.22
CA ASP A 49 2.73 -6.40 -10.24
C ASP A 49 3.29 -5.06 -9.76
N ILE A 50 4.56 -5.05 -9.41
CA ILE A 50 5.21 -3.84 -8.93
C ILE A 50 5.93 -3.11 -10.08
N GLN A 51 5.64 -1.83 -10.22
CA GLN A 51 6.25 -1.02 -11.27
C GLN A 51 6.81 0.28 -10.70
N ARG A 52 7.40 1.10 -11.56
CA ARG A 52 7.98 2.37 -11.15
C ARG A 52 6.90 3.30 -10.60
N ARG A 53 5.84 3.50 -11.38
CA ARG A 53 4.74 4.37 -10.97
C ARG A 53 3.41 3.63 -11.05
N HIS A 54 3.44 2.34 -10.76
CA HIS A 54 2.23 1.52 -10.80
C HIS A 54 2.39 0.27 -9.94
N LEU A 55 1.31 -0.14 -9.28
CA LEU A 55 1.34 -1.31 -8.41
C LEU A 55 0.03 -2.09 -8.54
N ARG A 56 0.13 -3.42 -8.39
CA ARG A 56 -1.04 -4.28 -8.47
C ARG A 56 -0.99 -5.38 -7.42
N VAL A 57 -2.15 -5.73 -6.88
CA VAL A 57 -2.23 -6.77 -5.86
C VAL A 57 -3.56 -7.51 -5.94
N GLY A 58 -3.51 -8.83 -5.76
CA GLY A 58 -4.71 -9.64 -5.83
C GLY A 58 -4.41 -11.13 -5.82
N LEU A 59 -5.42 -11.94 -6.12
CA LEU A 59 -5.26 -13.39 -6.15
C LEU A 59 -5.50 -13.93 -7.56
N LYS A 60 -4.67 -14.87 -7.97
CA LYS A 60 -4.79 -15.48 -9.28
C LYS A 60 -6.25 -15.58 -9.71
N GLY A 61 -6.54 -15.16 -10.94
CA GLY A 61 -7.90 -15.21 -11.44
C GLY A 61 -8.77 -14.11 -10.86
N GLN A 62 -8.85 -14.06 -9.54
CA GLN A 62 -9.66 -13.04 -8.87
C GLN A 62 -9.23 -11.64 -9.27
N PRO A 63 -10.10 -10.65 -9.03
CA PRO A 63 -9.83 -9.26 -9.35
C PRO A 63 -8.74 -8.64 -8.47
N PRO A 64 -7.96 -7.73 -9.04
CA PRO A 64 -6.86 -7.05 -8.33
C PRO A 64 -7.38 -6.09 -7.26
N VAL A 65 -7.39 -6.54 -6.01
CA VAL A 65 -7.86 -5.72 -4.91
C VAL A 65 -7.23 -4.33 -4.95
N VAL A 66 -6.03 -4.24 -5.51
CA VAL A 66 -5.32 -2.97 -5.60
C VAL A 66 -4.80 -2.75 -7.02
N ASP A 67 -5.31 -1.72 -7.69
CA ASP A 67 -4.89 -1.40 -9.04
C ASP A 67 -5.08 0.09 -9.34
N GLY A 68 -3.96 0.82 -9.38
CA GLY A 68 -4.03 2.24 -9.64
C GLY A 68 -2.66 2.89 -9.65
N GLU A 69 -2.49 3.92 -10.47
CA GLU A 69 -1.22 4.63 -10.57
C GLU A 69 -0.78 5.12 -9.19
N LEU A 70 0.49 4.86 -8.86
CA LEU A 70 1.04 5.27 -7.58
C LEU A 70 1.19 6.78 -7.51
N TYR A 71 1.04 7.34 -6.31
CA TYR A 71 1.15 8.77 -6.10
C TYR A 71 2.49 9.29 -6.60
N ASN A 72 3.55 8.52 -6.36
CA ASN A 72 4.89 8.89 -6.78
C ASN A 72 5.67 7.67 -7.23
N GLU A 73 6.93 7.90 -7.62
CA GLU A 73 7.80 6.82 -8.09
C GLU A 73 8.29 5.98 -6.91
N VAL A 74 8.62 4.72 -7.19
CA VAL A 74 9.11 3.81 -6.16
C VAL A 74 10.11 2.83 -6.73
N LYS A 75 11.31 2.81 -6.15
CA LYS A 75 12.37 1.91 -6.60
C LYS A 75 11.82 0.50 -6.79
N VAL A 76 11.43 0.19 -8.02
CA VAL A 76 10.90 -1.13 -8.34
C VAL A 76 12.00 -2.20 -8.31
N GLU A 77 13.18 -1.81 -8.79
CA GLU A 77 14.31 -2.73 -8.82
C GLU A 77 14.66 -3.22 -7.41
N GLU A 78 14.23 -2.46 -6.41
CA GLU A 78 14.50 -2.81 -5.02
C GLU A 78 13.23 -3.32 -4.34
N SER A 79 12.10 -2.69 -4.65
CA SER A 79 10.82 -3.08 -4.07
C SER A 79 10.65 -4.59 -4.11
N SER A 80 9.82 -5.11 -3.20
CA SER A 80 9.57 -6.54 -3.13
C SER A 80 8.45 -6.84 -2.13
N TRP A 81 7.61 -7.81 -2.46
CA TRP A 81 6.49 -8.19 -1.61
C TRP A 81 6.70 -9.58 -1.03
N LEU A 82 5.85 -9.98 -0.10
CA LEU A 82 5.94 -11.29 0.54
C LEU A 82 4.60 -11.70 1.14
N ILE A 83 4.51 -12.96 1.54
CA ILE A 83 3.28 -13.48 2.15
C ILE A 83 3.41 -13.54 3.67
N GLU A 84 2.44 -12.94 4.36
CA GLU A 84 2.44 -12.94 5.82
C GLU A 84 1.41 -13.91 6.36
N ASP A 85 1.85 -14.83 7.22
CA ASP A 85 0.97 -15.82 7.81
C ASP A 85 0.05 -16.43 6.76
N GLY A 86 0.56 -16.57 5.54
CA GLY A 86 -0.23 -17.14 4.46
C GLY A 86 -1.67 -16.65 4.48
N LYS A 87 -1.87 -15.43 4.98
CA LYS A 87 -3.21 -14.84 5.06
C LYS A 87 -3.20 -13.42 4.49
N VAL A 88 -2.06 -12.74 4.62
CA VAL A 88 -1.93 -11.38 4.11
C VAL A 88 -0.79 -11.26 3.12
N VAL A 89 -0.86 -10.25 2.25
CA VAL A 89 0.17 -10.03 1.25
C VAL A 89 0.78 -8.64 1.38
N THR A 90 1.94 -8.55 2.02
CA THR A 90 2.62 -7.27 2.21
C THR A 90 3.52 -6.95 1.03
N VAL A 91 3.58 -5.67 0.67
CA VAL A 91 4.41 -5.24 -0.44
C VAL A 91 5.28 -4.06 -0.04
N HIS A 92 6.58 -4.32 0.11
CA HIS A 92 7.53 -3.28 0.48
C HIS A 92 7.85 -2.37 -0.71
N LEU A 93 7.50 -1.10 -0.58
CA LEU A 93 7.76 -0.13 -1.65
C LEU A 93 8.82 0.88 -1.23
N GLU A 94 9.89 0.94 -2.00
CA GLU A 94 10.98 1.87 -1.71
C GLU A 94 10.72 3.25 -2.34
N LYS A 95 10.61 4.26 -1.49
CA LYS A 95 10.36 5.63 -1.95
C LYS A 95 11.63 6.24 -2.55
N ILE A 96 11.58 6.55 -3.84
CA ILE A 96 12.71 7.14 -4.53
C ILE A 96 13.35 8.25 -3.70
N ASN A 97 12.50 9.03 -3.02
CA ASN A 97 12.98 10.12 -2.18
C ASN A 97 12.53 9.94 -0.74
N LYS A 98 13.48 9.58 0.12
CA LYS A 98 13.19 9.36 1.53
C LYS A 98 12.62 10.63 2.17
N MET A 99 13.07 11.79 1.68
CA MET A 99 12.61 13.07 2.20
C MET A 99 11.32 13.50 1.52
N GLU A 100 10.52 12.51 1.10
CA GLU A 100 9.25 12.78 0.43
C GLU A 100 8.11 12.02 1.10
N TRP A 101 6.98 12.70 1.27
CA TRP A 101 5.81 12.08 1.89
C TRP A 101 4.77 11.70 0.84
N TRP A 102 3.79 10.91 1.25
CA TRP A 102 2.73 10.47 0.34
C TRP A 102 1.36 10.85 0.88
N ASN A 103 0.48 11.28 -0.01
CA ASN A 103 -0.87 11.67 0.38
C ASN A 103 -1.83 10.49 0.32
N ARG A 104 -1.41 9.43 -0.40
CA ARG A 104 -2.22 8.24 -0.53
C ARG A 104 -1.45 7.13 -1.23
N LEU A 105 -1.98 5.92 -1.18
CA LEU A 105 -1.33 4.77 -1.80
C LEU A 105 -1.38 4.87 -3.32
N VAL A 106 -2.58 5.08 -3.86
CA VAL A 106 -2.75 5.21 -5.30
C VAL A 106 -3.68 6.37 -5.65
N THR A 107 -3.98 6.52 -6.93
CA THR A 107 -4.85 7.60 -7.39
C THR A 107 -6.32 7.20 -7.26
N SER A 108 -6.61 6.29 -6.34
CA SER A 108 -7.97 5.82 -6.13
C SER A 108 -8.37 5.98 -4.67
N ASP A 109 -7.42 5.78 -3.77
CA ASP A 109 -7.67 5.90 -2.34
C ASP A 109 -7.93 7.35 -1.96
N PRO A 110 -8.66 7.55 -0.85
CA PRO A 110 -8.99 8.89 -0.35
C PRO A 110 -7.77 9.62 0.21
N GLU A 111 -7.73 10.94 0.00
CA GLU A 111 -6.62 11.75 0.47
C GLU A 111 -6.60 11.80 2.00
N ILE A 112 -5.42 12.06 2.55
CA ILE A 112 -5.26 12.13 4.00
C ILE A 112 -4.44 13.35 4.40
N ASN A 113 -4.84 14.00 5.49
CA ASN A 113 -4.13 15.18 5.98
C ASN A 113 -2.66 14.86 6.23
N THR A 114 -1.78 15.54 5.50
CA THR A 114 -0.34 15.34 5.64
C THR A 114 0.30 16.46 6.45
N LYS A 115 1.40 16.15 7.11
CA LYS A 115 2.12 17.13 7.92
C LYS A 115 3.57 16.72 8.13
N SER A 116 4.46 17.71 8.15
CA SER A 116 5.89 17.44 8.34
C SER A 116 6.31 17.73 9.77
N GLY A 117 6.07 18.96 10.22
CA GLY A 117 6.43 19.35 11.58
C GLY A 117 5.51 20.41 12.14
N PRO A 118 5.49 20.52 13.48
CA PRO A 118 4.65 21.51 14.17
C PRO A 118 5.13 22.94 13.95
N SER A 119 6.43 23.16 14.15
CA SER A 119 7.00 24.49 13.98
C SER A 119 6.41 25.48 14.97
N SER A 120 6.26 25.05 16.22
CA SER A 120 5.70 25.90 17.26
C SER A 120 6.53 27.16 17.45
N GLY A 121 6.06 28.27 16.90
CA GLY A 121 6.77 29.52 17.02
C GLY A 121 6.51 30.45 15.86
N GLY A 1 -27.92 7.23 7.81
CA GLY A 1 -27.11 6.23 8.48
C GLY A 1 -25.64 6.33 8.08
N SER A 2 -25.06 7.51 8.28
CA SER A 2 -23.65 7.72 7.94
C SER A 2 -22.82 7.97 9.20
N SER A 3 -21.95 7.01 9.51
CA SER A 3 -21.10 7.13 10.69
C SER A 3 -19.78 7.81 10.35
N GLY A 4 -19.80 9.13 10.30
CA GLY A 4 -18.60 9.88 9.98
C GLY A 4 -18.09 9.59 8.58
N SER A 5 -16.90 8.99 8.50
CA SER A 5 -16.29 8.66 7.22
C SER A 5 -15.30 7.50 7.37
N SER A 6 -15.24 6.66 6.35
CA SER A 6 -14.34 5.50 6.37
C SER A 6 -12.97 5.88 5.80
N GLY A 7 -12.10 6.39 6.67
CA GLY A 7 -10.77 6.79 6.25
C GLY A 7 -10.13 7.78 7.20
N LYS A 8 -9.26 7.27 8.07
CA LYS A 8 -8.57 8.11 9.03
C LYS A 8 -7.07 7.82 9.04
N PRO A 9 -6.28 8.85 9.37
CA PRO A 9 -4.82 8.73 9.42
C PRO A 9 -4.34 7.86 10.58
N ASN A 10 -3.55 6.85 10.26
CA ASN A 10 -3.02 5.93 11.27
C ASN A 10 -1.65 6.38 11.75
N LEU A 11 -1.19 5.79 12.85
CA LEU A 11 0.12 6.14 13.41
C LEU A 11 1.17 6.26 12.31
N GLY A 12 1.11 5.34 11.35
CA GLY A 12 2.06 5.37 10.25
C GLY A 12 1.68 6.36 9.17
N ASN A 13 1.13 7.50 9.59
CA ASN A 13 0.71 8.53 8.64
C ASN A 13 0.07 7.92 7.41
N GLY A 14 -0.49 6.73 7.57
CA GLY A 14 -1.13 6.04 6.47
C GLY A 14 -2.64 6.21 6.48
N ALA A 15 -3.35 5.22 5.95
CA ALA A 15 -4.81 5.26 5.90
C ALA A 15 -5.40 3.88 6.16
N ASP A 16 -6.22 3.78 7.21
CA ASP A 16 -6.85 2.52 7.56
C ASP A 16 -8.09 2.27 6.70
N LEU A 17 -8.00 1.29 5.82
CA LEU A 17 -9.11 0.95 4.94
C LEU A 17 -9.68 -0.42 5.29
N PRO A 18 -10.98 -0.61 4.99
CA PRO A 18 -11.68 -1.87 5.26
C PRO A 18 -11.20 -3.01 4.36
N ASN A 19 -10.64 -2.65 3.21
CA ASN A 19 -10.13 -3.63 2.27
C ASN A 19 -8.69 -4.01 2.59
N TYR A 20 -7.92 -3.04 3.07
CA TYR A 20 -6.53 -3.27 3.41
C TYR A 20 -5.93 -2.05 4.11
N ARG A 21 -4.83 -2.26 4.83
CA ARG A 21 -4.16 -1.18 5.55
C ARG A 21 -2.76 -0.96 5.01
N TRP A 22 -2.41 0.31 4.79
CA TRP A 22 -1.09 0.65 4.27
C TRP A 22 -0.55 1.90 4.96
N THR A 23 0.73 1.86 5.35
CA THR A 23 1.36 2.97 6.02
C THR A 23 2.53 3.51 5.21
N GLN A 24 2.69 4.82 5.19
CA GLN A 24 3.77 5.47 4.45
C GLN A 24 4.71 6.20 5.38
N THR A 25 6.02 6.06 5.14
CA THR A 25 7.03 6.70 5.96
C THR A 25 8.11 7.34 5.11
N LEU A 26 8.62 8.48 5.56
CA LEU A 26 9.67 9.19 4.83
C LEU A 26 10.65 8.21 4.19
N ALA A 27 10.81 7.06 4.82
CA ALA A 27 11.72 6.03 4.31
C ALA A 27 11.08 5.27 3.15
N GLU A 28 10.02 4.53 3.45
CA GLU A 28 9.33 3.75 2.42
C GLU A 28 7.86 3.56 2.79
N LEU A 29 7.11 2.92 1.90
CA LEU A 29 5.70 2.66 2.13
C LEU A 29 5.43 1.17 2.29
N ASP A 30 4.76 0.81 3.38
CA ASP A 30 4.43 -0.59 3.65
C ASP A 30 2.93 -0.83 3.54
N LEU A 31 2.54 -1.68 2.59
CA LEU A 31 1.13 -1.99 2.39
C LEU A 31 0.80 -3.37 2.93
N ALA A 32 -0.45 -3.55 3.36
CA ALA A 32 -0.90 -4.83 3.90
C ALA A 32 -2.32 -5.15 3.45
N VAL A 33 -2.46 -6.22 2.66
CA VAL A 33 -3.77 -6.62 2.16
C VAL A 33 -4.15 -8.00 2.70
N PRO A 34 -5.09 -8.02 3.66
CA PRO A 34 -5.57 -9.26 4.27
C PRO A 34 -6.39 -10.10 3.31
N PHE A 35 -5.97 -11.34 3.09
CA PHE A 35 -6.68 -12.25 2.19
C PHE A 35 -7.57 -13.20 2.98
N ARG A 36 -8.87 -13.06 2.80
CA ARG A 36 -9.84 -13.92 3.49
C ARG A 36 -9.65 -15.37 3.10
N VAL A 37 -8.70 -16.03 3.74
CA VAL A 37 -8.42 -17.44 3.45
C VAL A 37 -8.09 -18.20 4.73
N SER A 38 -8.33 -19.51 4.71
CA SER A 38 -8.07 -20.35 5.86
C SER A 38 -6.92 -21.31 5.59
N PHE A 39 -6.05 -20.94 4.66
CA PHE A 39 -4.91 -21.75 4.30
C PHE A 39 -3.68 -20.89 4.02
N ARG A 40 -2.60 -21.54 3.58
CA ARG A 40 -1.36 -20.83 3.28
C ARG A 40 -1.30 -20.44 1.81
N LEU A 41 -1.11 -19.14 1.55
CA LEU A 41 -1.03 -18.64 0.18
C LEU A 41 0.32 -18.95 -0.45
N LYS A 42 0.35 -19.03 -1.77
CA LYS A 42 1.58 -19.33 -2.49
C LYS A 42 1.94 -18.18 -3.43
N GLY A 43 3.21 -17.78 -3.41
CA GLY A 43 3.66 -16.70 -4.27
C GLY A 43 3.07 -16.78 -5.66
N LYS A 44 2.88 -18.00 -6.15
CA LYS A 44 2.32 -18.20 -7.49
C LYS A 44 0.81 -17.94 -7.49
N ASP A 45 0.15 -18.35 -6.41
CA ASP A 45 -1.29 -18.16 -6.29
C ASP A 45 -1.65 -16.68 -6.36
N VAL A 46 -0.83 -15.85 -5.72
CA VAL A 46 -1.07 -14.40 -5.71
C VAL A 46 -0.31 -13.72 -6.84
N VAL A 47 -0.87 -12.64 -7.35
CA VAL A 47 -0.26 -11.88 -8.43
C VAL A 47 -0.06 -10.42 -8.05
N VAL A 48 1.15 -10.09 -7.60
CA VAL A 48 1.46 -8.71 -7.21
C VAL A 48 2.52 -8.11 -8.13
N ASP A 49 2.07 -7.31 -9.09
CA ASP A 49 2.97 -6.66 -10.03
C ASP A 49 3.41 -5.29 -9.51
N ILE A 50 4.71 -5.15 -9.28
CA ILE A 50 5.26 -3.89 -8.79
C ILE A 50 6.04 -3.16 -9.87
N GLN A 51 5.55 -1.99 -10.26
CA GLN A 51 6.20 -1.20 -11.29
C GLN A 51 6.76 0.10 -10.71
N ARG A 52 7.33 0.94 -11.58
CA ARG A 52 7.90 2.21 -11.15
C ARG A 52 6.82 3.12 -10.57
N ARG A 53 5.79 3.38 -11.36
CA ARG A 53 4.70 4.24 -10.93
C ARG A 53 3.36 3.52 -11.04
N HIS A 54 3.38 2.22 -10.74
CA HIS A 54 2.16 1.41 -10.81
C HIS A 54 2.31 0.14 -9.97
N LEU A 55 1.22 -0.26 -9.32
CA LEU A 55 1.24 -1.46 -8.48
C LEU A 55 -0.10 -2.18 -8.55
N ARG A 56 -0.05 -3.51 -8.50
CA ARG A 56 -1.25 -4.32 -8.55
C ARG A 56 -1.18 -5.49 -7.56
N VAL A 57 -2.33 -5.85 -7.00
CA VAL A 57 -2.38 -6.94 -6.03
C VAL A 57 -3.70 -7.70 -6.15
N GLY A 58 -3.63 -9.02 -6.04
CA GLY A 58 -4.82 -9.85 -6.13
C GLY A 58 -4.53 -11.24 -6.63
N LEU A 59 -5.50 -12.13 -6.49
CA LEU A 59 -5.34 -13.52 -6.93
C LEU A 59 -5.44 -13.62 -8.45
N LYS A 60 -4.52 -14.38 -9.04
CA LYS A 60 -4.51 -14.57 -10.50
C LYS A 60 -5.94 -14.58 -11.06
N GLY A 61 -6.66 -15.67 -10.81
CA GLY A 61 -8.03 -15.77 -11.30
C GLY A 61 -9.01 -15.04 -10.42
N GLN A 62 -8.79 -13.73 -10.24
CA GLN A 62 -9.66 -12.92 -9.41
C GLN A 62 -9.36 -11.44 -9.58
N PRO A 63 -10.27 -10.58 -9.11
CA PRO A 63 -10.12 -9.12 -9.20
C PRO A 63 -9.00 -8.60 -8.30
N PRO A 64 -8.19 -7.67 -8.83
CA PRO A 64 -7.08 -7.07 -8.09
C PRO A 64 -7.56 -6.15 -6.98
N VAL A 65 -7.34 -6.57 -5.74
CA VAL A 65 -7.75 -5.79 -4.58
C VAL A 65 -7.15 -4.38 -4.63
N VAL A 66 -5.98 -4.27 -5.24
CA VAL A 66 -5.29 -2.99 -5.35
C VAL A 66 -4.92 -2.70 -6.81
N ASP A 67 -5.58 -1.70 -7.39
CA ASP A 67 -5.32 -1.31 -8.77
C ASP A 67 -5.43 0.19 -8.94
N GLY A 68 -4.30 0.85 -9.15
CA GLY A 68 -4.29 2.30 -9.33
C GLY A 68 -2.88 2.86 -9.45
N GLU A 69 -2.76 3.96 -10.18
CA GLU A 69 -1.45 4.60 -10.38
C GLU A 69 -0.88 5.07 -9.04
N LEU A 70 0.39 4.75 -8.81
CA LEU A 70 1.06 5.14 -7.57
C LEU A 70 1.19 6.66 -7.49
N TYR A 71 1.16 7.19 -6.27
CA TYR A 71 1.28 8.62 -6.05
C TYR A 71 2.56 9.17 -6.68
N ASN A 72 3.68 8.52 -6.37
CA ASN A 72 4.97 8.93 -6.91
C ASN A 72 5.79 7.72 -7.34
N GLU A 73 7.01 7.99 -7.82
CA GLU A 73 7.89 6.92 -8.27
C GLU A 73 8.43 6.12 -7.09
N VAL A 74 8.53 4.80 -7.26
CA VAL A 74 9.02 3.93 -6.20
C VAL A 74 10.03 2.92 -6.76
N LYS A 75 11.24 2.95 -6.22
CA LYS A 75 12.29 2.05 -6.66
C LYS A 75 11.75 0.63 -6.85
N VAL A 76 11.35 0.33 -8.09
CA VAL A 76 10.81 -0.99 -8.41
C VAL A 76 11.89 -2.06 -8.33
N GLU A 77 13.09 -1.72 -8.81
CA GLU A 77 14.21 -2.65 -8.79
C GLU A 77 14.52 -3.12 -7.38
N GLU A 78 14.09 -2.32 -6.40
CA GLU A 78 14.31 -2.64 -5.00
C GLU A 78 13.03 -3.11 -4.33
N SER A 79 11.91 -2.55 -4.76
CA SER A 79 10.61 -2.91 -4.20
C SER A 79 10.44 -4.43 -4.13
N SER A 80 9.59 -4.88 -3.23
CA SER A 80 9.35 -6.31 -3.05
C SER A 80 8.22 -6.55 -2.05
N TRP A 81 7.52 -7.67 -2.21
CA TRP A 81 6.42 -8.02 -1.31
C TRP A 81 6.64 -9.40 -0.70
N LEU A 82 5.79 -9.75 0.26
CA LEU A 82 5.89 -11.03 0.93
C LEU A 82 4.59 -11.39 1.64
N ILE A 83 4.25 -12.68 1.65
CA ILE A 83 3.03 -13.14 2.29
C ILE A 83 3.25 -13.39 3.78
N GLU A 84 2.60 -12.59 4.61
CA GLU A 84 2.72 -12.73 6.06
C GLU A 84 1.64 -13.66 6.61
N ASP A 85 2.05 -14.58 7.47
CA ASP A 85 1.11 -15.52 8.07
C ASP A 85 0.34 -16.29 6.99
N GLY A 86 0.94 -16.40 5.81
CA GLY A 86 0.30 -17.11 4.72
C GLY A 86 -1.15 -16.73 4.55
N LYS A 87 -1.52 -15.57 5.10
CA LYS A 87 -2.89 -15.09 5.00
C LYS A 87 -2.93 -13.63 4.56
N VAL A 88 -1.88 -12.89 4.89
CA VAL A 88 -1.78 -11.49 4.52
C VAL A 88 -0.67 -11.25 3.52
N VAL A 89 -0.87 -10.29 2.61
CA VAL A 89 0.11 -9.97 1.60
C VAL A 89 0.67 -8.56 1.79
N THR A 90 1.86 -8.47 2.35
CA THR A 90 2.51 -7.18 2.59
C THR A 90 3.45 -6.81 1.45
N VAL A 91 3.26 -5.62 0.90
CA VAL A 91 4.10 -5.15 -0.20
C VAL A 91 4.96 -3.96 0.24
N HIS A 92 6.27 -4.12 0.14
CA HIS A 92 7.20 -3.06 0.52
C HIS A 92 7.54 -2.18 -0.67
N LEU A 93 7.12 -0.93 -0.61
CA LEU A 93 7.38 0.02 -1.69
C LEU A 93 8.46 1.02 -1.29
N GLU A 94 9.58 1.00 -2.01
CA GLU A 94 10.69 1.90 -1.74
C GLU A 94 10.47 3.26 -2.40
N LYS A 95 10.52 4.32 -1.59
CA LYS A 95 10.32 5.67 -2.09
C LYS A 95 11.61 6.21 -2.71
N ILE A 96 11.59 6.42 -4.02
CA ILE A 96 12.75 6.94 -4.73
C ILE A 96 13.53 7.92 -3.85
N ASN A 97 12.82 8.72 -3.08
CA ASN A 97 13.44 9.70 -2.19
C ASN A 97 12.99 9.49 -0.75
N LYS A 98 13.95 9.36 0.16
CA LYS A 98 13.64 9.17 1.57
C LYS A 98 13.20 10.48 2.22
N MET A 99 13.43 11.58 1.51
CA MET A 99 13.04 12.90 2.02
C MET A 99 11.75 13.37 1.37
N GLU A 100 10.84 12.44 1.12
CA GLU A 100 9.56 12.76 0.50
C GLU A 100 8.42 12.04 1.21
N TRP A 101 7.27 12.71 1.28
CA TRP A 101 6.10 12.14 1.94
C TRP A 101 5.06 11.70 0.91
N TRP A 102 4.08 10.91 1.35
CA TRP A 102 3.03 10.44 0.47
C TRP A 102 1.66 10.87 0.97
N ASN A 103 0.79 11.24 0.04
CA ASN A 103 -0.56 11.69 0.38
C ASN A 103 -1.55 10.52 0.32
N ARG A 104 -1.17 9.47 -0.38
CA ARG A 104 -2.02 8.29 -0.52
C ARG A 104 -1.31 7.19 -1.29
N LEU A 105 -1.73 5.95 -1.06
CA LEU A 105 -1.13 4.79 -1.73
C LEU A 105 -1.28 4.90 -3.24
N VAL A 106 -2.53 4.85 -3.70
CA VAL A 106 -2.82 4.93 -5.13
C VAL A 106 -3.87 6.00 -5.41
N THR A 107 -3.80 6.60 -6.60
CA THR A 107 -4.74 7.64 -6.99
C THR A 107 -6.17 7.27 -6.58
N SER A 108 -6.44 5.97 -6.54
CA SER A 108 -7.76 5.49 -6.17
C SER A 108 -8.03 5.71 -4.68
N ASP A 109 -7.04 5.38 -3.86
CA ASP A 109 -7.17 5.55 -2.41
C ASP A 109 -7.42 7.01 -2.05
N PRO A 110 -8.03 7.24 -0.89
CA PRO A 110 -8.34 8.59 -0.39
C PRO A 110 -7.08 9.36 0.00
N GLU A 111 -7.17 10.69 -0.06
CA GLU A 111 -6.04 11.54 0.29
C GLU A 111 -6.06 11.89 1.78
N ILE A 112 -4.89 12.08 2.35
CA ILE A 112 -4.77 12.41 3.77
C ILE A 112 -3.86 13.62 3.97
N ASN A 113 -4.34 14.59 4.74
CA ASN A 113 -3.57 15.80 5.01
C ASN A 113 -2.14 15.46 5.40
N THR A 114 -1.18 15.96 4.62
CA THR A 114 0.23 15.70 4.88
C THR A 114 0.92 16.93 5.44
N LYS A 115 1.47 16.79 6.65
CA LYS A 115 2.15 17.90 7.31
C LYS A 115 3.49 17.44 7.89
N SER A 116 4.50 18.30 7.80
CA SER A 116 5.82 17.99 8.31
C SER A 116 6.51 19.24 8.86
N GLY A 117 6.60 19.32 10.18
CA GLY A 117 7.23 20.47 10.81
C GLY A 117 7.33 20.33 12.31
N PRO A 118 8.39 20.91 12.90
CA PRO A 118 8.62 20.85 14.34
C PRO A 118 7.61 21.69 15.12
N SER A 119 7.82 21.78 16.43
CA SER A 119 6.92 22.55 17.29
C SER A 119 7.11 24.04 17.07
N SER A 120 6.00 24.79 17.17
CA SER A 120 6.04 26.23 16.97
C SER A 120 4.84 26.91 17.62
N GLY A 121 4.99 28.18 17.96
CA GLY A 121 3.90 28.91 18.58
C GLY A 121 3.54 30.18 17.82
N GLY A 1 -19.33 0.33 17.14
CA GLY A 1 -18.69 0.19 15.85
C GLY A 1 -19.21 1.19 14.83
N SER A 2 -18.49 1.34 13.73
CA SER A 2 -18.88 2.28 12.68
C SER A 2 -18.45 1.77 11.32
N SER A 3 -19.21 2.14 10.28
CA SER A 3 -18.90 1.73 8.92
C SER A 3 -18.74 2.94 8.00
N GLY A 4 -17.55 3.54 8.04
CA GLY A 4 -17.28 4.70 7.21
C GLY A 4 -16.25 4.41 6.13
N SER A 5 -16.59 4.75 4.90
CA SER A 5 -15.69 4.52 3.77
C SER A 5 -14.36 5.24 3.97
N SER A 6 -14.43 6.54 4.26
CA SER A 6 -13.23 7.34 4.49
C SER A 6 -12.40 6.77 5.63
N GLY A 7 -11.12 6.58 5.38
CA GLY A 7 -10.24 6.03 6.41
C GLY A 7 -9.62 7.12 7.26
N LYS A 8 -8.94 6.71 8.33
CA LYS A 8 -8.29 7.66 9.23
C LYS A 8 -6.77 7.51 9.18
N PRO A 9 -6.07 8.61 9.49
CA PRO A 9 -4.60 8.62 9.50
C PRO A 9 -4.00 7.79 10.63
N ASN A 10 -3.16 6.83 10.27
CA ASN A 10 -2.52 5.97 11.26
C ASN A 10 -1.15 6.50 11.65
N LEU A 11 -0.47 5.78 12.54
CA LEU A 11 0.86 6.19 12.99
C LEU A 11 1.81 6.39 11.81
N GLY A 12 1.70 5.51 10.81
CA GLY A 12 2.55 5.61 9.64
C GLY A 12 2.01 6.59 8.62
N ASN A 13 1.42 7.68 9.11
CA ASN A 13 0.86 8.70 8.23
C ASN A 13 0.13 8.07 7.05
N GLY A 14 -0.43 6.89 7.27
CA GLY A 14 -1.16 6.20 6.22
C GLY A 14 -2.66 6.34 6.35
N ALA A 15 -3.38 5.31 5.93
CA ALA A 15 -4.84 5.33 6.01
C ALA A 15 -5.40 3.93 6.22
N ASP A 16 -6.14 3.74 7.30
CA ASP A 16 -6.73 2.45 7.62
C ASP A 16 -8.00 2.23 6.80
N LEU A 17 -7.93 1.30 5.85
CA LEU A 17 -9.07 0.99 5.00
C LEU A 17 -9.61 -0.41 5.31
N PRO A 18 -10.91 -0.60 5.09
CA PRO A 18 -11.58 -1.88 5.33
C PRO A 18 -11.16 -2.95 4.32
N ASN A 19 -10.63 -2.51 3.18
CA ASN A 19 -10.19 -3.43 2.14
C ASN A 19 -8.73 -3.81 2.34
N TYR A 20 -7.95 -2.89 2.87
CA TYR A 20 -6.53 -3.13 3.11
C TYR A 20 -5.89 -1.96 3.85
N ARG A 21 -4.83 -2.24 4.59
CA ARG A 21 -4.13 -1.22 5.35
C ARG A 21 -2.75 -0.93 4.74
N TRP A 22 -2.40 0.34 4.63
CA TRP A 22 -1.12 0.75 4.08
C TRP A 22 -0.56 1.96 4.81
N THR A 23 0.74 1.92 5.09
CA THR A 23 1.41 3.02 5.79
C THR A 23 2.55 3.58 4.97
N GLN A 24 2.79 4.88 5.11
CA GLN A 24 3.86 5.55 4.38
C GLN A 24 4.81 6.26 5.33
N THR A 25 6.11 5.98 5.20
CA THR A 25 7.11 6.59 6.04
C THR A 25 8.20 7.28 5.21
N LEU A 26 8.69 8.41 5.70
CA LEU A 26 9.73 9.15 5.01
C LEU A 26 10.72 8.21 4.34
N ALA A 27 10.89 7.02 4.90
CA ALA A 27 11.79 6.03 4.35
C ALA A 27 11.16 5.30 3.17
N GLU A 28 10.13 4.50 3.46
CA GLU A 28 9.45 3.75 2.42
C GLU A 28 7.99 3.52 2.79
N LEU A 29 7.24 2.88 1.89
CA LEU A 29 5.82 2.61 2.12
C LEU A 29 5.58 1.11 2.31
N ASP A 30 4.70 0.78 3.24
CA ASP A 30 4.38 -0.62 3.51
C ASP A 30 2.88 -0.87 3.37
N LEU A 31 2.52 -1.72 2.41
CA LEU A 31 1.12 -2.05 2.17
C LEU A 31 0.78 -3.44 2.70
N ALA A 32 -0.46 -3.61 3.14
CA ALA A 32 -0.90 -4.90 3.67
C ALA A 32 -2.34 -5.18 3.26
N VAL A 33 -2.52 -6.19 2.42
CA VAL A 33 -3.85 -6.58 1.95
C VAL A 33 -4.29 -7.90 2.55
N PRO A 34 -5.19 -7.84 3.54
CA PRO A 34 -5.71 -9.02 4.22
C PRO A 34 -6.62 -9.86 3.32
N PHE A 35 -6.26 -11.12 3.12
CA PHE A 35 -7.05 -12.02 2.29
C PHE A 35 -7.80 -13.04 3.14
N ARG A 36 -9.12 -12.93 3.17
CA ARG A 36 -9.94 -13.84 3.95
C ARG A 36 -9.78 -15.27 3.46
N VAL A 37 -8.66 -15.89 3.84
CA VAL A 37 -8.38 -17.27 3.44
C VAL A 37 -8.14 -18.15 4.65
N SER A 38 -8.48 -19.43 4.53
CA SER A 38 -8.32 -20.38 5.62
C SER A 38 -7.20 -21.37 5.30
N PHE A 39 -6.26 -20.94 4.47
CA PHE A 39 -5.12 -21.79 4.09
C PHE A 39 -3.87 -20.96 3.89
N ARG A 40 -2.80 -21.61 3.47
CA ARG A 40 -1.53 -20.94 3.24
C ARG A 40 -1.42 -20.47 1.79
N LEU A 41 -1.10 -19.19 1.61
CA LEU A 41 -0.97 -18.61 0.28
C LEU A 41 0.42 -18.86 -0.28
N LYS A 42 0.52 -18.96 -1.60
CA LYS A 42 1.80 -19.18 -2.27
C LYS A 42 2.10 -18.07 -3.28
N GLY A 43 3.36 -17.65 -3.33
CA GLY A 43 3.75 -16.61 -4.26
C GLY A 43 3.06 -16.73 -5.61
N LYS A 44 2.91 -17.97 -6.07
CA LYS A 44 2.27 -18.24 -7.36
C LYS A 44 0.76 -18.07 -7.25
N ASP A 45 0.20 -18.47 -6.12
CA ASP A 45 -1.24 -18.35 -5.89
C ASP A 45 -1.69 -16.91 -5.97
N VAL A 46 -0.87 -16.00 -5.45
CA VAL A 46 -1.19 -14.58 -5.47
C VAL A 46 -0.53 -13.88 -6.65
N VAL A 47 -1.14 -12.80 -7.12
CA VAL A 47 -0.62 -12.04 -8.25
C VAL A 47 -0.31 -10.60 -7.85
N VAL A 48 0.98 -10.26 -7.84
CA VAL A 48 1.40 -8.92 -7.48
C VAL A 48 2.38 -8.35 -8.51
N ASP A 49 1.99 -7.23 -9.12
CA ASP A 49 2.84 -6.59 -10.13
C ASP A 49 3.29 -5.20 -9.66
N ILE A 50 4.55 -5.11 -9.24
CA ILE A 50 5.10 -3.85 -8.78
C ILE A 50 5.79 -3.09 -9.90
N GLN A 51 5.47 -1.80 -10.03
CA GLN A 51 6.06 -0.97 -11.07
C GLN A 51 6.65 0.30 -10.48
N ARG A 52 7.25 1.13 -11.32
CA ARG A 52 7.86 2.38 -10.88
C ARG A 52 6.80 3.31 -10.30
N ARG A 53 5.74 3.54 -11.07
CA ARG A 53 4.65 4.42 -10.63
C ARG A 53 3.31 3.70 -10.69
N HIS A 54 3.33 2.41 -10.39
CA HIS A 54 2.12 1.60 -10.41
C HIS A 54 2.29 0.31 -9.63
N LEU A 55 1.21 -0.18 -9.05
CA LEU A 55 1.25 -1.41 -8.26
C LEU A 55 -0.05 -2.19 -8.40
N ARG A 56 0.05 -3.51 -8.34
CA ARG A 56 -1.12 -4.38 -8.46
C ARG A 56 -1.05 -5.54 -7.48
N VAL A 57 -2.17 -5.83 -6.82
CA VAL A 57 -2.23 -6.92 -5.86
C VAL A 57 -3.53 -7.70 -5.97
N GLY A 58 -3.44 -9.01 -5.90
CA GLY A 58 -4.63 -9.85 -6.00
C GLY A 58 -4.31 -11.33 -5.99
N LEU A 59 -5.20 -12.13 -6.54
CA LEU A 59 -5.00 -13.58 -6.59
C LEU A 59 -5.22 -14.11 -8.00
N LYS A 60 -4.45 -15.14 -8.35
CA LYS A 60 -4.55 -15.75 -9.68
C LYS A 60 -5.99 -15.71 -10.19
N GLY A 61 -6.85 -16.54 -9.61
CA GLY A 61 -8.24 -16.59 -10.01
C GLY A 61 -9.09 -15.55 -9.29
N GLN A 62 -8.74 -14.28 -9.47
CA GLN A 62 -9.47 -13.20 -8.83
C GLN A 62 -8.90 -11.83 -9.24
N PRO A 63 -9.75 -10.80 -9.16
CA PRO A 63 -9.35 -9.43 -9.52
C PRO A 63 -8.36 -8.83 -8.53
N PRO A 64 -7.57 -7.87 -9.01
CA PRO A 64 -6.56 -7.19 -8.19
C PRO A 64 -7.18 -6.28 -7.13
N VAL A 65 -7.07 -6.67 -5.87
CA VAL A 65 -7.62 -5.90 -4.78
C VAL A 65 -7.12 -4.46 -4.81
N VAL A 66 -5.84 -4.29 -5.16
CA VAL A 66 -5.24 -2.97 -5.24
C VAL A 66 -4.78 -2.65 -6.65
N ASP A 67 -5.47 -1.73 -7.29
CA ASP A 67 -5.15 -1.33 -8.66
C ASP A 67 -5.29 0.19 -8.84
N GLY A 68 -4.16 0.86 -9.02
CA GLY A 68 -4.17 2.30 -9.20
C GLY A 68 -2.77 2.89 -9.26
N GLU A 69 -2.64 4.01 -9.97
CA GLU A 69 -1.35 4.67 -10.11
C GLU A 69 -0.84 5.15 -8.74
N LEU A 70 0.44 4.88 -8.47
CA LEU A 70 1.04 5.27 -7.21
C LEU A 70 1.22 6.79 -7.15
N TYR A 71 1.08 7.34 -5.95
CA TYR A 71 1.22 8.78 -5.75
C TYR A 71 2.50 9.29 -6.38
N ASN A 72 3.62 8.67 -6.03
CA ASN A 72 4.92 9.06 -6.57
C ASN A 72 5.70 7.85 -7.08
N GLU A 73 6.94 8.07 -7.50
CA GLU A 73 7.77 7.00 -8.01
C GLU A 73 8.36 6.18 -6.86
N VAL A 74 8.46 4.87 -7.07
CA VAL A 74 9.00 3.98 -6.05
C VAL A 74 9.98 2.98 -6.66
N LYS A 75 11.20 2.96 -6.15
CA LYS A 75 12.23 2.06 -6.64
C LYS A 75 11.68 0.66 -6.83
N VAL A 76 11.26 0.35 -8.06
CA VAL A 76 10.71 -0.96 -8.38
C VAL A 76 11.81 -2.03 -8.39
N GLU A 77 12.96 -1.67 -8.94
CA GLU A 77 14.08 -2.60 -9.03
C GLU A 77 14.47 -3.11 -7.64
N GLU A 78 14.07 -2.36 -6.61
CA GLU A 78 14.38 -2.74 -5.24
C GLU A 78 13.12 -3.23 -4.52
N SER A 79 12.00 -2.58 -4.78
CA SER A 79 10.73 -2.94 -4.16
C SER A 79 10.51 -4.45 -4.24
N SER A 80 9.76 -4.97 -3.27
CA SER A 80 9.47 -6.40 -3.22
C SER A 80 8.37 -6.69 -2.20
N TRP A 81 7.56 -7.71 -2.50
CA TRP A 81 6.47 -8.09 -1.61
C TRP A 81 6.73 -9.46 -0.99
N LEU A 82 5.90 -9.84 -0.02
CA LEU A 82 6.05 -11.11 0.67
C LEU A 82 4.74 -11.53 1.33
N ILE A 83 4.45 -12.83 1.30
CA ILE A 83 3.23 -13.35 1.90
C ILE A 83 3.36 -13.47 3.42
N GLU A 84 2.40 -12.90 4.13
CA GLU A 84 2.42 -12.93 5.59
C GLU A 84 1.35 -13.89 6.12
N ASP A 85 1.78 -14.84 6.93
CA ASP A 85 0.87 -15.83 7.51
C ASP A 85 -0.04 -16.42 6.44
N GLY A 86 0.47 -16.49 5.21
CA GLY A 86 -0.32 -17.03 4.12
C GLY A 86 -1.75 -16.54 4.14
N LYS A 87 -1.96 -15.35 4.68
CA LYS A 87 -3.30 -14.77 4.76
C LYS A 87 -3.29 -13.33 4.26
N VAL A 88 -2.15 -12.67 4.40
CA VAL A 88 -2.01 -11.28 3.95
C VAL A 88 -0.86 -11.13 2.97
N VAL A 89 -0.99 -10.18 2.05
CA VAL A 89 0.04 -9.93 1.05
C VAL A 89 0.67 -8.56 1.24
N THR A 90 1.84 -8.52 1.87
CA THR A 90 2.54 -7.28 2.11
C THR A 90 3.45 -6.91 0.94
N VAL A 91 3.48 -5.63 0.59
CA VAL A 91 4.30 -5.16 -0.52
C VAL A 91 5.15 -3.98 -0.10
N HIS A 92 6.47 -4.18 -0.02
CA HIS A 92 7.38 -3.12 0.37
C HIS A 92 7.70 -2.21 -0.82
N LEU A 93 7.31 -0.94 -0.69
CA LEU A 93 7.56 0.03 -1.76
C LEU A 93 8.61 1.05 -1.33
N GLU A 94 9.74 1.06 -2.03
CA GLU A 94 10.82 1.99 -1.72
C GLU A 94 10.56 3.35 -2.38
N LYS A 95 10.56 4.40 -1.55
CA LYS A 95 10.33 5.75 -2.04
C LYS A 95 11.59 6.33 -2.66
N ILE A 96 11.56 6.51 -3.98
CA ILE A 96 12.72 7.06 -4.70
C ILE A 96 13.46 8.08 -3.85
N ASN A 97 12.71 8.85 -3.07
CA ASN A 97 13.30 9.87 -2.21
C ASN A 97 12.86 9.68 -0.76
N LYS A 98 13.82 9.49 0.14
CA LYS A 98 13.54 9.30 1.55
C LYS A 98 13.11 10.61 2.20
N MET A 99 13.41 11.72 1.54
CA MET A 99 13.06 13.04 2.04
C MET A 99 11.76 13.54 1.43
N GLU A 100 10.86 12.60 1.12
CA GLU A 100 9.58 12.95 0.52
C GLU A 100 8.45 12.18 1.18
N TRP A 101 7.30 12.84 1.35
CA TRP A 101 6.14 12.22 1.98
C TRP A 101 5.13 11.78 0.91
N TRP A 102 4.08 11.09 1.35
CA TRP A 102 3.04 10.62 0.45
C TRP A 102 1.67 11.09 0.90
N ASN A 103 0.78 11.33 -0.05
CA ASN A 103 -0.58 11.78 0.26
C ASN A 103 -1.55 10.61 0.29
N ARG A 104 -1.17 9.51 -0.37
CA ARG A 104 -2.00 8.32 -0.41
C ARG A 104 -1.28 7.18 -1.12
N LEU A 105 -1.80 5.96 -0.96
CA LEU A 105 -1.21 4.78 -1.57
C LEU A 105 -1.33 4.84 -3.10
N VAL A 106 -2.56 4.97 -3.58
CA VAL A 106 -2.83 5.03 -5.01
C VAL A 106 -3.86 6.10 -5.33
N THR A 107 -3.76 6.66 -6.53
CA THR A 107 -4.69 7.70 -6.96
C THR A 107 -6.13 7.31 -6.65
N SER A 108 -6.46 6.04 -6.87
CA SER A 108 -7.80 5.54 -6.62
C SER A 108 -8.18 5.71 -5.15
N ASP A 109 -7.19 5.61 -4.28
CA ASP A 109 -7.41 5.76 -2.85
C ASP A 109 -7.59 7.23 -2.47
N PRO A 110 -8.18 7.48 -1.28
CA PRO A 110 -8.42 8.83 -0.78
C PRO A 110 -7.13 9.54 -0.40
N GLU A 111 -7.23 10.84 -0.15
CA GLU A 111 -6.07 11.64 0.23
C GLU A 111 -6.08 11.95 1.72
N ILE A 112 -4.90 12.01 2.32
CA ILE A 112 -4.78 12.31 3.75
C ILE A 112 -3.87 13.51 3.99
N ASN A 113 -4.31 14.42 4.85
CA ASN A 113 -3.54 15.61 5.17
C ASN A 113 -2.14 15.24 5.66
N THR A 114 -1.12 15.74 4.96
CA THR A 114 0.26 15.47 5.31
C THR A 114 0.85 16.59 6.17
N LYS A 115 1.86 16.26 6.96
CA LYS A 115 2.52 17.23 7.82
C LYS A 115 4.03 17.13 7.71
N SER A 116 4.69 18.29 7.72
CA SER A 116 6.15 18.33 7.62
C SER A 116 6.73 19.33 8.61
N GLY A 117 7.64 18.85 9.47
CA GLY A 117 8.25 19.71 10.45
C GLY A 117 9.74 19.86 10.25
N PRO A 118 10.13 20.70 9.27
CA PRO A 118 11.53 20.94 8.95
C PRO A 118 12.26 21.73 10.05
N SER A 119 11.50 22.14 11.06
CA SER A 119 12.07 22.91 12.16
C SER A 119 13.31 22.22 12.72
N SER A 120 14.48 22.77 12.42
CA SER A 120 15.74 22.21 12.88
C SER A 120 16.54 23.24 13.66
N GLY A 121 17.61 22.79 14.32
CA GLY A 121 18.44 23.68 15.09
C GLY A 121 17.63 24.52 16.07
#